data_3H7Q
# 
_entry.id   3H7Q 
# 
_audit_conform.dict_name       mmcif_pdbx.dic 
_audit_conform.dict_version    5.380 
_audit_conform.dict_location   http://mmcif.pdb.org/dictionaries/ascii/mmcif_pdbx.dic 
# 
loop_
_database_2.database_id 
_database_2.database_code 
_database_2.pdbx_database_accession 
_database_2.pdbx_DOI 
PDB   3H7Q         pdb_00003h7q 10.2210/pdb3h7q/pdb 
RCSB  RCSB052797   ?            ?                   
WWPDB D_1000052797 ?            ?                   
# 
_pdbx_database_related.db_name        PDB 
_pdbx_database_related.db_id          3GWM 
_pdbx_database_related.details        'the same protein from Mycobacterium smegmatis' 
_pdbx_database_related.content_type   unspecified 
# 
_pdbx_database_status.entry_id                        3H7Q 
_pdbx_database_status.deposit_site                    RCSB 
_pdbx_database_status.process_site                    PDBJ 
_pdbx_database_status.recvd_initial_deposition_date   2009-04-28 
_pdbx_database_status.status_code                     REL 
_pdbx_database_status.status_code_sf                  REL 
_pdbx_database_status.status_code_mr                  ? 
_pdbx_database_status.SG_entry                        ? 
_pdbx_database_status.pdb_format_compatible           Y 
_pdbx_database_status.status_code_cs                  ? 
_pdbx_database_status.status_code_nmr_data            ? 
_pdbx_database_status.methods_development_category    ? 
# 
loop_
_audit_author.name 
_audit_author.pdbx_ordinal 
'Poulsen, C.'  1 
'Wilmanns, M.' 2 
'Song, Y.H.'   3 
# 
_citation.id                        primary 
_citation.title                     'Structure of the holo-[Acyl-Carrier-Protein] Synthase (ACPS) from Mycobacterium' 
_citation.journal_abbrev            'To be Published' 
_citation.journal_volume            ? 
_citation.page_first                ? 
_citation.page_last                 ? 
_citation.year                      ? 
_citation.journal_id_ASTM           ? 
_citation.country                   ? 
_citation.journal_id_ISSN           ? 
_citation.journal_id_CSD            0353 
_citation.book_publisher            ? 
_citation.pdbx_database_id_PubMed   ? 
_citation.pdbx_database_id_DOI      ? 
# 
loop_
_citation_author.citation_id 
_citation_author.name 
_citation_author.ordinal 
_citation_author.identifier_ORCID 
primary 'Poulsen, C.'  1 ? 
primary 'Wilmanns, M.' 2 ? 
primary 'Song, Y.H.'   3 ? 
# 
_cell.length_a           68.810 
_cell.length_b           68.810 
_cell.length_c           86.840 
_cell.angle_alpha        90.000 
_cell.angle_beta         90.000 
_cell.angle_gamma        120.000 
_cell.entry_id           3H7Q 
_cell.pdbx_unique_axis   ? 
_cell.Z_PDB              9 
_cell.length_a_esd       ? 
_cell.length_b_esd       ? 
_cell.length_c_esd       ? 
_cell.angle_alpha_esd    ? 
_cell.angle_beta_esd     ? 
_cell.angle_gamma_esd    ? 
# 
_symmetry.space_group_name_H-M             'H 3' 
_symmetry.entry_id                         3H7Q 
_symmetry.Int_Tables_number                146 
_symmetry.pdbx_full_space_group_name_H-M   ? 
_symmetry.cell_setting                     ? 
_symmetry.space_group_name_Hall            ? 
# 
loop_
_entity.id 
_entity.type 
_entity.src_method 
_entity.pdbx_description 
_entity.formula_weight 
_entity.pdbx_number_of_molecules 
_entity.pdbx_ec 
_entity.pdbx_mutation 
_entity.pdbx_fragment 
_entity.details 
1 polymer     man 'Holo-[acyl-carrier-protein] synthase' 14147.888 1  2.7.8.7 ? ? ? 
2 non-polymer syn BICINE                                 163.172   1  ?       ? ? ? 
3 water       nat water                                  18.015    47 ?       ? ? ? 
# 
_entity_name_com.entity_id   1 
_entity_name_com.name        
;4'-phosphopantetheinyl transferase acpS, Holo-ACP synthase
;
# 
_entity_poly.entity_id                      1 
_entity_poly.type                           'polypeptide(L)' 
_entity_poly.nstd_linkage                   no 
_entity_poly.nstd_monomer                   no 
_entity_poly.pdbx_seq_one_letter_code       
;GAMGIVGVGIDLVSIPDFAEQVDQPGTVFAETFTPGERRDASDKSSSAARHLAARWAAKEAVIKAWSGSRFAQRPVLPED
IHRDIEVVTDMWGRPRVRLTGAIAEYLADVTIHVSLTHEGDTAAAVAILEAP
;
_entity_poly.pdbx_seq_one_letter_code_can   
;GAMGIVGVGIDLVSIPDFAEQVDQPGTVFAETFTPGERRDASDKSSSAARHLAARWAAKEAVIKAWSGSRFAQRPVLPED
IHRDIEVVTDMWGRPRVRLTGAIAEYLADVTIHVSLTHEGDTAAAVAILEAP
;
_entity_poly.pdbx_strand_id                 A 
_entity_poly.pdbx_target_identifier         ? 
# 
loop_
_entity_poly_seq.entity_id 
_entity_poly_seq.num 
_entity_poly_seq.mon_id 
_entity_poly_seq.hetero 
1 1   GLY n 
1 2   ALA n 
1 3   MET n 
1 4   GLY n 
1 5   ILE n 
1 6   VAL n 
1 7   GLY n 
1 8   VAL n 
1 9   GLY n 
1 10  ILE n 
1 11  ASP n 
1 12  LEU n 
1 13  VAL n 
1 14  SER n 
1 15  ILE n 
1 16  PRO n 
1 17  ASP n 
1 18  PHE n 
1 19  ALA n 
1 20  GLU n 
1 21  GLN n 
1 22  VAL n 
1 23  ASP n 
1 24  GLN n 
1 25  PRO n 
1 26  GLY n 
1 27  THR n 
1 28  VAL n 
1 29  PHE n 
1 30  ALA n 
1 31  GLU n 
1 32  THR n 
1 33  PHE n 
1 34  THR n 
1 35  PRO n 
1 36  GLY n 
1 37  GLU n 
1 38  ARG n 
1 39  ARG n 
1 40  ASP n 
1 41  ALA n 
1 42  SER n 
1 43  ASP n 
1 44  LYS n 
1 45  SER n 
1 46  SER n 
1 47  SER n 
1 48  ALA n 
1 49  ALA n 
1 50  ARG n 
1 51  HIS n 
1 52  LEU n 
1 53  ALA n 
1 54  ALA n 
1 55  ARG n 
1 56  TRP n 
1 57  ALA n 
1 58  ALA n 
1 59  LYS n 
1 60  GLU n 
1 61  ALA n 
1 62  VAL n 
1 63  ILE n 
1 64  LYS n 
1 65  ALA n 
1 66  TRP n 
1 67  SER n 
1 68  GLY n 
1 69  SER n 
1 70  ARG n 
1 71  PHE n 
1 72  ALA n 
1 73  GLN n 
1 74  ARG n 
1 75  PRO n 
1 76  VAL n 
1 77  LEU n 
1 78  PRO n 
1 79  GLU n 
1 80  ASP n 
1 81  ILE n 
1 82  HIS n 
1 83  ARG n 
1 84  ASP n 
1 85  ILE n 
1 86  GLU n 
1 87  VAL n 
1 88  VAL n 
1 89  THR n 
1 90  ASP n 
1 91  MET n 
1 92  TRP n 
1 93  GLY n 
1 94  ARG n 
1 95  PRO n 
1 96  ARG n 
1 97  VAL n 
1 98  ARG n 
1 99  LEU n 
1 100 THR n 
1 101 GLY n 
1 102 ALA n 
1 103 ILE n 
1 104 ALA n 
1 105 GLU n 
1 106 TYR n 
1 107 LEU n 
1 108 ALA n 
1 109 ASP n 
1 110 VAL n 
1 111 THR n 
1 112 ILE n 
1 113 HIS n 
1 114 VAL n 
1 115 SER n 
1 116 LEU n 
1 117 THR n 
1 118 HIS n 
1 119 GLU n 
1 120 GLY n 
1 121 ASP n 
1 122 THR n 
1 123 ALA n 
1 124 ALA n 
1 125 ALA n 
1 126 VAL n 
1 127 ALA n 
1 128 ILE n 
1 129 LEU n 
1 130 GLU n 
1 131 ALA n 
1 132 PRO n 
# 
_entity_src_gen.entity_id                          1 
_entity_src_gen.pdbx_src_id                        1 
_entity_src_gen.pdbx_alt_source_flag               sample 
_entity_src_gen.pdbx_seq_type                      ? 
_entity_src_gen.pdbx_beg_seq_num                   ? 
_entity_src_gen.pdbx_end_seq_num                   ? 
_entity_src_gen.gene_src_common_name               ? 
_entity_src_gen.gene_src_genus                     ? 
_entity_src_gen.pdbx_gene_src_gene                 Rv2523c 
_entity_src_gen.gene_src_species                   ? 
_entity_src_gen.gene_src_strain                    H37Rv 
_entity_src_gen.gene_src_tissue                    ? 
_entity_src_gen.gene_src_tissue_fraction           ? 
_entity_src_gen.gene_src_details                   ? 
_entity_src_gen.pdbx_gene_src_fragment             ? 
_entity_src_gen.pdbx_gene_src_scientific_name      'Mycobacterium tuberculosis' 
_entity_src_gen.pdbx_gene_src_ncbi_taxonomy_id     1773 
_entity_src_gen.pdbx_gene_src_variant              ? 
_entity_src_gen.pdbx_gene_src_cell_line            ? 
_entity_src_gen.pdbx_gene_src_atcc                 ? 
_entity_src_gen.pdbx_gene_src_organ                ? 
_entity_src_gen.pdbx_gene_src_organelle            ? 
_entity_src_gen.pdbx_gene_src_cell                 ? 
_entity_src_gen.pdbx_gene_src_cellular_location    ? 
_entity_src_gen.host_org_common_name               ? 
_entity_src_gen.pdbx_host_org_scientific_name      'Escherichia coli' 
_entity_src_gen.pdbx_host_org_ncbi_taxonomy_id     562 
_entity_src_gen.host_org_genus                     ? 
_entity_src_gen.pdbx_host_org_gene                 ? 
_entity_src_gen.pdbx_host_org_organ                ? 
_entity_src_gen.host_org_species                   ? 
_entity_src_gen.pdbx_host_org_tissue               ? 
_entity_src_gen.pdbx_host_org_tissue_fraction      ? 
_entity_src_gen.pdbx_host_org_strain               'BL21(DE3)RP' 
_entity_src_gen.pdbx_host_org_variant              ? 
_entity_src_gen.pdbx_host_org_cell_line            ? 
_entity_src_gen.pdbx_host_org_atcc                 ? 
_entity_src_gen.pdbx_host_org_culture_collection   ? 
_entity_src_gen.pdbx_host_org_cell                 ? 
_entity_src_gen.pdbx_host_org_organelle            ? 
_entity_src_gen.pdbx_host_org_cellular_location    ? 
_entity_src_gen.pdbx_host_org_vector_type          Plasmid 
_entity_src_gen.pdbx_host_org_vector               ? 
_entity_src_gen.host_org_details                   ? 
_entity_src_gen.expression_system_id               ? 
_entity_src_gen.plasmid_name                       pETM-11 
_entity_src_gen.plasmid_details                    ? 
_entity_src_gen.pdbx_description                   ? 
# 
_struct_ref.id                         1 
_struct_ref.db_name                    UNP 
_struct_ref.db_code                    ACPS_MYCTU 
_struct_ref.pdbx_db_accession          P0A4W8 
_struct_ref.entity_id                  1 
_struct_ref.pdbx_seq_one_letter_code   
;MGIVGVGIDLVSIPDFAEQVDQPGTVFAETFTPGERRDASDKSSSAARHLAARWAAKEAVIKAWSGSRFAQRPVLPEDIH
RDIEVVTDMWGRPRVRLTGAIAEYLADVTIHVSLTHEGDTAAAVAILEAP
;
_struct_ref.pdbx_align_begin           1 
_struct_ref.pdbx_db_isoform            ? 
# 
_struct_ref_seq.align_id                      1 
_struct_ref_seq.ref_id                        1 
_struct_ref_seq.pdbx_PDB_id_code              3H7Q 
_struct_ref_seq.pdbx_strand_id                A 
_struct_ref_seq.seq_align_beg                 3 
_struct_ref_seq.pdbx_seq_align_beg_ins_code   ? 
_struct_ref_seq.seq_align_end                 132 
_struct_ref_seq.pdbx_seq_align_end_ins_code   ? 
_struct_ref_seq.pdbx_db_accession             P0A4W8 
_struct_ref_seq.db_align_beg                  1 
_struct_ref_seq.pdbx_db_align_beg_ins_code    ? 
_struct_ref_seq.db_align_end                  130 
_struct_ref_seq.pdbx_db_align_end_ins_code    ? 
_struct_ref_seq.pdbx_auth_seq_align_beg       1 
_struct_ref_seq.pdbx_auth_seq_align_end       130 
# 
loop_
_struct_ref_seq_dif.align_id 
_struct_ref_seq_dif.pdbx_pdb_id_code 
_struct_ref_seq_dif.mon_id 
_struct_ref_seq_dif.pdbx_pdb_strand_id 
_struct_ref_seq_dif.seq_num 
_struct_ref_seq_dif.pdbx_pdb_ins_code 
_struct_ref_seq_dif.pdbx_seq_db_name 
_struct_ref_seq_dif.pdbx_seq_db_accession_code 
_struct_ref_seq_dif.db_mon_id 
_struct_ref_seq_dif.pdbx_seq_db_seq_num 
_struct_ref_seq_dif.details 
_struct_ref_seq_dif.pdbx_auth_seq_num 
_struct_ref_seq_dif.pdbx_ordinal 
1 3H7Q GLY A 1 ? UNP P0A4W8 ? ? 'expression tag' -1 1 
1 3H7Q ALA A 2 ? UNP P0A4W8 ? ? 'expression tag' 0  2 
# 
loop_
_chem_comp.id 
_chem_comp.type 
_chem_comp.mon_nstd_flag 
_chem_comp.name 
_chem_comp.pdbx_synonyms 
_chem_comp.formula 
_chem_comp.formula_weight 
ALA 'L-peptide linking' y ALANINE         ? 'C3 H7 N O2'     89.093  
ARG 'L-peptide linking' y ARGININE        ? 'C6 H15 N4 O2 1' 175.209 
ASP 'L-peptide linking' y 'ASPARTIC ACID' ? 'C4 H7 N O4'     133.103 
BCN non-polymer         . BICINE          ? 'C6 H13 N O4'    163.172 
GLN 'L-peptide linking' y GLUTAMINE       ? 'C5 H10 N2 O3'   146.144 
GLU 'L-peptide linking' y 'GLUTAMIC ACID' ? 'C5 H9 N O4'     147.129 
GLY 'peptide linking'   y GLYCINE         ? 'C2 H5 N O2'     75.067  
HIS 'L-peptide linking' y HISTIDINE       ? 'C6 H10 N3 O2 1' 156.162 
HOH non-polymer         . WATER           ? 'H2 O'           18.015  
ILE 'L-peptide linking' y ISOLEUCINE      ? 'C6 H13 N O2'    131.173 
LEU 'L-peptide linking' y LEUCINE         ? 'C6 H13 N O2'    131.173 
LYS 'L-peptide linking' y LYSINE          ? 'C6 H15 N2 O2 1' 147.195 
MET 'L-peptide linking' y METHIONINE      ? 'C5 H11 N O2 S'  149.211 
PHE 'L-peptide linking' y PHENYLALANINE   ? 'C9 H11 N O2'    165.189 
PRO 'L-peptide linking' y PROLINE         ? 'C5 H9 N O2'     115.130 
SER 'L-peptide linking' y SERINE          ? 'C3 H7 N O3'     105.093 
THR 'L-peptide linking' y THREONINE       ? 'C4 H9 N O3'     119.119 
TRP 'L-peptide linking' y TRYPTOPHAN      ? 'C11 H12 N2 O2'  204.225 
TYR 'L-peptide linking' y TYROSINE        ? 'C9 H11 N O3'    181.189 
VAL 'L-peptide linking' y VALINE          ? 'C5 H11 N O2'    117.146 
# 
_exptl.crystals_number   1 
_exptl.entry_id          3H7Q 
_exptl.method            'X-RAY DIFFRACTION' 
# 
_exptl_crystal.id                    1 
_exptl_crystal.pdbx_mosaicity        ? 
_exptl_crystal.pdbx_mosaicity_esd    ? 
_exptl_crystal.density_Matthews      2.80 
_exptl_crystal.density_diffrn        ? 
_exptl_crystal.density_meas          ? 
_exptl_crystal.density_meas_temp     ? 
_exptl_crystal.density_percent_sol   56.02 
_exptl_crystal.size_max              ? 
_exptl_crystal.size_mid              ? 
_exptl_crystal.size_min              ? 
_exptl_crystal.size_rad              ? 
_exptl_crystal.description           ? 
_exptl_crystal.F_000                 ? 
_exptl_crystal.preparation           ? 
# 
_exptl_crystal_grow.crystal_id      1 
_exptl_crystal_grow.method          'VAPOR DIFFUSION' 
_exptl_crystal_grow.pH              9.0 
_exptl_crystal_grow.temp            297 
_exptl_crystal_grow.temp_details    ? 
_exptl_crystal_grow.pdbx_details    
'90mM bicine pH 9.0, 17%(v/v) PEG MME 550, 15%(v/v) glycerol, 90mM NaCl, VAPOR DIFFUSION, temperature 297K' 
_exptl_crystal_grow.pdbx_pH_range   . 
# 
_diffrn.id                     1 
_diffrn.ambient_temp           100 
_diffrn.ambient_temp_details   ? 
_diffrn.crystal_id             1 
# 
_diffrn_detector.diffrn_id              1 
_diffrn_detector.detector               CCD 
_diffrn_detector.type                   'MARMOSAIC 225 mm CCD' 
_diffrn_detector.pdbx_collection_date   2009-04-20 
_diffrn_detector.details                ? 
# 
_diffrn_radiation.diffrn_id                        1 
_diffrn_radiation.wavelength_id                    1 
_diffrn_radiation.pdbx_diffrn_protocol             'SINGLE WAVELENGTH' 
_diffrn_radiation.monochromator                    ? 
_diffrn_radiation.pdbx_monochromatic_or_laue_m_l   M 
_diffrn_radiation.pdbx_scattering_type             x-ray 
# 
_diffrn_radiation_wavelength.id           1 
_diffrn_radiation_wavelength.wavelength   0.8726 
_diffrn_radiation_wavelength.wt           1.0 
# 
_diffrn_source.diffrn_id                   1 
_diffrn_source.source                      SYNCHROTRON 
_diffrn_source.type                        'ESRF BEAMLINE ID23-2' 
_diffrn_source.pdbx_wavelength             ? 
_diffrn_source.pdbx_wavelength_list        0.8726 
_diffrn_source.pdbx_synchrotron_site       ESRF 
_diffrn_source.pdbx_synchrotron_beamline   ID23-2 
# 
_reflns.entry_id                     3H7Q 
_reflns.d_resolution_high            2.250 
_reflns.number_obs                   7176 
_reflns.pdbx_Rmerge_I_obs            0.064 
_reflns.percent_possible_obs         98.500 
_reflns.B_iso_Wilson_estimate        51.525 
_reflns.observed_criterion_sigma_I   -3.00 
_reflns.observed_criterion_sigma_F   ? 
_reflns.d_resolution_low             30 
_reflns.number_all                   7286 
_reflns.pdbx_Rsym_value              ? 
_reflns.pdbx_netI_over_sigmaI        ? 
_reflns.pdbx_redundancy              3.2 
_reflns.R_free_details               ? 
_reflns.limit_h_max                  ? 
_reflns.limit_h_min                  ? 
_reflns.limit_k_max                  ? 
_reflns.limit_k_min                  ? 
_reflns.limit_l_max                  ? 
_reflns.limit_l_min                  ? 
_reflns.observed_criterion_F_max     ? 
_reflns.observed_criterion_F_min     ? 
_reflns.pdbx_chi_squared             ? 
_reflns.pdbx_scaling_rejects         ? 
_reflns.pdbx_diffrn_id               1 
_reflns.pdbx_ordinal                 1 
# 
_reflns_shell.d_res_high             2.25 
_reflns_shell.d_res_low              2.31 
_reflns_shell.number_measured_obs    1771 
_reflns_shell.number_measured_all    ? 
_reflns_shell.number_unique_obs      553 
_reflns_shell.Rmerge_I_obs           0.497 
_reflns_shell.meanI_over_sigI_obs    2.4 
_reflns_shell.pdbx_Rsym_value        ? 
_reflns_shell.pdbx_chi_squared       ? 
_reflns_shell.pdbx_redundancy        3.2 
_reflns_shell.percent_possible_obs   ? 
_reflns_shell.number_unique_all      7286 
_reflns_shell.percent_possible_all   99.60 
_reflns_shell.pdbx_diffrn_id         ? 
_reflns_shell.pdbx_ordinal           1 
# 
_refine.entry_id                                 3H7Q 
_refine.ls_d_res_high                            2.25 
_refine.ls_d_res_low                             24.568 
_refine.pdbx_ls_sigma_F                          1.99 
_refine.pdbx_data_cutoff_high_absF               ? 
_refine.pdbx_data_cutoff_low_absF                ? 
_refine.ls_percent_reflns_obs                    98.530 
_refine.ls_number_reflns_obs                     7174 
_refine.ls_number_reflns_all                     ? 
_refine.pdbx_ls_cross_valid_method               ? 
_refine.pdbx_R_Free_selection_details            ? 
_refine.details                                  ? 
_refine.ls_R_factor_all                          ? 
_refine.ls_R_factor_obs                          0.207 
_refine.ls_R_factor_R_work                       0.204 
_refine.ls_wR_factor_R_work                      ? 
_refine.ls_R_factor_R_free                       0.249 
_refine.ls_wR_factor_R_free                      ? 
_refine.ls_percent_reflns_R_free                 5.000 
_refine.ls_number_reflns_R_free                  359 
_refine.ls_R_factor_R_free_error                 ? 
_refine.ls_number_reflns_R_work                  6815 
_refine.B_iso_mean                               46.439 
_refine.solvent_model_param_bsol                 53.267 
_refine.solvent_model_param_ksol                 0.283 
_refine.pdbx_isotropic_thermal_model             ? 
_refine.aniso_B[1][1]                            4.550 
_refine.aniso_B[2][2]                            4.550 
_refine.aniso_B[3][3]                            -9.101 
_refine.aniso_B[1][2]                            0.000 
_refine.aniso_B[1][3]                            -0.000 
_refine.aniso_B[2][3]                            0.000 
_refine.correlation_coeff_Fo_to_Fc               ? 
_refine.correlation_coeff_Fo_to_Fc_free          ? 
_refine.overall_SU_R_Cruickshank_DPI             ? 
_refine.overall_SU_R_free                        ? 
_refine.pdbx_overall_ESU_R_Free                  ? 
_refine.overall_SU_ML                            0.160 
_refine.overall_SU_B                             ? 
_refine.solvent_model_details                    'FLAT BULK SOLVENT MODEL' 
_refine.pdbx_solvent_vdw_probe_radii             1.110 
_refine.pdbx_solvent_ion_probe_radii             ? 
_refine.pdbx_solvent_shrinkage_radii             0.900 
_refine.ls_number_parameters                     ? 
_refine.ls_number_restraints                     ? 
_refine.pdbx_starting_model                      'PDB ENTRY 3GWM' 
_refine.pdbx_method_to_determine_struct          'MOLECULAR REPLACEMENT' 
_refine.pdbx_stereochemistry_target_values       ML 
_refine.pdbx_stereochem_target_val_spec_case     ? 
_refine.overall_FOM_work_R_set                   0.834 
_refine.B_iso_max                                95.96 
_refine.B_iso_min                                22.91 
_refine.occupancy_max                            1.00 
_refine.occupancy_min                            1.00 
_refine.pdbx_ls_sigma_I                          ? 
_refine.ls_redundancy_reflns_obs                 ? 
_refine.ls_R_factor_R_free_error_details         ? 
_refine.pdbx_data_cutoff_high_rms_absF           ? 
_refine.overall_FOM_free_R_set                   ? 
_refine.pdbx_overall_phase_error                 24.530 
_refine.pdbx_refine_id                           'X-RAY DIFFRACTION' 
_refine.pdbx_overall_ESU_R                       ? 
_refine.pdbx_diffrn_id                           1 
_refine.pdbx_TLS_residual_ADP_flag               ? 
_refine.pdbx_overall_SU_R_free_Cruickshank_DPI   ? 
_refine.pdbx_overall_SU_R_Blow_DPI               ? 
_refine.pdbx_overall_SU_R_free_Blow_DPI          ? 
# 
_refine_hist.pdbx_refine_id                   'X-RAY DIFFRACTION' 
_refine_hist.cycle_id                         LAST 
_refine_hist.pdbx_number_atoms_protein        877 
_refine_hist.pdbx_number_atoms_nucleic_acid   0 
_refine_hist.pdbx_number_atoms_ligand         11 
_refine_hist.number_atoms_solvent             47 
_refine_hist.number_atoms_total               935 
_refine_hist.d_res_high                       2.25 
_refine_hist.d_res_low                        24.568 
# 
loop_
_refine_ls_restr.type 
_refine_ls_restr.number 
_refine_ls_restr.dev_ideal 
_refine_ls_restr.dev_ideal_target 
_refine_ls_restr.weight 
_refine_ls_restr.pdbx_refine_id 
_refine_ls_restr.pdbx_restraint_function 
f_bond_d           901  0.004  ? ? 'X-RAY DIFFRACTION' ? 
f_angle_d          1224 0.787  ? ? 'X-RAY DIFFRACTION' ? 
f_chiral_restr     145  0.051  ? ? 'X-RAY DIFFRACTION' ? 
f_plane_restr      160  0.004  ? ? 'X-RAY DIFFRACTION' ? 
f_dihedral_angle_d 313  15.405 ? ? 'X-RAY DIFFRACTION' ? 
# 
loop_
_refine_ls_shell.d_res_high 
_refine_ls_shell.d_res_low 
_refine_ls_shell.pdbx_total_number_of_bins_used 
_refine_ls_shell.percent_reflns_obs 
_refine_ls_shell.number_reflns_R_work 
_refine_ls_shell.R_factor_all 
_refine_ls_shell.R_factor_R_work 
_refine_ls_shell.R_factor_R_free 
_refine_ls_shell.percent_reflns_R_free 
_refine_ls_shell.number_reflns_R_free 
_refine_ls_shell.R_factor_R_free_error 
_refine_ls_shell.number_reflns_all 
_refine_ls_shell.number_reflns_obs 
_refine_ls_shell.redundancy_reflns_obs 
_refine_ls_shell.pdbx_refine_id 
2.250 2.576  3 99.000 2283 . 0.237 0.282 . 120 . 2403 . . 'X-RAY DIFFRACTION' 
2.576 3.244  3 99.000 2282 . 0.192 0.274 . 120 . 2402 . . 'X-RAY DIFFRACTION' 
3.244 24.569 3 98.000 2250 . 0.202 0.232 . 119 . 2369 . . 'X-RAY DIFFRACTION' 
# 
_struct.entry_id                  3H7Q 
_struct.title                     
'Crystal structure of the holo-[Acyl-Carrier-Protein] Synthase (ACPS) from Mycobacterium tuberculosis' 
_struct.pdbx_model_details        ? 
_struct.pdbx_CASP_flag            ? 
_struct.pdbx_model_type_details   ? 
# 
_struct_keywords.entry_id        3H7Q 
_struct_keywords.pdbx_keywords   TRANSFERASE 
_struct_keywords.text            
;Homo-trimer, 9-stand pseudo beta barrel protein, Cytoplasm, Fatty acid biosynthesis, Lipid synthesis, Magnesium, Metal-binding, Transferase
;
# 
loop_
_struct_asym.id 
_struct_asym.pdbx_blank_PDB_chainid_flag 
_struct_asym.pdbx_modified 
_struct_asym.entity_id 
_struct_asym.details 
A N N 1 ? 
B N N 2 ? 
C N N 3 ? 
# 
_struct_biol.id        1 
_struct_biol.details   ? 
# 
loop_
_struct_conf.conf_type_id 
_struct_conf.id 
_struct_conf.pdbx_PDB_helix_id 
_struct_conf.beg_label_comp_id 
_struct_conf.beg_label_asym_id 
_struct_conf.beg_label_seq_id 
_struct_conf.pdbx_beg_PDB_ins_code 
_struct_conf.end_label_comp_id 
_struct_conf.end_label_asym_id 
_struct_conf.end_label_seq_id 
_struct_conf.pdbx_end_PDB_ins_code 
_struct_conf.beg_auth_comp_id 
_struct_conf.beg_auth_asym_id 
_struct_conf.beg_auth_seq_id 
_struct_conf.end_auth_comp_id 
_struct_conf.end_auth_asym_id 
_struct_conf.end_auth_seq_id 
_struct_conf.pdbx_PDB_helix_class 
_struct_conf.details 
_struct_conf.pdbx_PDB_helix_length 
HELX_P HELX_P1 1 ILE A 15  ? ASP A 23  ? ILE A 13 ASP A 21  1 ? 9  
HELX_P HELX_P2 2 THR A 27  ? PHE A 33  ? THR A 25 PHE A 31  1 ? 7  
HELX_P HELX_P3 3 THR A 34  ? SER A 42  ? THR A 32 SER A 40  1 ? 9  
HELX_P HELX_P4 4 SER A 46  ? GLY A 68  ? SER A 44 GLY A 66  1 ? 23 
HELX_P HELX_P5 5 THR A 100 ? LEU A 107 ? THR A 98 LEU A 105 1 ? 8  
# 
_struct_conf_type.id          HELX_P 
_struct_conf_type.criteria    ? 
_struct_conf_type.reference   ? 
# 
loop_
_struct_sheet.id 
_struct_sheet.type 
_struct_sheet.number_strands 
_struct_sheet.details 
A ? 3 ? 
B ? 2 ? 
# 
loop_
_struct_sheet_order.sheet_id 
_struct_sheet_order.range_id_1 
_struct_sheet_order.range_id_2 
_struct_sheet_order.offset 
_struct_sheet_order.sense 
A 1 2 ? anti-parallel 
A 2 3 ? anti-parallel 
B 1 2 ? anti-parallel 
# 
loop_
_struct_sheet_range.sheet_id 
_struct_sheet_range.id 
_struct_sheet_range.beg_label_comp_id 
_struct_sheet_range.beg_label_asym_id 
_struct_sheet_range.beg_label_seq_id 
_struct_sheet_range.pdbx_beg_PDB_ins_code 
_struct_sheet_range.end_label_comp_id 
_struct_sheet_range.end_label_asym_id 
_struct_sheet_range.end_label_seq_id 
_struct_sheet_range.pdbx_end_PDB_ins_code 
_struct_sheet_range.beg_auth_comp_id 
_struct_sheet_range.beg_auth_asym_id 
_struct_sheet_range.beg_auth_seq_id 
_struct_sheet_range.end_auth_comp_id 
_struct_sheet_range.end_auth_asym_id 
_struct_sheet_range.end_auth_seq_id 
A 1 GLY A 4   ? SER A 14  ? GLY A 2   SER A 12  
A 2 THR A 122 ? ALA A 131 ? THR A 120 ALA A 129 
A 3 THR A 111 ? GLU A 119 ? THR A 109 GLU A 117 
B 1 ILE A 85  ? VAL A 88  ? ILE A 83  VAL A 86  
B 2 ARG A 96  ? LEU A 99  ? ARG A 94  LEU A 97  
# 
loop_
_pdbx_struct_sheet_hbond.sheet_id 
_pdbx_struct_sheet_hbond.range_id_1 
_pdbx_struct_sheet_hbond.range_id_2 
_pdbx_struct_sheet_hbond.range_1_label_atom_id 
_pdbx_struct_sheet_hbond.range_1_label_comp_id 
_pdbx_struct_sheet_hbond.range_1_label_asym_id 
_pdbx_struct_sheet_hbond.range_1_label_seq_id 
_pdbx_struct_sheet_hbond.range_1_PDB_ins_code 
_pdbx_struct_sheet_hbond.range_1_auth_atom_id 
_pdbx_struct_sheet_hbond.range_1_auth_comp_id 
_pdbx_struct_sheet_hbond.range_1_auth_asym_id 
_pdbx_struct_sheet_hbond.range_1_auth_seq_id 
_pdbx_struct_sheet_hbond.range_2_label_atom_id 
_pdbx_struct_sheet_hbond.range_2_label_comp_id 
_pdbx_struct_sheet_hbond.range_2_label_asym_id 
_pdbx_struct_sheet_hbond.range_2_label_seq_id 
_pdbx_struct_sheet_hbond.range_2_PDB_ins_code 
_pdbx_struct_sheet_hbond.range_2_auth_atom_id 
_pdbx_struct_sheet_hbond.range_2_auth_comp_id 
_pdbx_struct_sheet_hbond.range_2_auth_asym_id 
_pdbx_struct_sheet_hbond.range_2_auth_seq_id 
A 1 2 N VAL A 6   ? N VAL A 4   O LEU A 129 ? O LEU A 127 
A 2 3 O THR A 122 ? O THR A 120 N GLU A 119 ? N GLU A 117 
B 1 2 N VAL A 88  ? N VAL A 86  O ARG A 96  ? O ARG A 94  
# 
_struct_site.id                   AC1 
_struct_site.pdbx_evidence_code   Software 
_struct_site.pdbx_auth_asym_id    A 
_struct_site.pdbx_auth_comp_id    BCN 
_struct_site.pdbx_auth_seq_id     131 
_struct_site.pdbx_auth_ins_code   ? 
_struct_site.pdbx_num_residues    5 
_struct_site.details              'BINDING SITE FOR RESIDUE BCN A 131' 
# 
loop_
_struct_site_gen.id 
_struct_site_gen.site_id 
_struct_site_gen.pdbx_num_res 
_struct_site_gen.label_comp_id 
_struct_site_gen.label_asym_id 
_struct_site_gen.label_seq_id 
_struct_site_gen.pdbx_auth_ins_code 
_struct_site_gen.auth_comp_id 
_struct_site_gen.auth_asym_id 
_struct_site_gen.auth_seq_id 
_struct_site_gen.label_atom_id 
_struct_site_gen.label_alt_id 
_struct_site_gen.symmetry 
_struct_site_gen.details 
1 AC1 5 ASP A 11  ? ASP A 9   . ? 1_555 ? 
2 AC1 5 LEU A 12  ? LEU A 10  . ? 1_555 ? 
3 AC1 5 LYS A 64  ? LYS A 62  . ? 1_555 ? 
4 AC1 5 THR A 117 ? THR A 115 . ? 2_555 ? 
5 AC1 5 HIS A 118 ? HIS A 116 . ? 2_555 ? 
# 
_atom_sites.entry_id                    3H7Q 
_atom_sites.fract_transf_matrix[1][1]   -0.00674425 
_atom_sites.fract_transf_matrix[1][2]   0.00983208 
_atom_sites.fract_transf_matrix[1][3]   0.01180871 
_atom_sites.fract_transf_matrix[2][1]   0.00767043 
_atom_sites.fract_transf_matrix[2][2]   0.01425004 
_atom_sites.fract_transf_matrix[2][3]   0.00443879 
_atom_sites.fract_transf_matrix[3][1]   -0.00588465 
_atom_sites.fract_transf_matrix[3][2]   0.00569022 
_atom_sites.fract_transf_matrix[3][3]   -0.00809862 
_atom_sites.fract_transf_vector[1]      -0.230953 
_atom_sites.fract_transf_vector[2]      -0.076217 
_atom_sites.fract_transf_vector[3]      0.339627 
# 
loop_
_atom_type.symbol 
C 
N 
O 
S 
# 
loop_
_atom_site.group_PDB 
_atom_site.id 
_atom_site.type_symbol 
_atom_site.label_atom_id 
_atom_site.label_alt_id 
_atom_site.label_comp_id 
_atom_site.label_asym_id 
_atom_site.label_entity_id 
_atom_site.label_seq_id 
_atom_site.pdbx_PDB_ins_code 
_atom_site.Cartn_x 
_atom_site.Cartn_y 
_atom_site.Cartn_z 
_atom_site.occupancy 
_atom_site.B_iso_or_equiv 
_atom_site.pdbx_formal_charge 
_atom_site.auth_seq_id 
_atom_site.auth_comp_id 
_atom_site.auth_asym_id 
_atom_site.auth_atom_id 
_atom_site.pdbx_PDB_model_num 
ATOM   1   N N   . GLY A 1 1   ? -13.152 20.461  -8.064  1.00 63.73 ? -1  GLY A N   1 
ATOM   2   C CA  . GLY A 1 1   ? -14.424 20.504  -8.762  1.00 66.93 ? -1  GLY A CA  1 
ATOM   3   C C   . GLY A 1 1   ? -15.474 19.633  -8.096  1.00 56.62 ? -1  GLY A C   1 
ATOM   4   O O   . GLY A 1 1   ? -15.327 19.253  -6.939  1.00 48.96 ? -1  GLY A O   1 
ATOM   5   N N   . ALA A 1 2   ? -16.535 19.319  -8.834  1.00 53.33 ? 0   ALA A N   1 
ATOM   6   C CA  . ALA A 1 2   ? -17.614 18.493  -8.316  1.00 53.11 ? 0   ALA A CA  1 
ATOM   7   C C   . ALA A 1 2   ? -17.230 17.021  -8.372  1.00 51.38 ? 0   ALA A C   1 
ATOM   8   O O   . ALA A 1 2   ? -17.033 16.456  -9.450  1.00 47.14 ? 0   ALA A O   1 
ATOM   9   C CB  . ALA A 1 2   ? -18.899 18.743  -9.094  1.00 51.15 ? 0   ALA A CB  1 
ATOM   10  N N   . MET A 1 3   ? -17.133 16.402  -7.202  1.00 49.19 ? 1   MET A N   1 
ATOM   11  C CA  . MET A 1 3   ? -16.652 15.036  -7.119  1.00 42.83 ? 1   MET A CA  1 
ATOM   12  C C   . MET A 1 3   ? -17.496 14.176  -6.191  1.00 39.12 ? 1   MET A C   1 
ATOM   13  O O   . MET A 1 3   ? -18.181 14.677  -5.305  1.00 45.05 ? 1   MET A O   1 
ATOM   14  C CB  . MET A 1 3   ? -15.194 15.036  -6.668  1.00 47.47 ? 1   MET A CB  1 
ATOM   15  C CG  . MET A 1 3   ? -14.273 15.782  -7.624  1.00 44.46 ? 1   MET A CG  1 
ATOM   16  S SD  . MET A 1 3   ? -13.735 14.752  -8.998  1.00 44.86 ? 1   MET A SD  1 
ATOM   17  C CE  . MET A 1 3   ? -12.222 14.090  -8.330  1.00 39.06 ? 1   MET A CE  1 
ATOM   18  N N   . GLY A 1 4   ? -17.457 12.871  -6.426  1.00 40.73 ? 2   GLY A N   1 
ATOM   19  C CA  . GLY A 1 4   ? -18.100 11.915  -5.553  1.00 38.03 ? 2   GLY A CA  1 
ATOM   20  C C   . GLY A 1 4   ? -17.068 10.914  -5.068  1.00 40.67 ? 2   GLY A C   1 
ATOM   21  O O   . GLY A 1 4   ? -16.112 10.598  -5.782  1.00 34.06 ? 2   GLY A O   1 
ATOM   22  N N   . ILE A 1 5   ? -17.247 10.423  -3.846  1.00 33.60 ? 3   ILE A N   1 
ATOM   23  C CA  . ILE A 1 5   ? -16.342 9.420   -3.307  1.00 34.94 ? 3   ILE A CA  1 
ATOM   24  C C   . ILE A 1 5   ? -16.689 8.048   -3.866  1.00 30.72 ? 3   ILE A C   1 
ATOM   25  O O   . ILE A 1 5   ? -17.849 7.647   -3.873  1.00 37.19 ? 3   ILE A O   1 
ATOM   26  C CB  . ILE A 1 5   ? -16.381 9.389   -1.765  1.00 36.44 ? 3   ILE A CB  1 
ATOM   27  C CG1 . ILE A 1 5   ? -15.745 10.658  -1.199  1.00 33.09 ? 3   ILE A CG1 1 
ATOM   28  C CG2 . ILE A 1 5   ? -15.672 8.138   -1.226  1.00 34.30 ? 3   ILE A CG2 1 
ATOM   29  C CD1 . ILE A 1 5   ? -15.841 10.756  0.308   1.00 31.42 ? 3   ILE A CD1 1 
ATOM   30  N N   . VAL A 1 6   ? -15.668 7.333   -4.324  1.00 32.47 ? 4   VAL A N   1 
ATOM   31  C CA  . VAL A 1 6   ? -15.832 6.038   -4.970  1.00 36.44 ? 4   VAL A CA  1 
ATOM   32  C C   . VAL A 1 6   ? -15.459 4.842   -4.073  1.00 39.23 ? 4   VAL A C   1 
ATOM   33  O O   . VAL A 1 6   ? -15.950 3.730   -4.272  1.00 41.15 ? 4   VAL A O   1 
ATOM   34  C CB  . VAL A 1 6   ? -15.021 5.998   -6.289  1.00 40.60 ? 4   VAL A CB  1 
ATOM   35  C CG1 . VAL A 1 6   ? -14.519 4.600   -6.590  1.00 50.25 ? 4   VAL A CG1 1 
ATOM   36  C CG2 . VAL A 1 6   ? -15.858 6.542   -7.440  1.00 47.46 ? 4   VAL A CG2 1 
ATOM   37  N N   . GLY A 1 7   ? -14.599 5.075   -3.086  1.00 38.74 ? 5   GLY A N   1 
ATOM   38  C CA  . GLY A 1 7   ? -14.142 4.015   -2.205  1.00 37.30 ? 5   GLY A CA  1 
ATOM   39  C C   . GLY A 1 7   ? -13.299 4.549   -1.061  1.00 40.13 ? 5   GLY A C   1 
ATOM   40  O O   . GLY A 1 7   ? -12.699 5.618   -1.178  1.00 37.17 ? 5   GLY A O   1 
ATOM   41  N N   . VAL A 1 8   ? -13.260 3.809   0.047   1.00 36.31 ? 6   VAL A N   1 
ATOM   42  C CA  . VAL A 1 8   ? -12.453 4.182   1.207   1.00 38.88 ? 6   VAL A CA  1 
ATOM   43  C C   . VAL A 1 8   ? -11.738 2.962   1.796   1.00 37.01 ? 6   VAL A C   1 
ATOM   44  O O   . VAL A 1 8   ? -12.238 1.840   1.722   1.00 31.93 ? 6   VAL A O   1 
ATOM   45  C CB  . VAL A 1 8   ? -13.297 4.865   2.303   1.00 37.05 ? 6   VAL A CB  1 
ATOM   46  C CG1 . VAL A 1 8   ? -12.395 5.516   3.356   1.00 33.70 ? 6   VAL A CG1 1 
ATOM   47  C CG2 . VAL A 1 8   ? -14.211 5.901   1.690   1.00 40.66 ? 6   VAL A CG2 1 
ATOM   48  N N   . GLY A 1 9   ? -10.562 3.186   2.375   1.00 35.09 ? 7   GLY A N   1 
ATOM   49  C CA  . GLY A 1 9   ? -9.759  2.093   2.891   1.00 33.53 ? 7   GLY A CA  1 
ATOM   50  C C   . GLY A 1 9   ? -8.873  2.523   4.038   1.00 32.67 ? 7   GLY A C   1 
ATOM   51  O O   . GLY A 1 9   ? -8.263  3.583   3.985   1.00 31.65 ? 7   GLY A O   1 
ATOM   52  N N   . ILE A 1 10  ? -8.819  1.714   5.092   1.00 27.70 ? 8   ILE A N   1 
ATOM   53  C CA  . ILE A 1 10  ? -7.877  1.977   6.175   1.00 29.37 ? 8   ILE A CA  1 
ATOM   54  C C   . ILE A 1 10  ? -7.101  0.703   6.498   1.00 32.24 ? 8   ILE A C   1 
ATOM   55  O O   . ILE A 1 10  ? -7.649  -0.390  6.416   1.00 35.87 ? 8   ILE A O   1 
ATOM   56  C CB  . ILE A 1 10  ? -8.570  2.514   7.440   1.00 27.91 ? 8   ILE A CB  1 
ATOM   57  C CG1 . ILE A 1 10  ? -7.521  2.984   8.453   1.00 28.94 ? 8   ILE A CG1 1 
ATOM   58  C CG2 . ILE A 1 10  ? -9.484  1.447   8.060   1.00 29.80 ? 8   ILE A CG2 1 
ATOM   59  C CD1 . ILE A 1 10  ? -8.095  3.638   9.701   1.00 32.97 ? 8   ILE A CD1 1 
ATOM   60  N N   . ASP A 1 11  ? -5.827  0.837   6.855   1.00 28.39 ? 9   ASP A N   1 
ATOM   61  C CA  . ASP A 1 11  ? -5.033  -0.343  7.171   1.00 28.38 ? 9   ASP A CA  1 
ATOM   62  C C   . ASP A 1 11  ? -3.999  -0.119  8.254   1.00 27.87 ? 9   ASP A C   1 
ATOM   63  O O   . ASP A 1 11  ? -3.268  0.872   8.220   1.00 28.58 ? 9   ASP A O   1 
ATOM   64  C CB  . ASP A 1 11  ? -4.317  -0.873  5.931   1.00 30.75 ? 9   ASP A CB  1 
ATOM   65  C CG  . ASP A 1 11  ? -3.784  -2.259  6.150   1.00 35.93 ? 9   ASP A CG  1 
ATOM   66  O OD1 . ASP A 1 11  ? -4.521  -3.029  6.780   1.00 34.35 ? 9   ASP A OD1 1 
ATOM   67  O OD2 . ASP A 1 11  ? -2.655  -2.576  5.728   1.00 34.91 ? 9   ASP A OD2 1 
ATOM   68  N N   . LEU A 1 12  ? -3.920  -1.072  9.185   1.00 28.20 ? 10  LEU A N   1 
ATOM   69  C CA  . LEU A 1 12  ? -2.962  -1.033  10.281  1.00 34.56 ? 10  LEU A CA  1 
ATOM   70  C C   . LEU A 1 12  ? -1.942  -2.176  10.165  1.00 36.64 ? 10  LEU A C   1 
ATOM   71  O O   . LEU A 1 12  ? -2.297  -3.315  9.874   1.00 32.08 ? 10  LEU A O   1 
ATOM   72  C CB  . LEU A 1 12  ? -3.705  -1.147  11.614  1.00 36.31 ? 10  LEU A CB  1 
ATOM   73  C CG  . LEU A 1 12  ? -3.323  -0.173  12.721  1.00 37.45 ? 10  LEU A CG  1 
ATOM   74  C CD1 . LEU A 1 12  ? -3.702  1.238   12.322  1.00 39.35 ? 10  LEU A CD1 1 
ATOM   75  C CD2 . LEU A 1 12  ? -4.002  -0.550  14.026  1.00 44.12 ? 10  LEU A CD2 1 
ATOM   76  N N   . VAL A 1 13  ? -0.676  -1.872  10.418  1.00 34.79 ? 11  VAL A N   1 
ATOM   77  C CA  . VAL A 1 13  ? 0.373   -2.871  10.270  1.00 36.75 ? 11  VAL A CA  1 
ATOM   78  C C   . VAL A 1 13  ? 1.318   -2.925  11.471  1.00 35.55 ? 11  VAL A C   1 
ATOM   79  O O   . VAL A 1 13  ? 2.108   -2.008  11.693  1.00 35.35 ? 11  VAL A O   1 
ATOM   80  C CB  . VAL A 1 13  ? 1.206   -2.627  8.995   1.00 31.67 ? 11  VAL A CB  1 
ATOM   81  C CG1 . VAL A 1 13  ? 2.416   -3.555  8.961   1.00 33.95 ? 11  VAL A CG1 1 
ATOM   82  C CG2 . VAL A 1 13  ? 0.344   -2.800  7.742   1.00 36.58 ? 11  VAL A CG2 1 
ATOM   83  N N   . SER A 1 14  ? 1.241   -4.008  12.239  1.00 38.66 ? 12  SER A N   1 
ATOM   84  C CA  . SER A 1 14  ? 2.239   -4.272  13.266  1.00 33.19 ? 12  SER A CA  1 
ATOM   85  C C   . SER A 1 14  ? 3.589   -4.406  12.586  1.00 33.70 ? 12  SER A C   1 
ATOM   86  O O   . SER A 1 14  ? 3.794   -5.292  11.761  1.00 39.68 ? 12  SER A O   1 
ATOM   87  C CB  . SER A 1 14  ? 1.919   -5.560  14.028  1.00 40.72 ? 12  SER A CB  1 
ATOM   88  O OG  . SER A 1 14  ? 3.030   -5.973  14.806  1.00 43.43 ? 12  SER A OG  1 
ATOM   89  N N   . ILE A 1 15  ? 4.504   -3.514  12.925  1.00 35.85 ? 13  ILE A N   1 
ATOM   90  C CA  . ILE A 1 15  ? 5.833   -3.525  12.338  1.00 38.34 ? 13  ILE A CA  1 
ATOM   91  C C   . ILE A 1 15  ? 6.647   -4.780  12.724  1.00 49.79 ? 13  ILE A C   1 
ATOM   92  O O   . ILE A 1 15  ? 7.298   -5.387  11.868  1.00 43.36 ? 13  ILE A O   1 
ATOM   93  C CB  . ILE A 1 15  ? 6.582   -2.225  12.673  1.00 42.52 ? 13  ILE A CB  1 
ATOM   94  C CG1 . ILE A 1 15  ? 5.902   -1.045  11.967  1.00 39.31 ? 13  ILE A CG1 1 
ATOM   95  C CG2 . ILE A 1 15  ? 8.050   -2.329  12.287  1.00 46.38 ? 13  ILE A CG2 1 
ATOM   96  C CD1 . ILE A 1 15  ? 6.319   0.322   12.480  1.00 43.05 ? 13  ILE A CD1 1 
ATOM   97  N N   . PRO A 1 16  ? 6.606   -5.178  14.008  1.00 50.78 ? 14  PRO A N   1 
ATOM   98  C CA  . PRO A 1 16  ? 7.285   -6.418  14.406  1.00 44.88 ? 14  PRO A CA  1 
ATOM   99  C C   . PRO A 1 16  ? 6.749   -7.654  13.681  1.00 47.30 ? 14  PRO A C   1 
ATOM   100 O O   . PRO A 1 16  ? 7.534   -8.526  13.302  1.00 48.20 ? 14  PRO A O   1 
ATOM   101 C CB  . PRO A 1 16  ? 6.986   -6.512  15.907  1.00 52.54 ? 14  PRO A CB  1 
ATOM   102 C CG  . PRO A 1 16  ? 6.793   -5.093  16.336  1.00 51.46 ? 14  PRO A CG  1 
ATOM   103 C CD  . PRO A 1 16  ? 6.107   -4.425  15.175  1.00 44.99 ? 14  PRO A CD  1 
ATOM   104 N N   . ASP A 1 17  ? 5.435   -7.740  13.499  1.00 40.56 ? 15  ASP A N   1 
ATOM   105 C CA  . ASP A 1 17  ? 4.859   -8.859  12.761  1.00 40.30 ? 15  ASP A CA  1 
ATOM   106 C C   . ASP A 1 17  ? 5.252   -8.775  11.290  1.00 49.14 ? 15  ASP A C   1 
ATOM   107 O O   . ASP A 1 17  ? 5.475   -9.795  10.631  1.00 48.26 ? 15  ASP A O   1 
ATOM   108 C CB  . ASP A 1 17  ? 3.337   -8.886  12.892  1.00 41.48 ? 15  ASP A CB  1 
ATOM   109 C CG  . ASP A 1 17  ? 2.870   -9.061  14.326  1.00 53.88 ? 15  ASP A CG  1 
ATOM   110 O OD1 . ASP A 1 17  ? 3.716   -9.083  15.244  1.00 50.71 ? 15  ASP A OD1 1 
ATOM   111 O OD2 . ASP A 1 17  ? 1.646   -9.176  14.538  1.00 59.55 ? 15  ASP A OD2 1 
ATOM   112 N N   . PHE A 1 18  ? 5.329   -7.550  10.776  1.00 43.30 ? 16  PHE A N   1 
ATOM   113 C CA  . PHE A 1 18  ? 5.728   -7.324  9.390   1.00 40.58 ? 16  PHE A CA  1 
ATOM   114 C C   . PHE A 1 18  ? 7.154   -7.818  9.154   1.00 37.74 ? 16  PHE A C   1 
ATOM   115 O O   . PHE A 1 18  ? 7.424   -8.486  8.161   1.00 43.16 ? 16  PHE A O   1 
ATOM   116 C CB  . PHE A 1 18  ? 5.611   -5.835  9.035   1.00 34.75 ? 16  PHE A CB  1 
ATOM   117 C CG  . PHE A 1 18  ? 6.030   -5.500  7.626   1.00 29.07 ? 16  PHE A CG  1 
ATOM   118 C CD1 . PHE A 1 18  ? 5.168   -5.713  6.558   1.00 31.92 ? 16  PHE A CD1 1 
ATOM   119 C CD2 . PHE A 1 18  ? 7.273   -4.953  7.372   1.00 26.87 ? 16  PHE A CD2 1 
ATOM   120 C CE1 . PHE A 1 18  ? 5.546   -5.393  5.269   1.00 29.97 ? 16  PHE A CE1 1 
ATOM   121 C CE2 . PHE A 1 18  ? 7.659   -4.635  6.090   1.00 34.74 ? 16  PHE A CE2 1 
ATOM   122 C CZ  . PHE A 1 18  ? 6.793   -4.856  5.032   1.00 32.66 ? 16  PHE A CZ  1 
ATOM   123 N N   . ALA A 1 19  ? 8.057   -7.488  10.073  1.00 38.44 ? 17  ALA A N   1 
ATOM   124 C CA  . ALA A 1 19  ? 9.470   -7.848  9.938   1.00 44.08 ? 17  ALA A CA  1 
ATOM   125 C C   . ALA A 1 19  ? 9.685   -9.361  9.908   1.00 50.94 ? 17  ALA A C   1 
ATOM   126 O O   . ALA A 1 19  ? 10.593  -9.859  9.239   1.00 48.28 ? 17  ALA A O   1 
ATOM   127 C CB  . ALA A 1 19  ? 10.292  -7.221  11.057  1.00 34.00 ? 17  ALA A CB  1 
ATOM   128 N N   . GLU A 1 20  ? 8.850   -10.081 10.648  1.00 45.97 ? 18  GLU A N   1 
ATOM   129 C CA  . GLU A 1 20  ? 8.934   -11.530 10.716  1.00 53.81 ? 18  GLU A CA  1 
ATOM   130 C C   . GLU A 1 20  ? 8.451   -12.163 9.417   1.00 51.60 ? 18  GLU A C   1 
ATOM   131 O O   . GLU A 1 20  ? 9.033   -13.137 8.938   1.00 52.87 ? 18  GLU A O   1 
ATOM   132 C CB  . GLU A 1 20  ? 8.085   -12.051 11.883  1.00 59.31 ? 18  GLU A CB  1 
ATOM   133 C CG  . GLU A 1 20  ? 8.580   -11.635 13.262  1.00 65.11 ? 18  GLU A CG  1 
ATOM   134 C CD  . GLU A 1 20  ? 9.456   -12.688 13.910  1.00 78.45 ? 18  GLU A CD  1 
ATOM   135 O OE1 . GLU A 1 20  ? 8.947   -13.801 14.169  1.00 80.62 ? 18  GLU A OE1 1 
ATOM   136 O OE2 . GLU A 1 20  ? 10.646  -12.400 14.169  1.00 75.99 ? 18  GLU A OE2 1 
ATOM   137 N N   . GLN A 1 21  ? 7.388   -11.601 8.848   1.00 42.91 ? 19  GLN A N   1 
ATOM   138 C CA  . GLN A 1 21  ? 6.713   -12.211 7.706   1.00 42.07 ? 19  GLN A CA  1 
ATOM   139 C C   . GLN A 1 21  ? 7.255   -11.777 6.354   1.00 41.66 ? 19  GLN A C   1 
ATOM   140 O O   . GLN A 1 21  ? 7.123   -12.507 5.374   1.00 39.26 ? 19  GLN A O   1 
ATOM   141 C CB  . GLN A 1 21  ? 5.224   -11.880 7.734   1.00 50.56 ? 19  GLN A CB  1 
ATOM   142 C CG  . GLN A 1 21  ? 4.470   -12.406 8.931   1.00 59.98 ? 19  GLN A CG  1 
ATOM   143 C CD  . GLN A 1 21  ? 3.048   -11.889 8.963   1.00 60.17 ? 19  GLN A CD  1 
ATOM   144 O OE1 . GLN A 1 21  ? 2.617   -11.176 8.055   1.00 57.18 ? 19  GLN A OE1 1 
ATOM   145 N NE2 . GLN A 1 21  ? 2.310   -12.239 10.011  1.00 68.87 ? 19  GLN A NE2 1 
ATOM   146 N N   . VAL A 1 22  ? 7.839   -10.584 6.293   1.00 42.30 ? 20  VAL A N   1 
ATOM   147 C CA  . VAL A 1 22  ? 8.139   -9.964  5.002   1.00 40.36 ? 20  VAL A CA  1 
ATOM   148 C C   . VAL A 1 22  ? 9.097   -10.793 4.149   1.00 41.76 ? 20  VAL A C   1 
ATOM   149 O O   . VAL A 1 22  ? 8.890   -10.959 2.944   1.00 39.28 ? 20  VAL A O   1 
ATOM   150 C CB  . VAL A 1 22  ? 8.670   -8.524  5.165   1.00 34.88 ? 20  VAL A CB  1 
ATOM   151 C CG1 . VAL A 1 22  ? 9.991   -8.520  5.914   1.00 37.84 ? 20  VAL A CG1 1 
ATOM   152 C CG2 . VAL A 1 22  ? 8.798   -7.851  3.803   1.00 36.25 ? 20  VAL A CG2 1 
ATOM   153 N N   . ASP A 1 23  ? 10.139  -11.322 4.775   1.00 38.82 ? 21  ASP A N   1 
ATOM   154 C CA  . ASP A 1 23  ? 11.129  -12.082 4.029   1.00 43.30 ? 21  ASP A CA  1 
ATOM   155 C C   . ASP A 1 23  ? 10.723  -13.542 3.856   1.00 40.29 ? 21  ASP A C   1 
ATOM   156 O O   . ASP A 1 23  ? 11.267  -14.430 4.504   1.00 42.87 ? 21  ASP A O   1 
ATOM   157 C CB  . ASP A 1 23  ? 12.499  -11.981 4.690   1.00 42.52 ? 21  ASP A CB  1 
ATOM   158 C CG  . ASP A 1 23  ? 13.602  -12.450 3.780   1.00 43.10 ? 21  ASP A CG  1 
ATOM   159 O OD1 . ASP A 1 23  ? 13.325  -12.671 2.582   1.00 47.27 ? 21  ASP A OD1 1 
ATOM   160 O OD2 . ASP A 1 23  ? 14.736  -12.599 4.257   1.00 38.75 ? 21  ASP A OD2 1 
ATOM   161 N N   . GLN A 1 24  ? 9.761   -13.779 2.976   1.00 44.00 ? 22  GLN A N   1 
ATOM   162 C CA  . GLN A 1 24  ? 9.319   -15.131 2.667   1.00 45.24 ? 22  GLN A CA  1 
ATOM   163 C C   . GLN A 1 24  ? 9.219   -15.307 1.161   1.00 43.28 ? 22  GLN A C   1 
ATOM   164 O O   . GLN A 1 24  ? 8.577   -14.510 0.480   1.00 42.44 ? 22  GLN A O   1 
ATOM   165 C CB  . GLN A 1 24  ? 7.982   -15.455 3.340   1.00 38.37 ? 22  GLN A CB  1 
ATOM   166 C CG  . GLN A 1 24  ? 8.120   -15.858 4.798   1.00 48.50 ? 22  GLN A CG  1 
ATOM   167 C CD  . GLN A 1 24  ? 7.061   -16.863 5.236   1.00 62.22 ? 22  GLN A CD  1 
ATOM   168 O OE1 . GLN A 1 24  ? 5.902   -16.780 4.829   1.00 59.31 ? 22  GLN A OE1 1 
ATOM   169 N NE2 . GLN A 1 24  ? 7.458   -17.817 6.072   1.00 64.75 ? 22  GLN A NE2 1 
ATOM   170 N N   . PRO A 1 25  ? 9.872   -16.351 0.638   1.00 39.60 ? 23  PRO A N   1 
ATOM   171 C CA  . PRO A 1 25  ? 9.904   -16.597 -0.807  1.00 41.53 ? 23  PRO A CA  1 
ATOM   172 C C   . PRO A 1 25  ? 8.523   -16.913 -1.360  1.00 39.05 ? 23  PRO A C   1 
ATOM   173 O O   . PRO A 1 25  ? 7.696   -17.507 -0.666  1.00 39.38 ? 23  PRO A O   1 
ATOM   174 C CB  . PRO A 1 25  ? 10.814  -17.829 -0.942  1.00 42.78 ? 23  PRO A CB  1 
ATOM   175 C CG  . PRO A 1 25  ? 11.569  -17.911 0.347   1.00 38.14 ? 23  PRO A CG  1 
ATOM   176 C CD  . PRO A 1 25  ? 10.670  -17.331 1.394   1.00 35.33 ? 23  PRO A CD  1 
ATOM   177 N N   . GLY A 1 26  ? 8.283   -16.513 -2.604  1.00 42.23 ? 24  GLY A N   1 
ATOM   178 C CA  . GLY A 1 26  ? 7.041   -16.827 -3.285  1.00 51.61 ? 24  GLY A CA  1 
ATOM   179 C C   . GLY A 1 26  ? 5.781   -16.156 -2.754  1.00 46.24 ? 24  GLY A C   1 
ATOM   180 O O   . GLY A 1 26  ? 4.686   -16.527 -3.157  1.00 50.98 ? 24  GLY A O   1 
ATOM   181 N N   . THR A 1 27  ? 5.925   -15.176 -1.862  1.00 46.49 ? 25  THR A N   1 
ATOM   182 C CA  . THR A 1 27  ? 4.765   -14.481 -1.293  1.00 43.46 ? 25  THR A CA  1 
ATOM   183 C C   . THR A 1 27  ? 4.452   -13.192 -2.049  1.00 51.29 ? 25  THR A C   1 
ATOM   184 O O   . THR A 1 27  ? 5.226   -12.757 -2.904  1.00 46.60 ? 25  THR A O   1 
ATOM   185 C CB  . THR A 1 27  ? 4.968   -14.131 0.201   1.00 44.26 ? 25  THR A CB  1 
ATOM   186 O OG1 . THR A 1 27  ? 6.105   -13.271 0.343   1.00 45.65 ? 25  THR A OG1 1 
ATOM   187 C CG2 . THR A 1 27  ? 5.181   -15.388 1.035   1.00 45.16 ? 25  THR A CG2 1 
ATOM   188 N N   . VAL A 1 28  ? 3.313   -12.578 -1.733  1.00 51.17 ? 26  VAL A N   1 
ATOM   189 C CA  . VAL A 1 28  ? 2.990   -11.274 -2.300  1.00 47.62 ? 26  VAL A CA  1 
ATOM   190 C C   . VAL A 1 28  ? 4.063   -10.263 -1.896  1.00 44.82 ? 26  VAL A C   1 
ATOM   191 O O   . VAL A 1 28  ? 4.366   -9.329  -2.642  1.00 44.90 ? 26  VAL A O   1 
ATOM   192 C CB  . VAL A 1 28  ? 1.581   -10.776 -1.879  1.00 49.06 ? 26  VAL A CB  1 
ATOM   193 C CG1 . VAL A 1 28  ? 1.468   -10.672 -0.360  1.00 52.17 ? 26  VAL A CG1 1 
ATOM   194 C CG2 . VAL A 1 28  ? 1.267   -9.439  -2.543  1.00 47.73 ? 26  VAL A CG2 1 
ATOM   195 N N   . PHE A 1 29  ? 4.651   -10.464 -0.720  1.00 39.87 ? 27  PHE A N   1 
ATOM   196 C CA  . PHE A 1 29  ? 5.767   -9.630  -0.293  1.00 45.10 ? 27  PHE A CA  1 
ATOM   197 C C   . PHE A 1 29  ? 6.889   -9.704  -1.324  1.00 45.66 ? 27  PHE A C   1 
ATOM   198 O O   . PHE A 1 29  ? 7.432   -8.679  -1.733  1.00 41.51 ? 27  PHE A O   1 
ATOM   199 C CB  . PHE A 1 29  ? 6.290   -10.067 1.078   1.00 38.95 ? 27  PHE A CB  1 
ATOM   200 C CG  . PHE A 1 29  ? 5.316   -9.858  2.197   1.00 34.57 ? 27  PHE A CG  1 
ATOM   201 C CD1 . PHE A 1 29  ? 4.889   -8.586  2.534   1.00 35.73 ? 27  PHE A CD1 1 
ATOM   202 C CD2 . PHE A 1 29  ? 4.848   -10.933 2.930   1.00 43.74 ? 27  PHE A CD2 1 
ATOM   203 C CE1 . PHE A 1 29  ? 4.004   -8.391  3.568   1.00 41.87 ? 27  PHE A CE1 1 
ATOM   204 C CE2 . PHE A 1 29  ? 3.960   -10.748 3.970   1.00 40.40 ? 27  PHE A CE2 1 
ATOM   205 C CZ  . PHE A 1 29  ? 3.535   -9.476  4.290   1.00 46.06 ? 27  PHE A CZ  1 
ATOM   206 N N   . ALA A 1 30  ? 7.224   -10.922 -1.747  1.00 42.66 ? 28  ALA A N   1 
ATOM   207 C CA  . ALA A 1 30  ? 8.314   -11.132 -2.697  1.00 45.70 ? 28  ALA A CA  1 
ATOM   208 C C   . ALA A 1 30  ? 8.052   -10.482 -4.057  1.00 40.68 ? 28  ALA A C   1 
ATOM   209 O O   . ALA A 1 30  ? 8.984   -10.168 -4.792  1.00 43.74 ? 28  ALA A O   1 
ATOM   210 C CB  . ALA A 1 30  ? 8.603   -12.623 -2.862  1.00 41.34 ? 28  ALA A CB  1 
ATOM   211 N N   . GLU A 1 31  ? 6.782   -10.282 -4.390  1.00 46.63 ? 29  GLU A N   1 
ATOM   212 C CA  . GLU A 1 31  ? 6.422   -9.674  -5.667  1.00 45.07 ? 29  GLU A CA  1 
ATOM   213 C C   . GLU A 1 31  ? 6.406   -8.161  -5.548  1.00 41.74 ? 29  GLU A C   1 
ATOM   214 O O   . GLU A 1 31  ? 6.308   -7.455  -6.545  1.00 47.44 ? 29  GLU A O   1 
ATOM   215 C CB  . GLU A 1 31  ? 5.046   -10.156 -6.127  1.00 43.24 ? 29  GLU A CB  1 
ATOM   216 C CG  . GLU A 1 31  ? 4.830   -11.659 -6.020  1.00 50.88 ? 29  GLU A CG  1 
ATOM   217 C CD  . GLU A 1 31  ? 3.401   -12.063 -6.360  1.00 61.89 ? 29  GLU A CD  1 
ATOM   218 O OE1 . GLU A 1 31  ? 2.650   -11.207 -6.876  1.00 59.40 ? 29  GLU A OE1 1 
ATOM   219 O OE2 . GLU A 1 31  ? 3.028   -13.231 -6.109  1.00 59.59 ? 29  GLU A OE2 1 
ATOM   220 N N   . THR A 1 32  ? 6.509   -7.673  -4.317  1.00 43.87 ? 30  THR A N   1 
ATOM   221 C CA  . THR A 1 32  ? 6.322   -6.258  -4.032  1.00 42.72 ? 30  THR A CA  1 
ATOM   222 C C   . THR A 1 32  ? 7.619   -5.573  -3.619  1.00 42.93 ? 30  THR A C   1 
ATOM   223 O O   . THR A 1 32  ? 7.882   -4.442  -4.018  1.00 44.59 ? 30  THR A O   1 
ATOM   224 C CB  . THR A 1 32  ? 5.261   -6.070  -2.933  1.00 42.81 ? 30  THR A CB  1 
ATOM   225 O OG1 . THR A 1 32  ? 4.045   -6.699  -3.348  1.00 44.45 ? 30  THR A OG1 1 
ATOM   226 C CG2 . THR A 1 32  ? 5.000   -4.596  -2.666  1.00 38.23 ? 30  THR A CG2 1 
ATOM   227 N N   . PHE A 1 33  ? 8.427   -6.258  -2.817  1.00 41.90 ? 31  PHE A N   1 
ATOM   228 C CA  . PHE A 1 33  ? 9.703   -5.704  -2.389  1.00 41.29 ? 31  PHE A CA  1 
ATOM   229 C C   . PHE A 1 33  ? 10.859  -6.562  -2.882  1.00 40.00 ? 31  PHE A C   1 
ATOM   230 O O   . PHE A 1 33  ? 10.726  -7.780  -3.001  1.00 41.30 ? 31  PHE A O   1 
ATOM   231 C CB  . PHE A 1 33  ? 9.750   -5.573  -0.865  1.00 39.54 ? 31  PHE A CB  1 
ATOM   232 C CG  . PHE A 1 33  ? 8.570   -4.855  -0.284  1.00 38.18 ? 31  PHE A CG  1 
ATOM   233 C CD1 . PHE A 1 33  ? 8.301   -3.538  -0.633  1.00 45.07 ? 31  PHE A CD1 1 
ATOM   234 C CD2 . PHE A 1 33  ? 7.727   -5.493  0.610   1.00 35.17 ? 31  PHE A CD2 1 
ATOM   235 C CE1 . PHE A 1 33  ? 7.210   -2.869  -0.098  1.00 44.18 ? 31  PHE A CE1 1 
ATOM   236 C CE2 . PHE A 1 33  ? 6.638   -4.830  1.157   1.00 35.65 ? 31  PHE A CE2 1 
ATOM   237 C CZ  . PHE A 1 33  ? 6.378   -3.514  0.801   1.00 35.82 ? 31  PHE A CZ  1 
ATOM   238 N N   . THR A 1 34  ? 11.988  -5.919  -3.171  1.00 37.17 ? 32  THR A N   1 
ATOM   239 C CA  . THR A 1 34  ? 13.185  -6.633  -3.605  1.00 39.29 ? 32  THR A CA  1 
ATOM   240 C C   . THR A 1 34  ? 13.746  -7.489  -2.472  1.00 36.60 ? 32  THR A C   1 
ATOM   241 O O   . THR A 1 34  ? 13.534  -7.188  -1.298  1.00 42.45 ? 32  THR A O   1 
ATOM   242 C CB  . THR A 1 34  ? 14.294  -5.670  -4.102  1.00 41.78 ? 32  THR A CB  1 
ATOM   243 O OG1 . THR A 1 34  ? 14.817  -4.921  -3.002  1.00 44.32 ? 32  THR A OG1 1 
ATOM   244 C CG2 . THR A 1 34  ? 13.757  -4.709  -5.173  1.00 41.44 ? 32  THR A CG2 1 
ATOM   245 N N   . PRO A 1 35  ? 14.458  -8.566  -2.824  1.00 38.54 ? 33  PRO A N   1 
ATOM   246 C CA  . PRO A 1 35  ? 15.101  -9.404  -1.810  1.00 41.92 ? 33  PRO A CA  1 
ATOM   247 C C   . PRO A 1 35  ? 15.884  -8.578  -0.796  1.00 34.63 ? 33  PRO A C   1 
ATOM   248 O O   . PRO A 1 35  ? 15.798  -8.843  0.401   1.00 40.44 ? 33  PRO A O   1 
ATOM   249 C CB  . PRO A 1 35  ? 16.040  -10.283 -2.638  1.00 40.73 ? 33  PRO A CB  1 
ATOM   250 C CG  . PRO A 1 35  ? 15.336  -10.431 -3.939  1.00 37.83 ? 33  PRO A CG  1 
ATOM   251 C CD  . PRO A 1 35  ? 14.637  -9.110  -4.185  1.00 36.85 ? 33  PRO A CD  1 
ATOM   252 N N   . GLY A 1 36  ? 16.621  -7.578  -1.266  1.00 39.08 ? 34  GLY A N   1 
ATOM   253 C CA  . GLY A 1 36  ? 17.402  -6.727  -0.380  1.00 42.36 ? 34  GLY A CA  1 
ATOM   254 C C   . GLY A 1 36  ? 16.555  -5.902  0.573   1.00 43.57 ? 34  GLY A C   1 
ATOM   255 O O   . GLY A 1 36  ? 16.862  -5.782  1.757   1.00 42.29 ? 34  GLY A O   1 
ATOM   256 N N   . GLU A 1 37  ? 15.480  -5.324  0.050   1.00 40.80 ? 35  GLU A N   1 
ATOM   257 C CA  . GLU A 1 37  ? 14.567  -4.558  0.877   1.00 37.16 ? 35  GLU A CA  1 
ATOM   258 C C   . GLU A 1 37  ? 13.962  -5.428  1.959   1.00 35.35 ? 35  GLU A C   1 
ATOM   259 O O   . GLU A 1 37  ? 13.782  -4.993  3.091   1.00 39.96 ? 35  GLU A O   1 
ATOM   260 C CB  . GLU A 1 37  ? 13.457  -3.944  0.022   1.00 44.30 ? 35  GLU A CB  1 
ATOM   261 C CG  . GLU A 1 37  ? 13.856  -2.647  -0.668  1.00 44.56 ? 35  GLU A CG  1 
ATOM   262 C CD  . GLU A 1 37  ? 12.801  -2.150  -1.642  1.00 47.23 ? 35  GLU A CD  1 
ATOM   263 O OE1 . GLU A 1 37  ? 11.959  -2.962  -2.079  1.00 42.44 ? 35  GLU A OE1 1 
ATOM   264 O OE2 . GLU A 1 37  ? 12.818  -0.944  -1.973  1.00 56.37 ? 35  GLU A OE2 1 
ATOM   265 N N   . ARG A 1 38  ? 13.651  -6.667  1.603   1.00 39.69 ? 36  ARG A N   1 
ATOM   266 C CA  . ARG A 1 38  ? 12.974  -7.569  2.524   1.00 37.93 ? 36  ARG A CA  1 
ATOM   267 C C   . ARG A 1 38  ? 13.888  -8.113  3.619   1.00 37.49 ? 36  ARG A C   1 
ATOM   268 O O   . ARG A 1 38  ? 13.443  -8.329  4.751   1.00 38.44 ? 36  ARG A O   1 
ATOM   269 C CB  . ARG A 1 38  ? 12.268  -8.690  1.755   1.00 39.28 ? 36  ARG A CB  1 
ATOM   270 C CG  . ARG A 1 38  ? 11.081  -8.171  0.954   1.00 40.51 ? 36  ARG A CG  1 
ATOM   271 C CD  . ARG A 1 38  ? 10.349  -9.272  0.211   1.00 45.72 ? 36  ARG A CD  1 
ATOM   272 N NE  . ARG A 1 38  ? 11.160  -9.846  -0.855  1.00 46.68 ? 36  ARG A NE  1 
ATOM   273 C CZ  . ARG A 1 38  ? 11.614  -11.092 -0.850  1.00 36.28 ? 36  ARG A CZ  1 
ATOM   274 N NH1 . ARG A 1 38  ? 12.349  -11.537 -1.856  1.00 39.87 ? 36  ARG A NH1 1 
ATOM   275 N NH2 . ARG A 1 38  ? 11.317  -11.891 0.159   1.00 43.75 ? 36  ARG A NH2 1 
ATOM   276 N N   . ARG A 1 39  ? 15.160  -8.320  3.291   1.00 35.52 ? 37  ARG A N   1 
ATOM   277 C CA  . ARG A 1 39  ? 16.143  -8.743  4.288   1.00 43.64 ? 37  ARG A CA  1 
ATOM   278 C C   . ARG A 1 39  ? 16.385  -7.628  5.294   1.00 42.63 ? 37  ARG A C   1 
ATOM   279 O O   . ARG A 1 39  ? 16.338  -7.850  6.505   1.00 40.85 ? 37  ARG A O   1 
ATOM   280 C CB  . ARG A 1 39  ? 17.474  -9.139  3.633   1.00 42.45 ? 37  ARG A CB  1 
ATOM   281 C CG  . ARG A 1 39  ? 17.476  -10.519 3.002   1.00 45.08 ? 37  ARG A CG  1 
ATOM   282 C CD  . ARG A 1 39  ? 18.867  -10.915 2.532   1.00 40.11 ? 37  ARG A CD  1 
ATOM   283 N NE  . ARG A 1 39  ? 19.394  -10.019 1.503   1.00 32.33 ? 37  ARG A NE  1 
ATOM   284 C CZ  . ARG A 1 39  ? 19.369  -10.278 0.199   1.00 41.05 ? 37  ARG A CZ  1 
ATOM   285 N NH1 . ARG A 1 39  ? 18.839  -11.408 -0.251  1.00 38.12 ? 37  ARG A NH1 1 
ATOM   286 N NH2 . ARG A 1 39  ? 19.875  -9.407  -0.663  1.00 42.38 ? 37  ARG A NH2 1 
ATOM   287 N N   . ASP A 1 40  ? 16.655  -6.431  4.778   1.00 40.33 ? 38  ASP A N   1 
ATOM   288 C CA  . ASP A 1 40  ? 16.819  -5.246  5.612   1.00 40.66 ? 38  ASP A CA  1 
ATOM   289 C C   . ASP A 1 40  ? 15.644  -5.122  6.570   1.00 42.15 ? 38  ASP A C   1 
ATOM   290 O O   . ASP A 1 40  ? 15.829  -5.016  7.780   1.00 47.00 ? 38  ASP A O   1 
ATOM   291 C CB  . ASP A 1 40  ? 16.892  -3.979  4.749   1.00 42.84 ? 38  ASP A CB  1 
ATOM   292 C CG  . ASP A 1 40  ? 18.178  -3.879  3.949   1.00 45.41 ? 38  ASP A CG  1 
ATOM   293 O OD1 . ASP A 1 40  ? 19.103  -4.678  4.199   1.00 53.44 ? 38  ASP A OD1 1 
ATOM   294 O OD2 . ASP A 1 40  ? 18.264  -2.996  3.069   1.00 47.57 ? 38  ASP A OD2 1 
ATOM   295 N N   . ALA A 1 41  ? 14.435  -5.139  6.015   1.00 38.13 ? 39  ALA A N   1 
ATOM   296 C CA  . ALA A 1 41  ? 13.222  -4.920  6.797   1.00 43.02 ? 39  ALA A CA  1 
ATOM   297 C C   . ALA A 1 41  ? 12.974  -6.049  7.791   1.00 47.76 ? 39  ALA A C   1 
ATOM   298 O O   . ALA A 1 41  ? 12.160  -5.915  8.708   1.00 45.98 ? 39  ALA A O   1 
ATOM   299 C CB  . ALA A 1 41  ? 12.017  -4.747  5.877   1.00 37.75 ? 39  ALA A CB  1 
ATOM   300 N N   . SER A 1 42  ? 13.683  -7.157  7.598   1.00 41.47 ? 40  SER A N   1 
ATOM   301 C CA  . SER A 1 42  ? 13.587  -8.326  8.475   1.00 43.12 ? 40  SER A CA  1 
ATOM   302 C C   . SER A 1 42  ? 14.041  -8.007  9.905   1.00 48.99 ? 40  SER A C   1 
ATOM   303 O O   . SER A 1 42  ? 13.788  -8.772  10.839  1.00 48.70 ? 40  SER A O   1 
ATOM   304 C CB  . SER A 1 42  ? 14.431  -9.471  7.896   1.00 42.26 ? 40  SER A CB  1 
ATOM   305 O OG  . SER A 1 42  ? 14.276  -10.661 8.638   1.00 59.16 ? 40  SER A OG  1 
ATOM   306 N N   . ASP A 1 43  ? 14.723  -6.878  10.063  1.00 45.71 ? 41  ASP A N   1 
ATOM   307 C CA  . ASP A 1 43  ? 15.156  -6.406  11.369  1.00 48.60 ? 41  ASP A CA  1 
ATOM   308 C C   . ASP A 1 43  ? 14.125  -5.413  11.888  1.00 48.55 ? 41  ASP A C   1 
ATOM   309 O O   . ASP A 1 43  ? 14.079  -4.267  11.443  1.00 49.88 ? 41  ASP A O   1 
ATOM   310 C CB  . ASP A 1 43  ? 16.529  -5.742  11.253  1.00 54.03 ? 41  ASP A CB  1 
ATOM   311 C CG  . ASP A 1 43  ? 16.955  -5.036  12.529  1.00 60.03 ? 41  ASP A CG  1 
ATOM   312 O OD1 . ASP A 1 43  ? 16.286  -5.200  13.573  1.00 60.43 ? 41  ASP A OD1 1 
ATOM   313 O OD2 . ASP A 1 43  ? 17.971  -4.310  12.484  1.00 66.96 ? 41  ASP A OD2 1 
ATOM   314 N N   . LYS A 1 44  ? 13.304  -5.855  12.834  1.00 40.43 ? 42  LYS A N   1 
ATOM   315 C CA  . LYS A 1 44  ? 12.137  -5.086  13.257  1.00 54.89 ? 42  LYS A CA  1 
ATOM   316 C C   . LYS A 1 44  ? 12.449  -3.708  13.852  1.00 56.74 ? 42  LYS A C   1 
ATOM   317 O O   . LYS A 1 44  ? 11.599  -2.818  13.832  1.00 58.90 ? 42  LYS A O   1 
ATOM   318 C CB  . LYS A 1 44  ? 11.265  -5.904  14.217  1.00 58.01 ? 42  LYS A CB  1 
ATOM   319 C CG  . LYS A 1 44  ? 11.917  -6.249  15.549  1.00 54.29 ? 42  LYS A CG  1 
ATOM   320 C CD  . LYS A 1 44  ? 10.991  -7.141  16.367  1.00 67.07 ? 42  LYS A CD  1 
ATOM   321 C CE  . LYS A 1 44  ? 11.524  -7.388  17.769  1.00 77.99 ? 42  LYS A CE  1 
ATOM   322 N NZ  . LYS A 1 44  ? 10.519  -8.098  18.616  1.00 83.65 ? 42  LYS A NZ  1 
ATOM   323 N N   . SER A 1 45  ? 13.658  -3.530  14.374  1.00 58.16 ? 43  SER A N   1 
ATOM   324 C CA  . SER A 1 45  ? 14.026  -2.263  15.007  1.00 58.69 ? 43  SER A CA  1 
ATOM   325 C C   . SER A 1 45  ? 14.651  -1.284  14.019  1.00 57.33 ? 43  SER A C   1 
ATOM   326 O O   . SER A 1 45  ? 15.075  -0.193  14.401  1.00 60.55 ? 43  SER A O   1 
ATOM   327 C CB  . SER A 1 45  ? 14.974  -2.499  16.188  1.00 66.76 ? 43  SER A CB  1 
ATOM   328 O OG  . SER A 1 45  ? 16.233  -2.991  15.755  1.00 68.09 ? 43  SER A OG  1 
ATOM   329 N N   . SER A 1 46  ? 14.707  -1.674  12.749  1.00 58.57 ? 44  SER A N   1 
ATOM   330 C CA  . SER A 1 46  ? 15.336  -0.848  11.721  1.00 53.11 ? 44  SER A CA  1 
ATOM   331 C C   . SER A 1 46  ? 14.410  0.251   11.206  1.00 49.25 ? 44  SER A C   1 
ATOM   332 O O   . SER A 1 46  ? 13.201  0.217   11.421  1.00 53.91 ? 44  SER A O   1 
ATOM   333 C CB  . SER A 1 46  ? 15.812  -1.716  10.554  1.00 54.97 ? 44  SER A CB  1 
ATOM   334 O OG  . SER A 1 46  ? 14.713  -2.269  9.850   1.00 48.56 ? 44  SER A OG  1 
ATOM   335 N N   . SER A 1 47  ? 14.992  1.231   10.529  1.00 55.69 ? 45  SER A N   1 
ATOM   336 C CA  . SER A 1 47  ? 14.211  2.286   9.912   1.00 53.76 ? 45  SER A CA  1 
ATOM   337 C C   . SER A 1 47  ? 13.630  1.735   8.620   1.00 52.59 ? 45  SER A C   1 
ATOM   338 O O   . SER A 1 47  ? 12.556  2.147   8.183   1.00 55.09 ? 45  SER A O   1 
ATOM   339 C CB  . SER A 1 47  ? 15.081  3.512   9.634   1.00 54.51 ? 45  SER A CB  1 
ATOM   340 O OG  . SER A 1 47  ? 14.292  4.615   9.212   1.00 62.38 ? 45  SER A OG  1 
ATOM   341 N N   . ALA A 1 48  ? 14.345  0.788   8.023   1.00 46.61 ? 46  ALA A N   1 
ATOM   342 C CA  . ALA A 1 48  ? 13.886  0.124   6.809   1.00 45.98 ? 46  ALA A CA  1 
ATOM   343 C C   . ALA A 1 48  ? 12.594  -0.660  7.040   1.00 45.12 ? 46  ALA A C   1 
ATOM   344 O O   . ALA A 1 48  ? 11.726  -0.693  6.169   1.00 41.90 ? 46  ALA A O   1 
ATOM   345 C CB  . ALA A 1 48  ? 14.971  -0.786  6.255   1.00 49.23 ? 46  ALA A CB  1 
ATOM   346 N N   . ALA A 1 49  ? 12.468  -1.295  8.204   1.00 43.85 ? 47  ALA A N   1 
ATOM   347 C CA  . ALA A 1 49  ? 11.241  -2.015  8.546   1.00 43.21 ? 47  ALA A CA  1 
ATOM   348 C C   . ALA A 1 49  ? 10.076  -1.032  8.712   1.00 42.51 ? 47  ALA A C   1 
ATOM   349 O O   . ALA A 1 49  ? 8.951   -1.289  8.278   1.00 37.64 ? 47  ALA A O   1 
ATOM   350 C CB  . ALA A 1 49  ? 11.437  -2.822  9.809   1.00 41.20 ? 47  ALA A CB  1 
ATOM   351 N N   . ARG A 1 50  ? 10.373  0.097   9.341   1.00 39.51 ? 48  ARG A N   1 
ATOM   352 C CA  . ARG A 1 50  ? 9.399   1.148   9.602   1.00 48.37 ? 48  ARG A CA  1 
ATOM   353 C C   . ARG A 1 50  ? 8.738   1.638   8.322   1.00 42.73 ? 48  ARG A C   1 
ATOM   354 O O   . ARG A 1 50  ? 7.513   1.703   8.224   1.00 43.92 ? 48  ARG A O   1 
ATOM   355 C CB  . ARG A 1 50  ? 10.108  2.313   10.288  1.00 58.81 ? 48  ARG A CB  1 
ATOM   356 C CG  . ARG A 1 50  ? 9.206   3.345   10.918  1.00 58.49 ? 48  ARG A CG  1 
ATOM   357 C CD  . ARG A 1 50  ? 9.905   3.885   12.139  1.00 64.77 ? 48  ARG A CD  1 
ATOM   358 N NE  . ARG A 1 50  ? 10.284  2.784   13.020  1.00 68.88 ? 48  ARG A NE  1 
ATOM   359 C CZ  . ARG A 1 50  ? 11.430  2.715   13.690  1.00 76.53 ? 48  ARG A CZ  1 
ATOM   360 N NH1 . ARG A 1 50  ? 11.682  1.667   14.466  1.00 69.05 ? 48  ARG A NH1 1 
ATOM   361 N NH2 . ARG A 1 50  ? 12.329  3.683   13.574  1.00 73.56 ? 48  ARG A NH2 1 
ATOM   362 N N   . HIS A 1 51  ? 9.565   1.981   7.341   1.00 39.80 ? 49  HIS A N   1 
ATOM   363 C CA  . HIS A 1 51  ? 9.081   2.545   6.089   1.00 40.27 ? 49  HIS A CA  1 
ATOM   364 C C   . HIS A 1 51  ? 8.406   1.523   5.181   1.00 37.42 ? 49  HIS A C   1 
ATOM   365 O O   . HIS A 1 51  ? 7.365   1.806   4.588   1.00 38.72 ? 49  HIS A O   1 
ATOM   366 C CB  . HIS A 1 51  ? 10.214  3.272   5.362   1.00 44.96 ? 49  HIS A CB  1 
ATOM   367 C CG  . HIS A 1 51  ? 10.701  4.488   6.089   1.00 59.75 ? 49  HIS A CG  1 
ATOM   368 N ND1 . HIS A 1 51  ? 11.923  4.537   6.729   1.00 53.37 ? 49  HIS A ND1 1 
ATOM   369 C CD2 . HIS A 1 51  ? 10.116  5.691   6.303   1.00 52.74 ? 49  HIS A CD2 1 
ATOM   370 C CE1 . HIS A 1 51  ? 12.074  5.722   7.292   1.00 54.57 ? 49  HIS A CE1 1 
ATOM   371 N NE2 . HIS A 1 51  ? 10.992  6.441   7.050   1.00 59.42 ? 49  HIS A NE2 1 
ATOM   372 N N   . LEU A 1 52  ? 8.975   0.327   5.093   1.00 37.88 ? 50  LEU A N   1 
ATOM   373 C CA  . LEU A 1 52  ? 8.399   -0.712  4.247   1.00 36.48 ? 50  LEU A CA  1 
ATOM   374 C C   . LEU A 1 52  ? 6.996   -1.081  4.732   1.00 31.90 ? 50  LEU A C   1 
ATOM   375 O O   . LEU A 1 52  ? 6.094   -1.333  3.932   1.00 32.92 ? 50  LEU A O   1 
ATOM   376 C CB  . LEU A 1 52  ? 9.299   -1.947  4.234   1.00 39.70 ? 50  LEU A CB  1 
ATOM   377 C CG  . LEU A 1 52  ? 9.494   -2.606  2.867   1.00 43.24 ? 50  LEU A CG  1 
ATOM   378 C CD1 . LEU A 1 52  ? 10.325  -1.698  1.978   1.00 40.46 ? 50  LEU A CD1 1 
ATOM   379 C CD2 . LEU A 1 52  ? 10.154  -3.975  3.002   1.00 41.40 ? 50  LEU A CD2 1 
ATOM   380 N N   . ALA A 1 53  ? 6.825   -1.101  6.050   1.00 30.47 ? 51  ALA A N   1 
ATOM   381 C CA  . ALA A 1 53  ? 5.530   -1.373  6.665   1.00 36.74 ? 51  ALA A CA  1 
ATOM   382 C C   . ALA A 1 53  ? 4.498   -0.308  6.294   1.00 32.01 ? 51  ALA A C   1 
ATOM   383 O O   . ALA A 1 53  ? 3.344   -0.625  5.997   1.00 33.30 ? 51  ALA A O   1 
ATOM   384 C CB  . ALA A 1 53  ? 5.673   -1.479  8.180   1.00 31.98 ? 51  ALA A CB  1 
ATOM   385 N N   . ALA A 1 54  ? 4.924   0.950   6.301   1.00 31.75 ? 52  ALA A N   1 
ATOM   386 C CA  . ALA A 1 54  ? 4.048   2.064   5.938   1.00 33.68 ? 52  ALA A CA  1 
ATOM   387 C C   . ALA A 1 54  ? 3.656   2.019   4.454   1.00 32.71 ? 52  ALA A C   1 
ATOM   388 O O   . ALA A 1 54  ? 2.528   2.341   4.098   1.00 28.96 ? 52  ALA A O   1 
ATOM   389 C CB  . ALA A 1 54  ? 4.719   3.405   6.287   1.00 32.01 ? 52  ALA A CB  1 
ATOM   390 N N   . ARG A 1 55  ? 4.596   1.619   3.601   1.00 32.49 ? 53  ARG A N   1 
ATOM   391 C CA  . ARG A 1 55  ? 4.324   1.427   2.181   1.00 32.49 ? 53  ARG A CA  1 
ATOM   392 C C   . ARG A 1 55  ? 3.344   0.281   1.971   1.00 28.55 ? 53  ARG A C   1 
ATOM   393 O O   . ARG A 1 55  ? 2.481   0.337   1.098   1.00 33.31 ? 53  ARG A O   1 
ATOM   394 C CB  . ARG A 1 55  ? 5.618   1.142   1.410   1.00 32.69 ? 53  ARG A CB  1 
ATOM   395 C CG  . ARG A 1 55  ? 6.467   2.369   1.130   1.00 39.05 ? 53  ARG A CG  1 
ATOM   396 C CD  . ARG A 1 55  ? 7.831   2.005   0.529   1.00 45.82 ? 53  ARG A CD  1 
ATOM   397 N NE  . ARG A 1 55  ? 7.730   1.180   -0.675  1.00 43.58 ? 53  ARG A NE  1 
ATOM   398 C CZ  . ARG A 1 55  ? 8.774   0.645   -1.308  1.00 48.03 ? 53  ARG A CZ  1 
ATOM   399 N NH1 . ARG A 1 55  ? 10.006  0.844   -0.859  1.00 47.28 ? 53  ARG A NH1 1 
ATOM   400 N NH2 . ARG A 1 55  ? 8.590   -0.098  -2.391  1.00 52.56 ? 53  ARG A NH2 1 
ATOM   401 N N   . TRP A 1 56  ? 3.486   -0.759  2.778   1.00 30.35 ? 54  TRP A N   1 
ATOM   402 C CA  . TRP A 1 56  ? 2.613   -1.913  2.669   1.00 27.86 ? 54  TRP A CA  1 
ATOM   403 C C   . TRP A 1 56  ? 1.212   -1.562  3.161   1.00 30.52 ? 54  TRP A C   1 
ATOM   404 O O   . TRP A 1 56  ? 0.214   -1.945  2.539   1.00 31.54 ? 54  TRP A O   1 
ATOM   405 C CB  . TRP A 1 56  ? 3.193   -3.101  3.443   1.00 28.86 ? 54  TRP A CB  1 
ATOM   406 C CG  . TRP A 1 56  ? 2.312   -4.293  3.417   1.00 34.29 ? 54  TRP A CG  1 
ATOM   407 C CD1 . TRP A 1 56  ? 1.455   -4.702  4.399   1.00 37.87 ? 54  TRP A CD1 1 
ATOM   408 C CD2 . TRP A 1 56  ? 2.175   -5.234  2.349   1.00 32.03 ? 54  TRP A CD2 1 
ATOM   409 N NE1 . TRP A 1 56  ? 0.797   -5.840  4.008   1.00 38.21 ? 54  TRP A NE1 1 
ATOM   410 C CE2 . TRP A 1 56  ? 1.219   -6.186  2.752   1.00 37.90 ? 54  TRP A CE2 1 
ATOM   411 C CE3 . TRP A 1 56  ? 2.771   -5.367  1.093   1.00 37.10 ? 54  TRP A CE3 1 
ATOM   412 C CZ2 . TRP A 1 56  ? 0.849   -7.259  1.946   1.00 39.21 ? 54  TRP A CZ2 1 
ATOM   413 C CZ3 . TRP A 1 56  ? 2.399   -6.431  0.293   1.00 35.48 ? 54  TRP A CZ3 1 
ATOM   414 C CH2 . TRP A 1 56  ? 1.452   -7.363  0.722   1.00 32.98 ? 54  TRP A CH2 1 
ATOM   415 N N   . ALA A 1 57  ? 1.138   -0.816  4.265   1.00 28.74 ? 55  ALA A N   1 
ATOM   416 C CA  . ALA A 1 57  ? -0.146  -0.336  4.780   1.00 28.73 ? 55  ALA A CA  1 
ATOM   417 C C   . ALA A 1 57  ? -0.873  0.526   3.753   1.00 25.75 ? 55  ALA A C   1 
ATOM   418 O O   . ALA A 1 57  ? -2.077  0.387   3.563   1.00 27.89 ? 55  ALA A O   1 
ATOM   419 C CB  . ALA A 1 57  ? 0.043   0.442   6.094   1.00 28.70 ? 55  ALA A CB  1 
ATOM   420 N N   . ALA A 1 58  ? -0.141  1.412   3.086   1.00 25.32 ? 56  ALA A N   1 
ATOM   421 C CA  . ALA A 1 58  ? -0.759  2.265   2.067   1.00 31.49 ? 56  ALA A CA  1 
ATOM   422 C C   . ALA A 1 58  ? -1.327  1.434   0.914   1.00 32.53 ? 56  ALA A C   1 
ATOM   423 O O   . ALA A 1 58  ? -2.482  1.599   0.516   1.00 31.04 ? 56  ALA A O   1 
ATOM   424 C CB  . ALA A 1 58  ? 0.233   3.301   1.545   1.00 25.28 ? 56  ALA A CB  1 
ATOM   425 N N   . LYS A 1 59  ? -0.509  0.535   0.386   1.00 35.83 ? 57  LYS A N   1 
ATOM   426 C CA  . LYS A 1 59  ? -0.946  -0.325  -0.701  1.00 35.52 ? 57  LYS A CA  1 
ATOM   427 C C   . LYS A 1 59  ? -2.222  -1.073  -0.302  1.00 30.92 ? 57  LYS A C   1 
ATOM   428 O O   . LYS A 1 59  ? -3.145  -1.215  -1.100  1.00 39.80 ? 57  LYS A O   1 
ATOM   429 C CB  . LYS A 1 59  ? 0.170   -1.297  -1.096  1.00 35.04 ? 57  LYS A CB  1 
ATOM   430 C CG  . LYS A 1 59  ? -0.161  -2.159  -2.308  1.00 49.31 ? 57  LYS A CG  1 
ATOM   431 C CD  . LYS A 1 59  ? 0.914   -3.207  -2.591  1.00 48.18 ? 57  LYS A CD  1 
ATOM   432 C CE  . LYS A 1 59  ? 0.541   -4.057  -3.811  1.00 54.98 ? 57  LYS A CE  1 
ATOM   433 N NZ  . LYS A 1 59  ? 1.499   -5.172  -4.073  1.00 51.17 ? 57  LYS A NZ  1 
ATOM   434 N N   . GLU A 1 60  ? -2.283  -1.519  0.947   1.00 37.16 ? 58  GLU A N   1 
ATOM   435 C CA  . GLU A 1 60  ? -3.439  -2.264  1.439   1.00 31.08 ? 58  GLU A CA  1 
ATOM   436 C C   . GLU A 1 60  ? -4.671  -1.378  1.556   1.00 36.34 ? 58  GLU A C   1 
ATOM   437 O O   . GLU A 1 60  ? -5.785  -1.800  1.236   1.00 35.93 ? 58  GLU A O   1 
ATOM   438 C CB  . GLU A 1 60  ? -3.126  -2.918  2.785   1.00 30.10 ? 58  GLU A CB  1 
ATOM   439 C CG  . GLU A 1 60  ? -2.136  -4.069  2.690   1.00 37.47 ? 58  GLU A CG  1 
ATOM   440 C CD  . GLU A 1 60  ? -2.796  -5.364  2.236   1.00 39.30 ? 58  GLU A CD  1 
ATOM   441 O OE1 . GLU A 1 60  ? -3.703  -5.848  2.942   1.00 39.23 ? 58  GLU A OE1 1 
ATOM   442 O OE2 . GLU A 1 60  ? -2.418  -5.887  1.170   1.00 35.36 ? 58  GLU A OE2 1 
ATOM   443 N N   . ALA A 1 61  ? -4.476  -0.147  2.020   1.00 35.67 ? 59  ALA A N   1 
ATOM   444 C CA  . ALA A 1 61  ? -5.591  0.785   2.136   1.00 30.65 ? 59  ALA A CA  1 
ATOM   445 C C   . ALA A 1 61  ? -6.173  1.075   0.748   1.00 31.11 ? 59  ALA A C   1 
ATOM   446 O O   . ALA A 1 61  ? -7.379  1.157   0.580   1.00 30.52 ? 59  ALA A O   1 
ATOM   447 C CB  . ALA A 1 61  ? -5.151  2.063   2.818   1.00 22.91 ? 59  ALA A CB  1 
ATOM   448 N N   . VAL A 1 62  ? -5.297  1.226   -0.239  1.00 30.70 ? 60  VAL A N   1 
ATOM   449 C CA  . VAL A 1 62  ? -5.713  1.486   -1.606  1.00 33.91 ? 60  VAL A CA  1 
ATOM   450 C C   . VAL A 1 62  ? -6.475  0.292   -2.179  1.00 39.11 ? 60  VAL A C   1 
ATOM   451 O O   . VAL A 1 62  ? -7.495  0.458   -2.844  1.00 37.05 ? 60  VAL A O   1 
ATOM   452 C CB  . VAL A 1 62  ? -4.508  1.787   -2.515  1.00 35.63 ? 60  VAL A CB  1 
ATOM   453 C CG1 . VAL A 1 62  ? -4.928  1.727   -3.975  1.00 34.59 ? 60  VAL A CG1 1 
ATOM   454 C CG2 . VAL A 1 62  ? -3.893  3.144   -2.178  1.00 34.39 ? 60  VAL A CG2 1 
ATOM   455 N N   . ILE A 1 63  ? -5.971  -0.911  -1.918  1.00 40.16 ? 61  ILE A N   1 
ATOM   456 C CA  . ILE A 1 63  ? -6.642  -2.123  -2.368  1.00 38.39 ? 61  ILE A CA  1 
ATOM   457 C C   . ILE A 1 63  ? -8.039  -2.231  -1.776  1.00 42.49 ? 61  ILE A C   1 
ATOM   458 O O   . ILE A 1 63  ? -8.987  -2.579  -2.478  1.00 49.42 ? 61  ILE A O   1 
ATOM   459 C CB  . ILE A 1 63  ? -5.833  -3.384  -2.029  1.00 41.31 ? 61  ILE A CB  1 
ATOM   460 C CG1 . ILE A 1 63  ? -4.602  -3.468  -2.927  1.00 39.62 ? 61  ILE A CG1 1 
ATOM   461 C CG2 . ILE A 1 63  ? -6.692  -4.629  -2.187  1.00 45.11 ? 61  ILE A CG2 1 
ATOM   462 C CD1 . ILE A 1 63  ? -3.503  -4.378  -2.383  1.00 39.21 ? 61  ILE A CD1 1 
ATOM   463 N N   . LYS A 1 64  ? -8.171  -1.917  -0.490  1.00 40.76 ? 62  LYS A N   1 
ATOM   464 C CA  . LYS A 1 64  ? -9.481  -1.938  0.159   1.00 43.20 ? 62  LYS A CA  1 
ATOM   465 C C   . LYS A 1 64  ? -10.447 -0.949  -0.477  1.00 44.87 ? 62  LYS A C   1 
ATOM   466 O O   . LYS A 1 64  ? -11.619 -1.259  -0.691  1.00 47.82 ? 62  LYS A O   1 
ATOM   467 C CB  . LYS A 1 64  ? -9.366  -1.652  1.659   1.00 40.90 ? 62  LYS A CB  1 
ATOM   468 C CG  . LYS A 1 64  ? -9.056  -2.881  2.494   1.00 42.48 ? 62  LYS A CG  1 
ATOM   469 C CD  . LYS A 1 64  ? -8.754  -2.509  3.941   1.00 41.07 ? 62  LYS A CD  1 
ATOM   470 C CE  . LYS A 1 64  ? -8.025  -3.639  4.661   1.00 41.94 ? 62  LYS A CE  1 
ATOM   471 N NZ  . LYS A 1 64  ? -7.585  -3.238  6.029   1.00 37.17 ? 62  LYS A NZ  1 
ATOM   472 N N   . ALA A 1 65  ? -9.958  0.250   -0.770  1.00 41.94 ? 63  ALA A N   1 
ATOM   473 C CA  . ALA A 1 65  ? -10.813 1.275   -1.351  1.00 42.14 ? 63  ALA A CA  1 
ATOM   474 C C   . ALA A 1 65  ? -11.334 0.833   -2.722  1.00 43.37 ? 63  ALA A C   1 
ATOM   475 O O   . ALA A 1 65  ? -12.476 1.097   -3.077  1.00 46.61 ? 63  ALA A O   1 
ATOM   476 C CB  . ALA A 1 65  ? -10.062 2.587   -1.459  1.00 34.90 ? 63  ALA A CB  1 
ATOM   477 N N   . TRP A 1 66  ? -10.479 0.153   -3.475  1.00 42.94 ? 64  TRP A N   1 
ATOM   478 C CA  . TRP A 1 66  ? -10.808 -0.307  -4.818  1.00 53.59 ? 64  TRP A CA  1 
ATOM   479 C C   . TRP A 1 66  ? -11.676 -1.567  -4.810  1.00 54.41 ? 64  TRP A C   1 
ATOM   480 O O   . TRP A 1 66  ? -12.650 -1.668  -5.552  1.00 55.88 ? 64  TRP A O   1 
ATOM   481 C CB  . TRP A 1 66  ? -9.513  -0.570  -5.586  1.00 56.12 ? 64  TRP A CB  1 
ATOM   482 C CG  . TRP A 1 66  ? -9.700  -1.132  -6.963  1.00 63.75 ? 64  TRP A CG  1 
ATOM   483 C CD1 . TRP A 1 66  ? -9.815  -0.430  -8.128  1.00 64.36 ? 64  TRP A CD1 1 
ATOM   484 C CD2 . TRP A 1 66  ? -9.769  -2.518  -7.322  1.00 59.91 ? 64  TRP A CD2 1 
ATOM   485 N NE1 . TRP A 1 66  ? -9.961  -1.291  -9.188  1.00 65.23 ? 64  TRP A NE1 1 
ATOM   486 C CE2 . TRP A 1 66  ? -9.936  -2.579  -8.720  1.00 65.80 ? 64  TRP A CE2 1 
ATOM   487 C CE3 . TRP A 1 66  ? -9.711  -3.711  -6.598  1.00 67.81 ? 64  TRP A CE3 1 
ATOM   488 C CZ2 . TRP A 1 66  ? -10.046 -3.786  -9.407  1.00 67.92 ? 64  TRP A CZ2 1 
ATOM   489 C CZ3 . TRP A 1 66  ? -9.822  -4.910  -7.282  1.00 70.91 ? 64  TRP A CZ3 1 
ATOM   490 C CH2 . TRP A 1 66  ? -9.985  -4.938  -8.672  1.00 63.40 ? 64  TRP A CH2 1 
ATOM   491 N N   . SER A 1 67  ? -11.308 -2.530  -3.973  1.00 57.16 ? 65  SER A N   1 
ATOM   492 C CA  . SER A 1 67  ? -12.020 -3.800  -3.901  1.00 58.50 ? 65  SER A CA  1 
ATOM   493 C C   . SER A 1 67  ? -13.473 -3.605  -3.502  1.00 57.13 ? 65  SER A C   1 
ATOM   494 O O   . SER A 1 67  ? -14.351 -4.340  -3.952  1.00 58.08 ? 65  SER A O   1 
ATOM   495 C CB  . SER A 1 67  ? -11.328 -4.749  -2.927  1.00 53.59 ? 65  SER A CB  1 
ATOM   496 O OG  . SER A 1 67  ? -10.005 -5.004  -3.355  1.00 61.25 ? 65  SER A OG  1 
ATOM   497 N N   . GLY A 1 68  ? -13.723 -2.612  -2.658  1.00 51.17 ? 66  GLY A N   1 
ATOM   498 C CA  . GLY A 1 68  ? -15.081 -2.280  -2.276  1.00 49.32 ? 66  GLY A CA  1 
ATOM   499 C C   . GLY A 1 68  ? -15.761 -1.383  -3.298  1.00 61.26 ? 66  GLY A C   1 
ATOM   500 O O   . GLY A 1 68  ? -16.868 -0.892  -3.062  1.00 61.59 ? 66  GLY A O   1 
ATOM   501 N N   . SER A 1 69  ? -15.108 -1.168  -4.438  1.00 55.21 ? 67  SER A N   1 
ATOM   502 C CA  . SER A 1 69  ? -15.623 -0.235  -5.441  1.00 58.09 ? 67  SER A CA  1 
ATOM   503 C C   . SER A 1 69  ? -16.141 -0.928  -6.702  1.00 62.64 ? 67  SER A C   1 
ATOM   504 O O   . SER A 1 69  ? -15.965 -2.134  -6.881  1.00 56.83 ? 67  SER A O   1 
ATOM   505 C CB  . SER A 1 69  ? -14.559 0.799   -5.825  1.00 53.19 ? 67  SER A CB  1 
ATOM   506 O OG  . SER A 1 69  ? -13.735 0.312   -6.871  1.00 53.08 ? 67  SER A OG  1 
ATOM   507 N N   . ARG A 1 70  ? -16.761 -0.135  -7.575  1.00 63.28 ? 68  ARG A N   1 
ATOM   508 C CA  . ARG A 1 70  ? -17.399 -0.636  -8.790  1.00 62.68 ? 68  ARG A CA  1 
ATOM   509 C C   . ARG A 1 70  ? -16.407 -1.118  -9.844  1.00 68.56 ? 68  ARG A C   1 
ATOM   510 O O   . ARG A 1 70  ? -16.781 -1.365  -10.993 1.00 64.40 ? 68  ARG A O   1 
ATOM   511 C CB  . ARG A 1 70  ? -18.300 0.434   -9.403  1.00 59.25 ? 68  ARG A CB  1 
ATOM   512 C CG  . ARG A 1 70  ? -17.614 1.768   -9.635  1.00 61.57 ? 68  ARG A CG  1 
ATOM   513 C CD  . ARG A 1 70  ? -18.018 2.368   -10.970 1.00 56.02 ? 68  ARG A CD  1 
ATOM   514 N NE  . ARG A 1 70  ? -17.662 3.778   -11.060 1.00 59.18 ? 68  ARG A NE  1 
ATOM   515 C CZ  . ARG A 1 70  ? -17.258 4.379   -12.175 1.00 69.53 ? 68  ARG A CZ  1 
ATOM   516 N NH1 . ARG A 1 70  ? -17.144 3.691   -13.305 1.00 69.43 ? 68  ARG A NH1 1 
ATOM   517 N NH2 . ARG A 1 70  ? -16.956 5.670   -12.157 1.00 70.82 ? 68  ARG A NH2 1 
ATOM   518 N N   . PHE A 1 71  ? -15.144 -1.242  -9.456  1.00 66.91 ? 69  PHE A N   1 
ATOM   519 C CA  . PHE A 1 71  ? -14.132 -1.783  -10.349 1.00 65.45 ? 69  PHE A CA  1 
ATOM   520 C C   . PHE A 1 71  ? -13.739 -3.186  -9.892  1.00 70.84 ? 69  PHE A C   1 
ATOM   521 O O   . PHE A 1 71  ? -13.144 -3.362  -8.827  1.00 68.75 ? 69  PHE A O   1 
ATOM   522 C CB  . PHE A 1 71  ? -12.921 -0.854  -10.409 1.00 58.35 ? 69  PHE A CB  1 
ATOM   523 C CG  . PHE A 1 71  ? -13.264 0.559   -10.796 1.00 59.31 ? 69  PHE A CG  1 
ATOM   524 C CD1 . PHE A 1 71  ? -13.146 0.982   -12.114 1.00 66.35 ? 69  PHE A CD1 1 
ATOM   525 C CD2 . PHE A 1 71  ? -13.710 1.464   -9.846  1.00 57.87 ? 69  PHE A CD2 1 
ATOM   526 C CE1 . PHE A 1 71  ? -13.463 2.287   -12.476 1.00 56.95 ? 69  PHE A CE1 1 
ATOM   527 C CE2 . PHE A 1 71  ? -14.026 2.765   -10.196 1.00 58.08 ? 69  PHE A CE2 1 
ATOM   528 C CZ  . PHE A 1 71  ? -13.905 3.178   -11.514 1.00 61.64 ? 69  PHE A CZ  1 
ATOM   529 N N   . ALA A 1 72  ? -14.102 -4.182  -10.696 1.00 80.78 ? 70  ALA A N   1 
ATOM   530 C CA  . ALA A 1 72  ? -13.837 -5.580  -10.368 1.00 80.44 ? 70  ALA A CA  1 
ATOM   531 C C   . ALA A 1 72  ? -14.074 -6.481  -11.577 1.00 89.78 ? 70  ALA A C   1 
ATOM   532 O O   . ALA A 1 72  ? -15.163 -7.029  -11.752 1.00 95.96 ? 70  ALA A O   1 
ATOM   533 C CB  . ALA A 1 72  ? -14.700 -6.025  -9.193  1.00 76.97 ? 70  ALA A CB  1 
ATOM   534 N N   . ILE A 1 81  ? -3.618  -9.225  -9.966  1.00 76.76 ? 79  ILE A N   1 
ATOM   535 C CA  . ILE A 1 81  ? -3.303  -7.864  -10.395 1.00 77.62 ? 79  ILE A CA  1 
ATOM   536 C C   . ILE A 1 81  ? -3.014  -6.934  -9.212  1.00 76.50 ? 79  ILE A C   1 
ATOM   537 O O   . ILE A 1 81  ? -3.518  -5.811  -9.152  1.00 72.32 ? 79  ILE A O   1 
ATOM   538 C CB  . ILE A 1 81  ? -4.435  -7.263  -11.254 1.00 81.95 ? 79  ILE A CB  1 
ATOM   539 N N   . HIS A 1 82  ? -2.200  -7.412  -8.275  1.00 82.82 ? 80  HIS A N   1 
ATOM   540 C CA  . HIS A 1 82  ? -1.754  -6.599  -7.149  1.00 72.17 ? 80  HIS A CA  1 
ATOM   541 C C   . HIS A 1 82  ? -0.354  -6.071  -7.430  1.00 68.00 ? 80  HIS A C   1 
ATOM   542 O O   . HIS A 1 82  ? 0.112   -5.131  -6.782  1.00 61.99 ? 80  HIS A O   1 
ATOM   543 C CB  . HIS A 1 82  ? -1.759  -7.413  -5.854  1.00 66.19 ? 80  HIS A CB  1 
ATOM   544 N N   . ARG A 1 83  ? 0.313   -6.685  -8.400  1.00 64.54 ? 81  ARG A N   1 
ATOM   545 C CA  . ARG A 1 83  ? 1.621   -6.217  -8.843  1.00 71.12 ? 81  ARG A CA  1 
ATOM   546 C C   . ARG A 1 83  ? 1.453   -5.054  -9.820  1.00 72.53 ? 81  ARG A C   1 
ATOM   547 O O   . ARG A 1 83  ? 2.429   -4.542  -10.375 1.00 71.82 ? 81  ARG A O   1 
ATOM   548 C CB  . ARG A 1 83  ? 2.421   -7.355  -9.485  1.00 64.18 ? 81  ARG A CB  1 
ATOM   549 N N   . ASP A 1 84  ? 0.204   -4.642  -10.022 1.00 62.59 ? 82  ASP A N   1 
ATOM   550 C CA  . ASP A 1 84  ? -0.103  -3.485  -10.852 1.00 61.53 ? 82  ASP A CA  1 
ATOM   551 C C   . ASP A 1 84  ? -0.190  -2.194  -10.032 1.00 57.92 ? 82  ASP A C   1 
ATOM   552 O O   . ASP A 1 84  ? -0.230  -1.102  -10.593 1.00 59.00 ? 82  ASP A O   1 
ATOM   553 C CB  . ASP A 1 84  ? -1.406  -3.712  -11.624 1.00 67.88 ? 82  ASP A CB  1 
ATOM   554 C CG  . ASP A 1 84  ? -1.226  -4.640  -12.812 1.00 71.18 ? 82  ASP A CG  1 
ATOM   555 O OD1 . ASP A 1 84  ? -0.212  -4.496  -13.531 1.00 73.33 ? 82  ASP A OD1 1 
ATOM   556 O OD2 . ASP A 1 84  ? -2.100  -5.504  -13.033 1.00 69.42 ? 82  ASP A OD2 1 
ATOM   557 N N   . ILE A 1 85  ? -0.218  -2.323  -8.707  1.00 60.27 ? 83  ILE A N   1 
ATOM   558 C CA  . ILE A 1 85  ? -0.284  -1.157  -7.822  1.00 57.33 ? 83  ILE A CA  1 
ATOM   559 C C   . ILE A 1 85  ? 0.996   -0.977  -7.015  1.00 49.83 ? 83  ILE A C   1 
ATOM   560 O O   . ILE A 1 85  ? 1.380   -1.851  -6.242  1.00 55.65 ? 83  ILE A O   1 
ATOM   561 C CB  . ILE A 1 85  ? -1.452  -1.256  -6.822  1.00 53.81 ? 83  ILE A CB  1 
ATOM   562 C CG1 . ILE A 1 85  ? -2.796  -1.252  -7.548  1.00 49.28 ? 83  ILE A CG1 1 
ATOM   563 C CG2 . ILE A 1 85  ? -1.391  -0.117  -5.820  1.00 47.98 ? 83  ILE A CG2 1 
ATOM   564 C CD1 . ILE A 1 85  ? -3.947  -1.650  -6.650  1.00 58.59 ? 83  ILE A CD1 1 
ATOM   565 N N   . GLU A 1 86  ? 1.637   0.174   -7.184  1.00 48.15 ? 84  GLU A N   1 
ATOM   566 C CA  . GLU A 1 86  ? 2.876   0.478   -6.486  1.00 49.93 ? 84  GLU A CA  1 
ATOM   567 C C   . GLU A 1 86  ? 2.732   1.762   -5.677  1.00 53.53 ? 84  GLU A C   1 
ATOM   568 O O   . GLU A 1 86  ? 2.110   2.723   -6.131  1.00 48.28 ? 84  GLU A O   1 
ATOM   569 C CB  . GLU A 1 86  ? 4.022   0.613   -7.494  1.00 59.78 ? 84  GLU A CB  1 
ATOM   570 C CG  . GLU A 1 86  ? 5.389   0.894   -6.880  1.00 63.48 ? 84  GLU A CG  1 
ATOM   571 C CD  . GLU A 1 86  ? 6.445   1.205   -7.927  1.00 66.39 ? 84  GLU A CD  1 
ATOM   572 O OE1 . GLU A 1 86  ? 6.152   1.064   -9.133  1.00 69.12 ? 84  GLU A OE1 1 
ATOM   573 O OE2 . GLU A 1 86  ? 7.570   1.592   -7.545  1.00 65.70 ? 84  GLU A OE2 1 
ATOM   574 N N   . VAL A 1 87  ? 3.298   1.767   -4.473  1.00 52.06 ? 85  VAL A N   1 
ATOM   575 C CA  . VAL A 1 87  ? 3.308   2.959   -3.627  1.00 53.47 ? 85  VAL A CA  1 
ATOM   576 C C   . VAL A 1 87  ? 4.726   3.470   -3.397  1.00 56.69 ? 85  VAL A C   1 
ATOM   577 O O   . VAL A 1 87  ? 5.574   2.753   -2.861  1.00 62.85 ? 85  VAL A O   1 
ATOM   578 C CB  . VAL A 1 87  ? 2.679   2.689   -2.252  1.00 47.42 ? 85  VAL A CB  1 
ATOM   579 C CG1 . VAL A 1 87  ? 2.784   3.937   -1.378  1.00 44.40 ? 85  VAL A CG1 1 
ATOM   580 C CG2 . VAL A 1 87  ? 1.233   2.252   -2.403  1.00 47.29 ? 85  VAL A CG2 1 
ATOM   581 N N   . VAL A 1 88  ? 4.970   4.720   -3.781  1.00 55.27 ? 86  VAL A N   1 
ATOM   582 C CA  . VAL A 1 88  ? 6.281   5.342   -3.628  1.00 56.12 ? 86  VAL A CA  1 
ATOM   583 C C   . VAL A 1 88  ? 6.207   6.565   -2.722  1.00 58.06 ? 86  VAL A C   1 
ATOM   584 O O   . VAL A 1 88  ? 5.208   7.282   -2.727  1.00 53.67 ? 86  VAL A O   1 
ATOM   585 C CB  . VAL A 1 88  ? 6.833   5.815   -4.993  1.00 63.59 ? 86  VAL A CB  1 
ATOM   586 C CG1 . VAL A 1 88  ? 8.293   6.240   -4.863  1.00 62.70 ? 86  VAL A CG1 1 
ATOM   587 C CG2 . VAL A 1 88  ? 6.674   4.724   -6.046  1.00 64.17 ? 86  VAL A CG2 1 
ATOM   588 N N   . THR A 1 89  ? 7.267   6.806   -1.955  1.00 60.48 ? 87  THR A N   1 
ATOM   589 C CA  . THR A 1 89  ? 7.385   8.031   -1.165  1.00 59.47 ? 87  THR A CA  1 
ATOM   590 C C   . THR A 1 89  ? 8.386   9.000   -1.797  1.00 58.99 ? 87  THR A C   1 
ATOM   591 O O   . THR A 1 89  ? 8.278   10.219  -1.637  1.00 68.38 ? 87  THR A O   1 
ATOM   592 C CB  . THR A 1 89  ? 7.807   7.748   0.301   1.00 52.09 ? 87  THR A CB  1 
ATOM   593 O OG1 . THR A 1 89  ? 8.999   6.949   0.316   1.00 55.20 ? 87  THR A OG1 1 
ATOM   594 C CG2 . THR A 1 89  ? 6.703   7.018   1.045   1.00 56.84 ? 87  THR A CG2 1 
ATOM   595 N N   . ARG A 1 94  ? 6.406   12.057  0.478   1.00 67.76 ? 92  ARG A N   1 
ATOM   596 C CA  . ARG A 1 94  ? 4.975   11.775  0.555   1.00 63.19 ? 92  ARG A CA  1 
ATOM   597 C C   . ARG A 1 94  ? 4.621   10.535  -0.253  1.00 57.98 ? 92  ARG A C   1 
ATOM   598 O O   . ARG A 1 94  ? 5.339   10.170  -1.186  1.00 59.50 ? 92  ARG A O   1 
ATOM   599 C CB  . ARG A 1 94  ? 4.154   12.968  0.057   1.00 56.95 ? 92  ARG A CB  1 
ATOM   600 N N   . PRO A 1 95  ? 3.505   9.887   0.101   1.00 49.57 ? 93  PRO A N   1 
ATOM   601 C CA  . PRO A 1 95  ? 3.034   8.683   -0.589  1.00 49.53 ? 93  PRO A CA  1 
ATOM   602 C C   . PRO A 1 95  ? 2.460   8.997   -1.972  1.00 53.29 ? 93  PRO A C   1 
ATOM   603 O O   . PRO A 1 95  ? 1.564   9.836   -2.093  1.00 44.60 ? 93  PRO A O   1 
ATOM   604 C CB  . PRO A 1 95  ? 1.923   8.156   0.332   1.00 47.85 ? 93  PRO A CB  1 
ATOM   605 C CG  . PRO A 1 95  ? 2.066   8.920   1.621   1.00 45.55 ? 93  PRO A CG  1 
ATOM   606 C CD  . PRO A 1 95  ? 2.659   10.230  1.254   1.00 51.17 ? 93  PRO A CD  1 
ATOM   607 N N   . ARG A 1 96  ? 2.978   8.319   -2.992  1.00 50.96 ? 94  ARG A N   1 
ATOM   608 C CA  . ARG A 1 96  ? 2.489   8.456   -4.357  1.00 53.61 ? 94  ARG A CA  1 
ATOM   609 C C   . ARG A 1 96  ? 2.015   7.104   -4.858  1.00 53.68 ? 94  ARG A C   1 
ATOM   610 O O   . ARG A 1 96  ? 2.623   6.076   -4.555  1.00 58.19 ? 94  ARG A O   1 
ATOM   611 C CB  . ARG A 1 96  ? 3.597   8.949   -5.288  1.00 55.48 ? 94  ARG A CB  1 
ATOM   612 C CG  . ARG A 1 96  ? 4.260   10.253  -4.894  1.00 64.39 ? 94  ARG A CG  1 
ATOM   613 C CD  . ARG A 1 96  ? 5.055   10.791  -6.074  1.00 76.29 ? 94  ARG A CD  1 
ATOM   614 N NE  . ARG A 1 96  ? 6.152   11.671  -5.674  1.00 90.51 ? 94  ARG A NE  1 
ATOM   615 C CZ  . ARG A 1 96  ? 7.025   12.202  -6.526  1.00 80.67 ? 94  ARG A CZ  1 
ATOM   616 N NH1 . ARG A 1 96  ? 6.928   11.943  -7.824  1.00 69.95 ? 94  ARG A NH1 1 
ATOM   617 N NH2 . ARG A 1 96  ? 7.995   12.991  -6.083  1.00 78.17 ? 94  ARG A NH2 1 
ATOM   618 N N   . VAL A 1 97  ? 0.942   7.100   -5.637  1.00 45.88 ? 95  VAL A N   1 
ATOM   619 C CA  . VAL A 1 97  ? 0.459   5.858   -6.225  1.00 49.27 ? 95  VAL A CA  1 
ATOM   620 C C   . VAL A 1 97  ? 0.760   5.787   -7.722  1.00 50.88 ? 95  VAL A C   1 
ATOM   621 O O   . VAL A 1 97  ? 0.414   6.686   -8.484  1.00 54.68 ? 95  VAL A O   1 
ATOM   622 C CB  . VAL A 1 97  ? -1.052  5.662   -5.983  1.00 45.52 ? 95  VAL A CB  1 
ATOM   623 C CG1 . VAL A 1 97  ? -1.498  4.314   -6.506  1.00 44.54 ? 95  VAL A CG1 1 
ATOM   624 C CG2 . VAL A 1 97  ? -1.364  5.782   -4.502  1.00 48.82 ? 95  VAL A CG2 1 
ATOM   625 N N   . ARG A 1 98  ? 1.415   4.710   -8.132  1.00 49.90 ? 96  ARG A N   1 
ATOM   626 C CA  . ARG A 1 98  ? 1.704   4.468   -9.535  1.00 50.49 ? 96  ARG A CA  1 
ATOM   627 C C   . ARG A 1 98  ? 1.033   3.161   -9.938  1.00 48.79 ? 96  ARG A C   1 
ATOM   628 O O   . ARG A 1 98  ? 1.213   2.138   -9.282  1.00 49.91 ? 96  ARG A O   1 
ATOM   629 C CB  . ARG A 1 98  ? 3.216   4.375   -9.770  1.00 52.82 ? 96  ARG A CB  1 
ATOM   630 C CG  . ARG A 1 98  ? 4.050   5.455   -9.073  1.00 60.30 ? 96  ARG A CG  1 
ATOM   631 C CD  . ARG A 1 98  ? 4.086   6.779   -9.840  1.00 64.16 ? 96  ARG A CD  1 
ATOM   632 N NE  . ARG A 1 98  ? 5.036   7.724   -9.247  1.00 64.46 ? 96  ARG A NE  1 
ATOM   633 C CZ  . ARG A 1 98  ? 6.354   7.677   -9.431  1.00 67.52 ? 96  ARG A CZ  1 
ATOM   634 N NH1 . ARG A 1 98  ? 6.885   6.732   -10.196 1.00 63.07 ? 96  ARG A NH1 1 
ATOM   635 N NH2 . ARG A 1 98  ? 7.145   8.572   -8.848  1.00 64.33 ? 96  ARG A NH2 1 
ATOM   636 N N   . LEU A 1 99  ? 0.259   3.194   -11.016 1.00 51.91 ? 97  LEU A N   1 
ATOM   637 C CA  . LEU A 1 99  ? -0.474  2.013   -11.454 1.00 53.61 ? 97  LEU A CA  1 
ATOM   638 C C   . LEU A 1 99  ? 0.055   1.496   -12.791 1.00 59.63 ? 97  LEU A C   1 
ATOM   639 O O   . LEU A 1 99  ? 0.580   2.265   -13.597 1.00 58.55 ? 97  LEU A O   1 
ATOM   640 C CB  . LEU A 1 99  ? -1.966  2.330   -11.570 1.00 56.42 ? 97  LEU A CB  1 
ATOM   641 C CG  . LEU A 1 99  ? -2.623  3.034   -10.378 1.00 52.25 ? 97  LEU A CG  1 
ATOM   642 C CD1 . LEU A 1 99  ? -4.010  3.528   -10.752 1.00 42.04 ? 97  LEU A CD1 1 
ATOM   643 C CD2 . LEU A 1 99  ? -2.685  2.120   -9.160  1.00 48.19 ? 97  LEU A CD2 1 
ATOM   644 N N   . THR A 1 100 ? -0.085  0.194   -13.025 1.00 54.97 ? 98  THR A N   1 
ATOM   645 C CA  . THR A 1 100 ? 0.335   -0.394  -14.290 1.00 58.38 ? 98  THR A CA  1 
ATOM   646 C C   . THR A 1 100 ? -0.692  -1.383  -14.822 1.00 67.03 ? 98  THR A C   1 
ATOM   647 O O   . THR A 1 100 ? -1.606  -1.792  -14.106 1.00 63.59 ? 98  THR A O   1 
ATOM   648 C CB  . THR A 1 100 ? 1.694   -1.118  -14.178 1.00 57.38 ? 98  THR A CB  1 
ATOM   649 O OG1 . THR A 1 100 ? 1.628   -2.116  -13.151 1.00 65.23 ? 98  THR A OG1 1 
ATOM   650 C CG2 . THR A 1 100 ? 2.811   -0.131  -13.866 1.00 50.15 ? 98  THR A CG2 1 
ATOM   651 N N   . GLY A 1 101 ? -0.529  -1.755  -16.088 1.00 67.61 ? 99  GLY A N   1 
ATOM   652 C CA  . GLY A 1 101 ? -1.369  -2.755  -16.714 1.00 65.55 ? 99  GLY A CA  1 
ATOM   653 C C   . GLY A 1 101 ? -2.853  -2.512  -16.544 1.00 68.38 ? 99  GLY A C   1 
ATOM   654 O O   . GLY A 1 101 ? -3.337  -1.390  -16.705 1.00 67.51 ? 99  GLY A O   1 
ATOM   655 N N   . ALA A 1 102 ? -3.572  -3.576  -16.208 1.00 66.95 ? 100 ALA A N   1 
ATOM   656 C CA  . ALA A 1 102 ? -5.030  -3.557  -16.155 1.00 69.13 ? 100 ALA A CA  1 
ATOM   657 C C   . ALA A 1 102 ? -5.596  -2.424  -15.303 1.00 67.00 ? 100 ALA A C   1 
ATOM   658 O O   . ALA A 1 102 ? -6.364  -1.592  -15.789 1.00 64.66 ? 100 ALA A O   1 
ATOM   659 C CB  . ALA A 1 102 ? -5.554  -4.902  -15.664 1.00 67.37 ? 100 ALA A CB  1 
ATOM   660 N N   . ILE A 1 103 ? -5.222  -2.397  -14.029 1.00 67.21 ? 101 ILE A N   1 
ATOM   661 C CA  . ILE A 1 103 ? -5.808  -1.440  -13.101 1.00 61.41 ? 101 ILE A CA  1 
ATOM   662 C C   . ILE A 1 103 ? -5.545  0.011   -13.504 1.00 63.63 ? 101 ILE A C   1 
ATOM   663 O O   . ILE A 1 103 ? -6.419  0.868   -13.350 1.00 57.03 ? 101 ILE A O   1 
ATOM   664 C CB  . ILE A 1 103 ? -5.343  -1.680  -11.658 1.00 58.63 ? 101 ILE A CB  1 
ATOM   665 C CG1 . ILE A 1 103 ? -6.213  -0.876  -10.694 1.00 59.58 ? 101 ILE A CG1 1 
ATOM   666 C CG2 . ILE A 1 103 ? -3.873  -1.324  -11.502 1.00 63.89 ? 101 ILE A CG2 1 
ATOM   667 C CD1 . ILE A 1 103 ? -5.902  -1.123  -9.248  1.00 59.42 ? 101 ILE A CD1 1 
ATOM   668 N N   . ALA A 1 104 ? -4.351  0.286   -14.025 1.00 62.06 ? 102 ALA A N   1 
ATOM   669 C CA  . ALA A 1 104 ? -4.048  1.621   -14.526 1.00 54.49 ? 102 ALA A CA  1 
ATOM   670 C C   . ALA A 1 104 ? -5.196  2.105   -15.397 1.00 58.69 ? 102 ALA A C   1 
ATOM   671 O O   . ALA A 1 104 ? -5.668  3.230   -15.245 1.00 55.62 ? 102 ALA A O   1 
ATOM   672 C CB  . ALA A 1 104 ? -2.748  1.624   -15.312 1.00 49.30 ? 102 ALA A CB  1 
ATOM   673 N N   . GLU A 1 105 ? -5.651  1.238   -16.300 1.00 60.51 ? 103 GLU A N   1 
ATOM   674 C CA  . GLU A 1 105 ? -6.731  1.572   -17.225 1.00 62.54 ? 103 GLU A CA  1 
ATOM   675 C C   . GLU A 1 105 ? -8.078  1.741   -16.528 1.00 60.33 ? 103 GLU A C   1 
ATOM   676 O O   . GLU A 1 105 ? -8.854  2.630   -16.876 1.00 62.81 ? 103 GLU A O   1 
ATOM   677 C CB  . GLU A 1 105 ? -6.848  0.511   -18.324 1.00 69.22 ? 103 GLU A CB  1 
ATOM   678 C CG  . GLU A 1 105 ? -5.962  0.758   -19.533 1.00 66.18 ? 103 GLU A CG  1 
ATOM   679 C CD  . GLU A 1 105 ? -6.108  -0.325  -20.585 1.00 85.96 ? 103 GLU A CD  1 
ATOM   680 O OE1 . GLU A 1 105 ? -5.932  -1.516  -20.245 1.00 82.95 ? 103 GLU A OE1 1 
ATOM   681 O OE2 . GLU A 1 105 ? -6.396  0.016   -21.753 1.00 89.49 ? 103 GLU A OE2 1 
ATOM   682 N N   . TYR A 1 106 ? -8.355  0.877   -15.557 1.00 57.14 ? 104 TYR A N   1 
ATOM   683 C CA  . TYR A 1 106 ? -9.599  0.946   -14.802 1.00 61.77 ? 104 TYR A CA  1 
ATOM   684 C C   . TYR A 1 106 ? -9.768  2.312   -14.150 1.00 60.78 ? 104 TYR A C   1 
ATOM   685 O O   . TYR A 1 106 ? -10.834 2.922   -14.220 1.00 52.14 ? 104 TYR A O   1 
ATOM   686 C CB  . TYR A 1 106 ? -9.625  -0.129  -13.713 1.00 59.84 ? 104 TYR A CB  1 
ATOM   687 C CG  . TYR A 1 106 ? -9.976  -1.510  -14.205 1.00 67.94 ? 104 TYR A CG  1 
ATOM   688 C CD1 . TYR A 1 106 ? -11.266 -2.007  -14.074 1.00 77.18 ? 104 TYR A CD1 1 
ATOM   689 C CD2 . TYR A 1 106 ? -9.019  -2.322  -14.797 1.00 74.86 ? 104 TYR A CD2 1 
ATOM   690 C CE1 . TYR A 1 106 ? -11.593 -3.275  -14.521 1.00 86.77 ? 104 TYR A CE1 1 
ATOM   691 C CE2 . TYR A 1 106 ? -9.334  -3.591  -15.248 1.00 76.35 ? 104 TYR A CE2 1 
ATOM   692 C CZ  . TYR A 1 106 ? -10.623 -4.063  -15.108 1.00 87.67 ? 104 TYR A CZ  1 
ATOM   693 O OH  . TYR A 1 106 ? -10.943 -5.325  -15.556 1.00 92.20 ? 104 TYR A OH  1 
ATOM   694 N N   . LEU A 1 107 ? -8.704  2.779   -13.507 1.00 53.36 ? 105 LEU A N   1 
ATOM   695 C CA  . LEU A 1 107 ? -8.769  3.977   -12.688 1.00 49.26 ? 105 LEU A CA  1 
ATOM   696 C C   . LEU A 1 107 ? -8.162  5.192   -13.385 1.00 51.76 ? 105 LEU A C   1 
ATOM   697 O O   . LEU A 1 107 ? -7.799  6.168   -12.725 1.00 49.63 ? 105 LEU A O   1 
ATOM   698 C CB  . LEU A 1 107 ? -8.056  3.739   -11.356 1.00 55.52 ? 105 LEU A CB  1 
ATOM   699 C CG  . LEU A 1 107 ? -8.551  2.583   -10.483 1.00 58.49 ? 105 LEU A CG  1 
ATOM   700 C CD1 . LEU A 1 107 ? -7.642  2.403   -9.275  1.00 54.90 ? 105 LEU A CD1 1 
ATOM   701 C CD2 . LEU A 1 107 ? -9.991  2.798   -10.041 1.00 41.43 ? 105 LEU A CD2 1 
ATOM   702 N N   . ALA A 1 108 ? -8.050  5.135   -14.710 1.00 44.78 ? 106 ALA A N   1 
ATOM   703 C CA  . ALA A 1 108 ? -7.495  6.254   -15.477 1.00 51.46 ? 106 ALA A CA  1 
ATOM   704 C C   . ALA A 1 108 ? -8.146  7.586   -15.109 1.00 45.55 ? 106 ALA A C   1 
ATOM   705 O O   . ALA A 1 108 ? -7.482  8.626   -15.075 1.00 41.18 ? 106 ALA A O   1 
ATOM   706 C CB  . ALA A 1 108 ? -7.621  6.004   -16.974 1.00 42.08 ? 106 ALA A CB  1 
ATOM   707 N N   . ASP A 1 109 ? -9.444  7.549   -14.834 1.00 36.55 ? 107 ASP A N   1 
ATOM   708 C CA  . ASP A 1 109 ? -10.171 8.762   -14.485 1.00 43.44 ? 107 ASP A CA  1 
ATOM   709 C C   . ASP A 1 109 ? -10.610 8.816   -13.014 1.00 43.13 ? 107 ASP A C   1 
ATOM   710 O O   . ASP A 1 109 ? -11.593 9.468   -12.676 1.00 40.67 ? 107 ASP A O   1 
ATOM   711 C CB  . ASP A 1 109 ? -11.364 8.954   -15.426 1.00 44.68 ? 107 ASP A CB  1 
ATOM   712 C CG  . ASP A 1 109 ? -10.933 9.381   -16.827 1.00 50.92 ? 107 ASP A CG  1 
ATOM   713 O OD1 . ASP A 1 109 ? -10.981 10.594  -17.120 1.00 49.64 ? 107 ASP A OD1 1 
ATOM   714 O OD2 . ASP A 1 109 ? -10.525 8.514   -17.628 1.00 49.06 ? 107 ASP A OD2 1 
ATOM   715 N N   . VAL A 1 110 ? -9.871  8.135   -12.145 1.00 38.10 ? 108 VAL A N   1 
ATOM   716 C CA  . VAL A 1 110 ? -10.169 8.157   -10.720 1.00 33.83 ? 108 VAL A CA  1 
ATOM   717 C C   . VAL A 1 110 ? -9.023  8.814   -9.960  1.00 30.43 ? 108 VAL A C   1 
ATOM   718 O O   . VAL A 1 110 ? -7.857  8.521   -10.201 1.00 35.00 ? 108 VAL A O   1 
ATOM   719 C CB  . VAL A 1 110 ? -10.445 6.729   -10.166 1.00 41.34 ? 108 VAL A CB  1 
ATOM   720 C CG1 . VAL A 1 110 ? -10.646 6.761   -8.661  1.00 32.80 ? 108 VAL A CG1 1 
ATOM   721 C CG2 . VAL A 1 110 ? -11.663 6.115   -10.845 1.00 38.57 ? 108 VAL A CG2 1 
ATOM   722 N N   . THR A 1 111 ? -9.356  9.721   -9.051  1.00 36.61 ? 109 THR A N   1 
ATOM   723 C CA  . THR A 1 111 ? -8.331  10.429  -8.293  1.00 32.16 ? 109 THR A CA  1 
ATOM   724 C C   . THR A 1 111 ? -8.075  9.730   -6.970  1.00 32.40 ? 109 THR A C   1 
ATOM   725 O O   . THR A 1 111 ? -9.008  9.425   -6.228  1.00 34.67 ? 109 THR A O   1 
ATOM   726 C CB  . THR A 1 111 ? -8.717  11.888  -8.040  1.00 35.90 ? 109 THR A CB  1 
ATOM   727 O OG1 . THR A 1 111 ? -8.992  12.535  -9.291  1.00 37.04 ? 109 THR A OG1 1 
ATOM   728 C CG2 . THR A 1 111 ? -7.587  12.614  -7.319  1.00 29.81 ? 109 THR A CG2 1 
ATOM   729 N N   . ILE A 1 112 ? -6.804  9.474   -6.685  1.00 33.25 ? 110 ILE A N   1 
ATOM   730 C CA  . ILE A 1 112 ? -6.416  8.700   -5.515  1.00 32.69 ? 110 ILE A CA  1 
ATOM   731 C C   . ILE A 1 112 ? -5.726  9.571   -4.478  1.00 32.91 ? 110 ILE A C   1 
ATOM   732 O O   . ILE A 1 112 ? -4.720  10.231  -4.766  1.00 30.86 ? 110 ILE A O   1 
ATOM   733 C CB  . ILE A 1 112 ? -5.459  7.565   -5.895  1.00 41.33 ? 110 ILE A CB  1 
ATOM   734 C CG1 . ILE A 1 112 ? -6.082  6.680   -6.978  1.00 37.44 ? 110 ILE A CG1 1 
ATOM   735 C CG2 . ILE A 1 112 ? -5.082  6.751   -4.655  1.00 37.29 ? 110 ILE A CG2 1 
ATOM   736 C CD1 . ILE A 1 112 ? -5.097  5.734   -7.628  1.00 41.77 ? 110 ILE A CD1 1 
ATOM   737 N N   . HIS A 1 113 ? -6.287  9.576   -3.277  1.00 28.73 ? 111 HIS A N   1 
ATOM   738 C CA  . HIS A 1 113 ? -5.715  10.284  -2.146  1.00 29.01 ? 111 HIS A CA  1 
ATOM   739 C C   . HIS A 1 113 ? -5.268  9.245   -1.133  1.00 29.77 ? 111 HIS A C   1 
ATOM   740 O O   . HIS A 1 113 ? -6.049  8.388   -0.731  1.00 32.68 ? 111 HIS A O   1 
ATOM   741 C CB  . HIS A 1 113 ? -6.754  11.188  -1.485  1.00 27.42 ? 111 HIS A CB  1 
ATOM   742 C CG  . HIS A 1 113 ? -7.456  12.119  -2.429  1.00 33.41 ? 111 HIS A CG  1 
ATOM   743 N ND1 . HIS A 1 113 ? -7.029  13.411  -2.661  1.00 29.20 ? 111 HIS A ND1 1 
ATOM   744 C CD2 . HIS A 1 113 ? -8.589  11.961  -3.157  1.00 27.43 ? 111 HIS A CD2 1 
ATOM   745 C CE1 . HIS A 1 113 ? -7.855  14.000  -3.506  1.00 27.58 ? 111 HIS A CE1 1 
ATOM   746 N NE2 . HIS A 1 113 ? -8.812  13.144  -3.819  1.00 31.83 ? 111 HIS A NE2 1 
ATOM   747 N N   . VAL A 1 114 ? -4.008  9.312   -0.732  1.00 29.71 ? 112 VAL A N   1 
ATOM   748 C CA  . VAL A 1 114 ? -3.482  8.386   0.261   1.00 33.05 ? 112 VAL A CA  1 
ATOM   749 C C   . VAL A 1 114 ? -2.654  9.155   1.285   1.00 29.97 ? 112 VAL A C   1 
ATOM   750 O O   . VAL A 1 114 ? -1.997  10.140  0.950   1.00 29.49 ? 112 VAL A O   1 
ATOM   751 C CB  . VAL A 1 114 ? -2.611  7.284   -0.394  1.00 30.91 ? 112 VAL A CB  1 
ATOM   752 C CG1 . VAL A 1 114 ? -1.358  7.898   -1.030  1.00 39.08 ? 112 VAL A CG1 1 
ATOM   753 C CG2 . VAL A 1 114 ? -2.211  6.247   0.626   1.00 26.38 ? 112 VAL A CG2 1 
ATOM   754 N N   . SER A 1 115 ? -2.701  8.706   2.532   1.00 32.25 ? 113 SER A N   1 
ATOM   755 C CA  . SER A 1 115 ? -1.875  9.275   3.596   1.00 30.65 ? 113 SER A CA  1 
ATOM   756 C C   . SER A 1 115 ? -1.388  8.144   4.507   1.00 31.85 ? 113 SER A C   1 
ATOM   757 O O   . SER A 1 115 ? -2.130  7.209   4.804   1.00 29.29 ? 113 SER A O   1 
ATOM   758 C CB  . SER A 1 115 ? -2.667  10.320  4.390   1.00 33.86 ? 113 SER A CB  1 
ATOM   759 O OG  . SER A 1 115 ? -1.924  10.800  5.499   1.00 36.76 ? 113 SER A OG  1 
ATOM   760 N N   . LEU A 1 116 ? -0.131  8.212   4.924   1.00 31.08 ? 114 LEU A N   1 
ATOM   761 C CA  . LEU A 1 116 ? 0.425   7.171   5.773   1.00 32.95 ? 114 LEU A CA  1 
ATOM   762 C C   . LEU A 1 116 ? 1.092   7.771   7.000   1.00 33.51 ? 114 LEU A C   1 
ATOM   763 O O   . LEU A 1 116 ? 1.323   8.981   7.058   1.00 28.54 ? 114 LEU A O   1 
ATOM   764 C CB  . LEU A 1 116 ? 1.397   6.273   4.988   1.00 38.19 ? 114 LEU A CB  1 
ATOM   765 C CG  . LEU A 1 116 ? 2.679   6.862   4.383   1.00 36.27 ? 114 LEU A CG  1 
ATOM   766 C CD1 . LEU A 1 116 ? 3.659   7.264   5.474   1.00 43.43 ? 114 LEU A CD1 1 
ATOM   767 C CD2 . LEU A 1 116 ? 3.327   5.854   3.444   1.00 32.44 ? 114 LEU A CD2 1 
ATOM   768 N N   . THR A 1 117 ? 1.381   6.914   7.978   1.00 30.50 ? 115 THR A N   1 
ATOM   769 C CA  . THR A 1 117 ? 1.972   7.333   9.244   1.00 32.42 ? 115 THR A CA  1 
ATOM   770 C C   . THR A 1 117 ? 2.585   6.136   9.966   1.00 35.07 ? 115 THR A C   1 
ATOM   771 O O   . THR A 1 117 ? 2.139   5.003   9.796   1.00 35.04 ? 115 THR A O   1 
ATOM   772 C CB  . THR A 1 117 ? 0.916   7.997   10.169  1.00 37.51 ? 115 THR A CB  1 
ATOM   773 O OG1 . THR A 1 117 ? 1.560   8.594   11.304  1.00 37.95 ? 115 THR A OG1 1 
ATOM   774 C CG2 . THR A 1 117 ? -0.102  6.973   10.651  1.00 30.50 ? 115 THR A CG2 1 
ATOM   775 N N   . HIS A 1 118 ? 3.617   6.387   10.764  1.00 39.91 ? 116 HIS A N   1 
ATOM   776 C CA  . HIS A 1 118 ? 4.173   5.349   11.627  1.00 43.34 ? 116 HIS A CA  1 
ATOM   777 C C   . HIS A 1 118 ? 4.535   5.883   13.009  1.00 45.67 ? 116 HIS A C   1 
ATOM   778 O O   . HIS A 1 118 ? 5.046   6.994   13.147  1.00 40.58 ? 116 HIS A O   1 
ATOM   779 C CB  . HIS A 1 118 ? 5.377   4.661   10.979  1.00 42.24 ? 116 HIS A CB  1 
ATOM   780 C CG  . HIS A 1 118 ? 6.340   5.607   10.333  1.00 41.77 ? 116 HIS A CG  1 
ATOM   781 N ND1 . HIS A 1 118 ? 7.427   6.131   10.997  1.00 48.93 ? 116 HIS A ND1 1 
ATOM   782 C CD2 . HIS A 1 118 ? 6.380   6.118   9.080   1.00 41.81 ? 116 HIS A CD2 1 
ATOM   783 C CE1 . HIS A 1 118 ? 8.095   6.928   10.183  1.00 47.48 ? 116 HIS A CE1 1 
ATOM   784 N NE2 . HIS A 1 118 ? 7.481   6.940   9.014   1.00 53.07 ? 116 HIS A NE2 1 
ATOM   785 N N   . GLU A 1 119 ? 4.247   5.077   14.027  1.00 43.96 ? 117 GLU A N   1 
ATOM   786 C CA  . GLU A 1 119 ? 4.547   5.420   15.408  1.00 45.43 ? 117 GLU A CA  1 
ATOM   787 C C   . GLU A 1 119 ? 4.936   4.154   16.158  1.00 45.60 ? 117 GLU A C   1 
ATOM   788 O O   . GLU A 1 119 ? 4.125   3.240   16.320  1.00 45.85 ? 117 GLU A O   1 
ATOM   789 C CB  . GLU A 1 119 ? 3.330   6.072   16.073  1.00 45.92 ? 117 GLU A CB  1 
ATOM   790 C CG  . GLU A 1 119 ? 3.535   6.493   17.522  1.00 41.38 ? 117 GLU A CG  1 
ATOM   791 C CD  . GLU A 1 119 ? 4.224   7.845   17.664  1.00 42.96 ? 117 GLU A CD  1 
ATOM   792 O OE1 . GLU A 1 119 ? 4.958   8.252   16.740  1.00 44.99 ? 117 GLU A OE1 1 
ATOM   793 O OE2 . GLU A 1 119 ? 4.033   8.503   18.706  1.00 42.12 ? 117 GLU A OE2 1 
ATOM   794 N N   . GLY A 1 120 ? 6.186   4.099   16.604  1.00 44.38 ? 118 GLY A N   1 
ATOM   795 C CA  . GLY A 1 120 ? 6.686   2.958   17.349  1.00 44.27 ? 118 GLY A CA  1 
ATOM   796 C C   . GLY A 1 120 ? 6.450   1.609   16.691  1.00 45.90 ? 118 GLY A C   1 
ATOM   797 O O   . GLY A 1 120 ? 7.088   1.268   15.698  1.00 47.86 ? 118 GLY A O   1 
ATOM   798 N N   . ASP A 1 121 ? 5.526   0.846   17.261  1.00 45.00 ? 119 ASP A N   1 
ATOM   799 C CA  . ASP A 1 121 ? 5.227   -0.513  16.823  1.00 52.61 ? 119 ASP A CA  1 
ATOM   800 C C   . ASP A 1 121 ? 4.287   -0.589  15.622  1.00 46.42 ? 119 ASP A C   1 
ATOM   801 O O   . ASP A 1 121 ? 4.061   -1.672  15.081  1.00 42.61 ? 119 ASP A O   1 
ATOM   802 C CB  . ASP A 1 121 ? 4.572   -1.285  17.974  1.00 51.81 ? 119 ASP A CB  1 
ATOM   803 C CG  . ASP A 1 121 ? 5.538   -2.191  18.698  1.00 64.03 ? 119 ASP A CG  1 
ATOM   804 O OD1 . ASP A 1 121 ? 6.763   -2.063  18.478  1.00 58.49 ? 119 ASP A OD1 1 
ATOM   805 O OD2 . ASP A 1 121 ? 5.065   -3.037  19.488  1.00 72.51 ? 119 ASP A OD2 1 
ATOM   806 N N   . THR A 1 122 ? 3.719   0.545   15.222  1.00 45.15 ? 120 THR A N   1 
ATOM   807 C CA  . THR A 1 122 ? 2.591   0.525   14.294  1.00 41.54 ? 120 THR A CA  1 
ATOM   808 C C   . THR A 1 122 ? 2.737   1.461   13.100  1.00 34.51 ? 120 THR A C   1 
ATOM   809 O O   . THR A 1 122 ? 3.194   2.594   13.232  1.00 39.63 ? 120 THR A O   1 
ATOM   810 C CB  . THR A 1 122 ? 1.269   0.866   15.020  1.00 41.11 ? 120 THR A CB  1 
ATOM   811 O OG1 . THR A 1 122 ? 1.072   -0.036  16.115  1.00 39.66 ? 120 THR A OG1 1 
ATOM   812 C CG2 . THR A 1 122 ? 0.088   0.750   14.069  1.00 44.31 ? 120 THR A CG2 1 
ATOM   813 N N   . ALA A 1 123 ? 2.340   0.968   11.933  1.00 38.00 ? 121 ALA A N   1 
ATOM   814 C CA  . ALA A 1 123 ? 2.177   1.808   10.755  1.00 34.25 ? 121 ALA A CA  1 
ATOM   815 C C   . ALA A 1 123 ? 0.699   1.822   10.390  1.00 36.29 ? 121 ALA A C   1 
ATOM   816 O O   . ALA A 1 123 ? -0.026  0.880   10.710  1.00 33.89 ? 121 ALA A O   1 
ATOM   817 C CB  . ALA A 1 123 ? 3.008   1.279   9.603   1.00 32.45 ? 121 ALA A CB  1 
ATOM   818 N N   . ALA A 1 124 ? 0.255   2.887   9.725   1.00 36.58 ? 122 ALA A N   1 
ATOM   819 C CA  . ALA A 1 124 ? -1.143  3.019   9.324   1.00 31.29 ? 122 ALA A CA  1 
ATOM   820 C C   . ALA A 1 124 ? -1.294  3.846   8.052   1.00 30.61 ? 122 ALA A C   1 
ATOM   821 O O   . ALA A 1 124 ? -0.476  4.709   7.750   1.00 27.85 ? 122 ALA A O   1 
ATOM   822 C CB  . ALA A 1 124 ? -1.963  3.637   10.445  1.00 34.44 ? 122 ALA A CB  1 
ATOM   823 N N   . ALA A 1 125 ? -2.359  3.584   7.313   1.00 25.01 ? 123 ALA A N   1 
ATOM   824 C CA  . ALA A 1 125 ? -2.627  4.347   6.108   1.00 28.25 ? 123 ALA A CA  1 
ATOM   825 C C   . ALA A 1 125 ? -4.116  4.444   5.855   1.00 26.27 ? 123 ALA A C   1 
ATOM   826 O O   . ALA A 1 125 ? -4.885  3.574   6.271   1.00 27.70 ? 123 ALA A O   1 
ATOM   827 C CB  . ALA A 1 125 ? -1.926  3.719   4.916   1.00 24.62 ? 123 ALA A CB  1 
ATOM   828 N N   . VAL A 1 126 ? -4.518  5.516   5.184   1.00 27.72 ? 124 VAL A N   1 
ATOM   829 C CA  . VAL A 1 126 ? -5.886  5.646   4.701   1.00 24.42 ? 124 VAL A CA  1 
ATOM   830 C C   . VAL A 1 126 ? -5.884  6.056   3.235   1.00 25.00 ? 124 VAL A C   1 
ATOM   831 O O   . VAL A 1 126 ? -5.046  6.843   2.802   1.00 28.84 ? 124 VAL A O   1 
ATOM   832 C CB  . VAL A 1 126 ? -6.696  6.668   5.524   1.00 30.00 ? 124 VAL A CB  1 
ATOM   833 C CG1 . VAL A 1 126 ? -6.043  8.050   5.479   1.00 29.69 ? 124 VAL A CG1 1 
ATOM   834 C CG2 . VAL A 1 126 ? -8.132  6.729   5.023   1.00 27.92 ? 124 VAL A CG2 1 
ATOM   835 N N   . ALA A 1 127 ? -6.817  5.506   2.468   1.00 28.84 ? 125 ALA A N   1 
ATOM   836 C CA  . ALA A 1 127 ? -6.933  5.847   1.057   1.00 32.18 ? 125 ALA A CA  1 
ATOM   837 C C   . ALA A 1 127 ? -8.377  6.185   0.712   1.00 34.48 ? 125 ALA A C   1 
ATOM   838 O O   . ALA A 1 127 ? -9.308  5.540   1.197   1.00 35.56 ? 125 ALA A O   1 
ATOM   839 C CB  . ALA A 1 127 ? -6.427  4.711   0.187   1.00 26.76 ? 125 ALA A CB  1 
ATOM   840 N N   . ILE A 1 128 ? -8.554  7.211   -0.116  1.00 34.35 ? 126 ILE A N   1 
ATOM   841 C CA  . ILE A 1 128 ? -9.876  7.603   -0.599  1.00 30.77 ? 126 ILE A CA  1 
ATOM   842 C C   . ILE A 1 128 ? -9.888  7.762   -2.115  1.00 33.28 ? 126 ILE A C   1 
ATOM   843 O O   . ILE A 1 128 ? -9.107  8.536   -2.668  1.00 34.74 ? 126 ILE A O   1 
ATOM   844 C CB  . ILE A 1 128 ? -10.324 8.922   0.036   1.00 33.46 ? 126 ILE A CB  1 
ATOM   845 C CG1 . ILE A 1 128 ? -10.040 8.902   1.541   1.00 33.72 ? 126 ILE A CG1 1 
ATOM   846 C CG2 . ILE A 1 128 ? -11.803 9.184   -0.251  1.00 32.22 ? 126 ILE A CG2 1 
ATOM   847 C CD1 . ILE A 1 128 ? -10.560 10.102  2.270   1.00 31.24 ? 126 ILE A CD1 1 
ATOM   848 N N   . LEU A 1 129 ? -10.774 7.024   -2.782  1.00 32.28 ? 127 LEU A N   1 
ATOM   849 C CA  . LEU A 1 129 ? -10.936 7.114   -4.233  1.00 29.10 ? 127 LEU A CA  1 
ATOM   850 C C   . LEU A 1 129 ? -12.081 8.068   -4.577  1.00 34.75 ? 127 LEU A C   1 
ATOM   851 O O   . LEU A 1 129 ? -13.123 8.056   -3.918  1.00 32.98 ? 127 LEU A O   1 
ATOM   852 C CB  . LEU A 1 129 ? -11.203 5.735   -4.840  1.00 33.77 ? 127 LEU A CB  1 
ATOM   853 C CG  . LEU A 1 129 ? -10.020 4.807   -5.148  1.00 39.55 ? 127 LEU A CG  1 
ATOM   854 C CD1 . LEU A 1 129 ? -8.898  4.925   -4.127  1.00 35.67 ? 127 LEU A CD1 1 
ATOM   855 C CD2 . LEU A 1 129 ? -10.502 3.367   -5.266  1.00 39.35 ? 127 LEU A CD2 1 
ATOM   856 N N   . GLU A 1 130 ? -11.878 8.875   -5.620  1.00 37.79 ? 128 GLU A N   1 
ATOM   857 C CA  . GLU A 1 130 ? -12.768 9.988   -5.962  1.00 39.38 ? 128 GLU A CA  1 
ATOM   858 C C   . GLU A 1 130 ? -12.959 10.069  -7.486  1.00 34.96 ? 128 GLU A C   1 
ATOM   859 O O   . GLU A 1 130 ? -12.026 9.813   -8.245  1.00 34.59 ? 128 GLU A O   1 
ATOM   860 C CB  . GLU A 1 130 ? -12.153 11.299  -5.448  1.00 36.09 ? 128 GLU A CB  1 
ATOM   861 C CG  . GLU A 1 130 ? -13.144 12.379  -5.058  1.00 37.88 ? 128 GLU A CG  1 
ATOM   862 C CD  . GLU A 1 130 ? -12.474 13.697  -4.655  1.00 34.36 ? 128 GLU A CD  1 
ATOM   863 O OE1 . GLU A 1 130 ? -11.352 13.983  -5.114  1.00 35.74 ? 128 GLU A OE1 1 
ATOM   864 O OE2 . GLU A 1 130 ? -13.082 14.464  -3.888  1.00 41.53 ? 128 GLU A OE2 1 
ATOM   865 N N   . ALA A 1 131 ? -14.158 10.435  -7.928  1.00 37.18 ? 129 ALA A N   1 
ATOM   866 C CA  . ALA A 1 131 ? -14.447 10.572  -9.361  1.00 37.11 ? 129 ALA A CA  1 
ATOM   867 C C   . ALA A 1 131 ? -15.652 11.477  -9.615  1.00 38.46 ? 129 ALA A C   1 
ATOM   868 O O   . ALA A 1 131 ? -16.582 11.523  -8.811  1.00 37.88 ? 129 ALA A O   1 
ATOM   869 C CB  . ALA A 1 131 ? -14.670 9.203   -9.995  1.00 35.91 ? 129 ALA A CB  1 
ATOM   870 N N   . PRO A 1 132 ? -15.642 12.201  -10.745 1.00 38.92 ? 130 PRO A N   1 
ATOM   871 C CA  . PRO A 1 132 ? -16.743 13.117  -11.078 1.00 43.65 ? 130 PRO A CA  1 
ATOM   872 C C   . PRO A 1 132 ? -18.070 12.384  -11.252 1.00 44.23 ? 130 PRO A C   1 
ATOM   873 O O   . PRO A 1 132 ? -18.117 11.157  -11.327 1.00 46.82 ? 130 PRO A O   1 
ATOM   874 C CB  . PRO A 1 132 ? -16.298 13.718  -12.423 1.00 49.85 ? 130 PRO A CB  1 
ATOM   875 C CG  . PRO A 1 132 ? -15.306 12.714  -12.965 1.00 45.44 ? 130 PRO A CG  1 
ATOM   876 C CD  . PRO A 1 132 ? -14.565 12.273  -11.744 1.00 34.61 ? 130 PRO A CD  1 
ATOM   877 O OXT . PRO A 1 132 ? -19.131 13.002  -11.321 1.00 55.17 ? 130 PRO A OXT 1 
HETATM 878 N N1  . BCN B 2 .   ? -5.356  -7.786  7.123   1.00 45.51 ? 131 BCN A N1  1 
HETATM 879 C C1  . BCN B 2 .   ? -5.151  -6.623  6.270   1.00 53.82 ? 131 BCN A C1  1 
HETATM 880 C C2  . BCN B 2 .   ? -4.365  -5.456  6.870   1.00 40.36 ? 131 BCN A C2  1 
HETATM 881 O O21 . BCN B 2 .   ? -2.971  -5.446  6.681   1.00 41.03 ? 131 BCN A O21 1 
HETATM 882 O O22 . BCN B 2 .   ? -4.772  -5.059  8.152   1.00 44.67 ? 131 BCN A O22 1 
HETATM 883 C C3  . BCN B 2 .   ? -4.107  -8.063  7.804   1.00 49.46 ? 131 BCN A C3  1 
HETATM 884 C C4  . BCN B 2 .   ? -3.895  -9.525  8.197   1.00 60.96 ? 131 BCN A C4  1 
HETATM 885 O O4  . BCN B 2 .   ? -2.882  -9.848  8.724   1.00 60.03 ? 131 BCN A O4  1 
HETATM 886 C C5  . BCN B 2 .   ? -6.401  -7.534  8.106   1.00 42.02 ? 131 BCN A C5  1 
HETATM 887 C C6  . BCN B 2 .   ? -7.216  -6.257  7.890   1.00 43.45 ? 131 BCN A C6  1 
HETATM 888 O O6  . BCN B 2 .   ? -8.047  -5.954  8.683   1.00 47.63 ? 131 BCN A O6  1 
HETATM 889 O O   . HOH C 3 .   ? -3.841  5.333   -14.243 1.00 45.60 ? 132 HOH A O   1 
HETATM 890 O O   . HOH C 3 .   ? -10.947 11.880  -10.906 1.00 38.36 ? 133 HOH A O   1 
HETATM 891 O O   . HOH C 3 .   ? -4.054  14.165  -2.139  1.00 44.46 ? 134 HOH A O   1 
HETATM 892 O O   . HOH C 3 .   ? 14.686  -11.905 0.575   1.00 40.68 ? 135 HOH A O   1 
HETATM 893 O O   . HOH C 3 .   ? 10.745  -15.466 -4.019  1.00 39.91 ? 136 HOH A O   1 
HETATM 894 O O   . HOH C 3 .   ? -2.620  11.384  -2.044  1.00 39.25 ? 137 HOH A O   1 
HETATM 895 O O   . HOH C 3 .   ? -18.402 9.602   -8.699  1.00 48.21 ? 138 HOH A O   1 
HETATM 896 O O   . HOH C 3 .   ? 11.072  -11.755 7.531   1.00 42.09 ? 139 HOH A O   1 
HETATM 897 O O   . HOH C 3 .   ? -10.366 16.479  -5.931  1.00 41.41 ? 140 HOH A O   1 
HETATM 898 O O   . HOH C 3 .   ? 10.644  -2.306  -4.305  1.00 44.35 ? 141 HOH A O   1 
HETATM 899 O O   . HOH C 3 .   ? 12.469  0.097   3.684   1.00 44.45 ? 142 HOH A O   1 
HETATM 900 O O   . HOH C 3 .   ? 12.577  -13.400 -3.959  1.00 39.46 ? 143 HOH A O   1 
HETATM 901 O O   . HOH C 3 .   ? -17.718 2.291   -6.228  1.00 46.63 ? 144 HOH A O   1 
HETATM 902 O O   . HOH C 3 .   ? 20.010  -6.875  5.342   1.00 45.94 ? 145 HOH A O   1 
HETATM 903 O O   . HOH C 3 .   ? 16.833  -2.962  -3.392  1.00 45.10 ? 146 HOH A O   1 
HETATM 904 O O   . HOH C 3 .   ? 16.124  -1.515  2.510   1.00 54.17 ? 147 HOH A O   1 
HETATM 905 O O   . HOH C 3 .   ? 4.868   -14.193 4.905   1.00 52.05 ? 148 HOH A O   1 
HETATM 906 O O   . HOH C 3 .   ? 16.326  -14.493 2.869   1.00 37.81 ? 149 HOH A O   1 
HETATM 907 O O   . HOH C 3 .   ? -11.676 5.428   -14.451 1.00 49.12 ? 150 HOH A O   1 
HETATM 908 O O   . HOH C 3 .   ? -14.196 6.298   -14.735 1.00 49.21 ? 151 HOH A O   1 
HETATM 909 O O   . HOH C 3 .   ? -11.263 13.784  -12.757 1.00 37.72 ? 152 HOH A O   1 
HETATM 910 O O   . HOH C 3 .   ? -11.416 18.839  -6.688  1.00 51.11 ? 153 HOH A O   1 
HETATM 911 O O   . HOH C 3 .   ? -6.383  -4.965  1.805   1.00 46.16 ? 154 HOH A O   1 
HETATM 912 O O   . HOH C 3 .   ? 12.662  -14.564 0.739   1.00 41.93 ? 155 HOH A O   1 
HETATM 913 O O   . HOH C 3 .   ? 5.334   10.314  3.567   1.00 53.82 ? 156 HOH A O   1 
HETATM 914 O O   . HOH C 3 .   ? -8.991  15.318  -12.750 1.00 40.72 ? 157 HOH A O   1 
HETATM 915 O O   . HOH C 3 .   ? -9.163  3.839   -19.519 1.00 52.70 ? 158 HOH A O   1 
HETATM 916 O O   . HOH C 3 .   ? -19.513 -1.685  -2.062  1.00 53.41 ? 159 HOH A O   1 
HETATM 917 O O   . HOH C 3 .   ? 6.699   -2.254  -5.255  1.00 52.01 ? 160 HOH A O   1 
HETATM 918 O O   . HOH C 3 .   ? 10.994  -8.307  -6.852  1.00 50.26 ? 161 HOH A O   1 
HETATM 919 O O   . HOH C 3 .   ? 9.255   -6.420  -6.291  1.00 52.09 ? 162 HOH A O   1 
HETATM 920 O O   . HOH C 3 .   ? -3.171  14.292  0.720   1.00 43.04 ? 163 HOH A O   1 
HETATM 921 O O   . HOH C 3 .   ? 9.454   -10.217 -7.975  1.00 54.83 ? 164 HOH A O   1 
HETATM 922 O O   . HOH C 3 .   ? 14.710  -16.804 1.517   1.00 38.91 ? 165 HOH A O   1 
HETATM 923 O O   . HOH C 3 .   ? -0.584  9.431   -6.411  1.00 47.97 ? 166 HOH A O   1 
HETATM 924 O O   . HOH C 3 .   ? 17.052  -13.390 0.710   1.00 31.07 ? 167 HOH A O   1 
HETATM 925 O O   . HOH C 3 .   ? -14.185 17.144  -11.346 1.00 53.37 ? 168 HOH A O   1 
HETATM 926 O O   . HOH C 3 .   ? -15.480 13.942  -3.387  1.00 39.97 ? 169 HOH A O   1 
HETATM 927 O O   . HOH C 3 .   ? 15.302  -12.662 6.613   1.00 37.06 ? 170 HOH A O   1 
HETATM 928 O O   . HOH C 3 .   ? 0.874   11.261  4.280   1.00 47.73 ? 171 HOH A O   1 
HETATM 929 O O   . HOH C 3 .   ? 20.457  -7.675  2.836   1.00 50.11 ? 172 HOH A O   1 
HETATM 930 O O   . HOH C 3 .   ? 4.686   -0.618  -3.138  1.00 53.83 ? 173 HOH A O   1 
HETATM 931 O O   . HOH C 3 .   ? -16.905 1.637   -2.209  1.00 45.69 ? 174 HOH A O   1 
HETATM 932 O O   . HOH C 3 .   ? 1.779   3.353   18.236  1.00 41.74 ? 175 HOH A O   1 
HETATM 933 O O   . HOH C 3 .   ? 17.964  -3.142  8.161   1.00 52.27 ? 176 HOH A O   1 
HETATM 934 O O   . HOH C 3 .   ? 1.267   -14.474 -0.110  1.00 49.53 ? 177 HOH A O   1 
HETATM 935 O O   . HOH C 3 .   ? 9.298   4.508   1.928   1.00 45.78 ? 178 HOH A O   1 
# 
loop_
_pdbx_poly_seq_scheme.asym_id 
_pdbx_poly_seq_scheme.entity_id 
_pdbx_poly_seq_scheme.seq_id 
_pdbx_poly_seq_scheme.mon_id 
_pdbx_poly_seq_scheme.ndb_seq_num 
_pdbx_poly_seq_scheme.pdb_seq_num 
_pdbx_poly_seq_scheme.auth_seq_num 
_pdbx_poly_seq_scheme.pdb_mon_id 
_pdbx_poly_seq_scheme.auth_mon_id 
_pdbx_poly_seq_scheme.pdb_strand_id 
_pdbx_poly_seq_scheme.pdb_ins_code 
_pdbx_poly_seq_scheme.hetero 
A 1 1   GLY 1   -1  -1  GLY GLY A . n 
A 1 2   ALA 2   0   0   ALA ALA A . n 
A 1 3   MET 3   1   1   MET MET A . n 
A 1 4   GLY 4   2   2   GLY GLY A . n 
A 1 5   ILE 5   3   3   ILE ILE A . n 
A 1 6   VAL 6   4   4   VAL VAL A . n 
A 1 7   GLY 7   5   5   GLY GLY A . n 
A 1 8   VAL 8   6   6   VAL VAL A . n 
A 1 9   GLY 9   7   7   GLY GLY A . n 
A 1 10  ILE 10  8   8   ILE ILE A . n 
A 1 11  ASP 11  9   9   ASP ASP A . n 
A 1 12  LEU 12  10  10  LEU LEU A . n 
A 1 13  VAL 13  11  11  VAL VAL A . n 
A 1 14  SER 14  12  12  SER SER A . n 
A 1 15  ILE 15  13  13  ILE ILE A . n 
A 1 16  PRO 16  14  14  PRO PRO A . n 
A 1 17  ASP 17  15  15  ASP ASP A . n 
A 1 18  PHE 18  16  16  PHE PHE A . n 
A 1 19  ALA 19  17  17  ALA ALA A . n 
A 1 20  GLU 20  18  18  GLU GLU A . n 
A 1 21  GLN 21  19  19  GLN GLN A . n 
A 1 22  VAL 22  20  20  VAL VAL A . n 
A 1 23  ASP 23  21  21  ASP ASP A . n 
A 1 24  GLN 24  22  22  GLN GLN A . n 
A 1 25  PRO 25  23  23  PRO PRO A . n 
A 1 26  GLY 26  24  24  GLY GLY A . n 
A 1 27  THR 27  25  25  THR THR A . n 
A 1 28  VAL 28  26  26  VAL VAL A . n 
A 1 29  PHE 29  27  27  PHE PHE A . n 
A 1 30  ALA 30  28  28  ALA ALA A . n 
A 1 31  GLU 31  29  29  GLU GLU A . n 
A 1 32  THR 32  30  30  THR THR A . n 
A 1 33  PHE 33  31  31  PHE PHE A . n 
A 1 34  THR 34  32  32  THR THR A . n 
A 1 35  PRO 35  33  33  PRO PRO A . n 
A 1 36  GLY 36  34  34  GLY GLY A . n 
A 1 37  GLU 37  35  35  GLU GLU A . n 
A 1 38  ARG 38  36  36  ARG ARG A . n 
A 1 39  ARG 39  37  37  ARG ARG A . n 
A 1 40  ASP 40  38  38  ASP ASP A . n 
A 1 41  ALA 41  39  39  ALA ALA A . n 
A 1 42  SER 42  40  40  SER SER A . n 
A 1 43  ASP 43  41  41  ASP ASP A . n 
A 1 44  LYS 44  42  42  LYS LYS A . n 
A 1 45  SER 45  43  43  SER SER A . n 
A 1 46  SER 46  44  44  SER SER A . n 
A 1 47  SER 47  45  45  SER SER A . n 
A 1 48  ALA 48  46  46  ALA ALA A . n 
A 1 49  ALA 49  47  47  ALA ALA A . n 
A 1 50  ARG 50  48  48  ARG ARG A . n 
A 1 51  HIS 51  49  49  HIS HIS A . n 
A 1 52  LEU 52  50  50  LEU LEU A . n 
A 1 53  ALA 53  51  51  ALA ALA A . n 
A 1 54  ALA 54  52  52  ALA ALA A . n 
A 1 55  ARG 55  53  53  ARG ARG A . n 
A 1 56  TRP 56  54  54  TRP TRP A . n 
A 1 57  ALA 57  55  55  ALA ALA A . n 
A 1 58  ALA 58  56  56  ALA ALA A . n 
A 1 59  LYS 59  57  57  LYS LYS A . n 
A 1 60  GLU 60  58  58  GLU GLU A . n 
A 1 61  ALA 61  59  59  ALA ALA A . n 
A 1 62  VAL 62  60  60  VAL VAL A . n 
A 1 63  ILE 63  61  61  ILE ILE A . n 
A 1 64  LYS 64  62  62  LYS LYS A . n 
A 1 65  ALA 65  63  63  ALA ALA A . n 
A 1 66  TRP 66  64  64  TRP TRP A . n 
A 1 67  SER 67  65  65  SER SER A . n 
A 1 68  GLY 68  66  66  GLY GLY A . n 
A 1 69  SER 69  67  67  SER SER A . n 
A 1 70  ARG 70  68  68  ARG ARG A . n 
A 1 71  PHE 71  69  69  PHE PHE A . n 
A 1 72  ALA 72  70  70  ALA ALA A . n 
A 1 73  GLN 73  71  ?   ?   ?   A . n 
A 1 74  ARG 74  72  ?   ?   ?   A . n 
A 1 75  PRO 75  73  ?   ?   ?   A . n 
A 1 76  VAL 76  74  ?   ?   ?   A . n 
A 1 77  LEU 77  75  ?   ?   ?   A . n 
A 1 78  PRO 78  76  ?   ?   ?   A . n 
A 1 79  GLU 79  77  ?   ?   ?   A . n 
A 1 80  ASP 80  78  ?   ?   ?   A . n 
A 1 81  ILE 81  79  79  ILE ILE A . n 
A 1 82  HIS 82  80  80  HIS HIS A . n 
A 1 83  ARG 83  81  81  ARG ARG A . n 
A 1 84  ASP 84  82  82  ASP ASP A . n 
A 1 85  ILE 85  83  83  ILE ILE A . n 
A 1 86  GLU 86  84  84  GLU GLU A . n 
A 1 87  VAL 87  85  85  VAL VAL A . n 
A 1 88  VAL 88  86  86  VAL VAL A . n 
A 1 89  THR 89  87  87  THR THR A . n 
A 1 90  ASP 90  88  ?   ?   ?   A . n 
A 1 91  MET 91  89  ?   ?   ?   A . n 
A 1 92  TRP 92  90  ?   ?   ?   A . n 
A 1 93  GLY 93  91  ?   ?   ?   A . n 
A 1 94  ARG 94  92  92  ARG ARG A . n 
A 1 95  PRO 95  93  93  PRO PRO A . n 
A 1 96  ARG 96  94  94  ARG ARG A . n 
A 1 97  VAL 97  95  95  VAL VAL A . n 
A 1 98  ARG 98  96  96  ARG ARG A . n 
A 1 99  LEU 99  97  97  LEU LEU A . n 
A 1 100 THR 100 98  98  THR THR A . n 
A 1 101 GLY 101 99  99  GLY GLY A . n 
A 1 102 ALA 102 100 100 ALA ALA A . n 
A 1 103 ILE 103 101 101 ILE ILE A . n 
A 1 104 ALA 104 102 102 ALA ALA A . n 
A 1 105 GLU 105 103 103 GLU GLU A . n 
A 1 106 TYR 106 104 104 TYR TYR A . n 
A 1 107 LEU 107 105 105 LEU LEU A . n 
A 1 108 ALA 108 106 106 ALA ALA A . n 
A 1 109 ASP 109 107 107 ASP ASP A . n 
A 1 110 VAL 110 108 108 VAL VAL A . n 
A 1 111 THR 111 109 109 THR THR A . n 
A 1 112 ILE 112 110 110 ILE ILE A . n 
A 1 113 HIS 113 111 111 HIS HIS A . n 
A 1 114 VAL 114 112 112 VAL VAL A . n 
A 1 115 SER 115 113 113 SER SER A . n 
A 1 116 LEU 116 114 114 LEU LEU A . n 
A 1 117 THR 117 115 115 THR THR A . n 
A 1 118 HIS 118 116 116 HIS HIS A . n 
A 1 119 GLU 119 117 117 GLU GLU A . n 
A 1 120 GLY 120 118 118 GLY GLY A . n 
A 1 121 ASP 121 119 119 ASP ASP A . n 
A 1 122 THR 122 120 120 THR THR A . n 
A 1 123 ALA 123 121 121 ALA ALA A . n 
A 1 124 ALA 124 122 122 ALA ALA A . n 
A 1 125 ALA 125 123 123 ALA ALA A . n 
A 1 126 VAL 126 124 124 VAL VAL A . n 
A 1 127 ALA 127 125 125 ALA ALA A . n 
A 1 128 ILE 128 126 126 ILE ILE A . n 
A 1 129 LEU 129 127 127 LEU LEU A . n 
A 1 130 GLU 130 128 128 GLU GLU A . n 
A 1 131 ALA 131 129 129 ALA ALA A . n 
A 1 132 PRO 132 130 130 PRO PRO A . n 
# 
loop_
_pdbx_nonpoly_scheme.asym_id 
_pdbx_nonpoly_scheme.entity_id 
_pdbx_nonpoly_scheme.mon_id 
_pdbx_nonpoly_scheme.ndb_seq_num 
_pdbx_nonpoly_scheme.pdb_seq_num 
_pdbx_nonpoly_scheme.auth_seq_num 
_pdbx_nonpoly_scheme.pdb_mon_id 
_pdbx_nonpoly_scheme.auth_mon_id 
_pdbx_nonpoly_scheme.pdb_strand_id 
_pdbx_nonpoly_scheme.pdb_ins_code 
B 2 BCN 1  131 0  BCN BCN A . 
C 3 HOH 1  132 1  HOH HOH A . 
C 3 HOH 2  133 2  HOH HOH A . 
C 3 HOH 3  134 3  HOH HOH A . 
C 3 HOH 4  135 5  HOH HOH A . 
C 3 HOH 5  136 6  HOH HOH A . 
C 3 HOH 6  137 7  HOH HOH A . 
C 3 HOH 7  138 8  HOH HOH A . 
C 3 HOH 8  139 9  HOH HOH A . 
C 3 HOH 9  140 10 HOH HOH A . 
C 3 HOH 10 141 11 HOH HOH A . 
C 3 HOH 11 142 12 HOH HOH A . 
C 3 HOH 12 143 13 HOH HOH A . 
C 3 HOH 13 144 14 HOH HOH A . 
C 3 HOH 14 145 15 HOH HOH A . 
C 3 HOH 15 146 16 HOH HOH A . 
C 3 HOH 16 147 17 HOH HOH A . 
C 3 HOH 17 148 20 HOH HOH A . 
C 3 HOH 18 149 21 HOH HOH A . 
C 3 HOH 19 150 22 HOH HOH A . 
C 3 HOH 20 151 23 HOH HOH A . 
C 3 HOH 21 152 25 HOH HOH A . 
C 3 HOH 22 153 26 HOH HOH A . 
C 3 HOH 23 154 31 HOH HOH A . 
C 3 HOH 24 155 33 HOH HOH A . 
C 3 HOH 25 156 34 HOH HOH A . 
C 3 HOH 26 157 36 HOH HOH A . 
C 3 HOH 27 158 37 HOH HOH A . 
C 3 HOH 28 159 39 HOH HOH A . 
C 3 HOH 29 160 40 HOH HOH A . 
C 3 HOH 30 161 42 HOH HOH A . 
C 3 HOH 31 162 44 HOH HOH A . 
C 3 HOH 32 163 47 HOH HOH A . 
C 3 HOH 33 164 48 HOH HOH A . 
C 3 HOH 34 165 49 HOH HOH A . 
C 3 HOH 35 166 51 HOH HOH A . 
C 3 HOH 36 167 52 HOH HOH A . 
C 3 HOH 37 168 55 HOH HOH A . 
C 3 HOH 38 169 56 HOH HOH A . 
C 3 HOH 39 170 57 HOH HOH A . 
C 3 HOH 40 171 59 HOH HOH A . 
C 3 HOH 41 172 61 HOH HOH A . 
C 3 HOH 42 173 64 HOH HOH A . 
C 3 HOH 43 174 66 HOH HOH A . 
C 3 HOH 44 175 79 HOH HOH A . 
C 3 HOH 45 176 80 HOH HOH A . 
C 3 HOH 46 177 83 HOH HOH A . 
C 3 HOH 47 178 85 HOH HOH A . 
# 
_pdbx_struct_assembly.id                   1 
_pdbx_struct_assembly.details              author_and_software_defined_assembly 
_pdbx_struct_assembly.method_details       PISA 
_pdbx_struct_assembly.oligomeric_details   trimeric 
_pdbx_struct_assembly.oligomeric_count     3 
# 
_pdbx_struct_assembly_gen.assembly_id       1 
_pdbx_struct_assembly_gen.oper_expression   1,2,3 
_pdbx_struct_assembly_gen.asym_id_list      A,B,C 
# 
loop_
_pdbx_struct_assembly_prop.biol_id 
_pdbx_struct_assembly_prop.type 
_pdbx_struct_assembly_prop.value 
_pdbx_struct_assembly_prop.details 
1 'ABSA (A^2)' 4830  ? 
1 MORE         -27   ? 
1 'SSA (A^2)'  16210 ? 
# 
loop_
_pdbx_struct_oper_list.id 
_pdbx_struct_oper_list.type 
_pdbx_struct_oper_list.name 
_pdbx_struct_oper_list.symmetry_operation 
_pdbx_struct_oper_list.matrix[1][1] 
_pdbx_struct_oper_list.matrix[1][2] 
_pdbx_struct_oper_list.matrix[1][3] 
_pdbx_struct_oper_list.vector[1] 
_pdbx_struct_oper_list.matrix[2][1] 
_pdbx_struct_oper_list.matrix[2][2] 
_pdbx_struct_oper_list.matrix[2][3] 
_pdbx_struct_oper_list.vector[2] 
_pdbx_struct_oper_list.matrix[3][1] 
_pdbx_struct_oper_list.matrix[3][2] 
_pdbx_struct_oper_list.matrix[3][3] 
_pdbx_struct_oper_list.vector[3] 
1 'identity operation'         1_555 x,y,z     1.0000000000  0.0000000000  0.0000000000 0.0000000000   0.0000000000  1.0000000000  0.0000000000  0.0000000000  0.0000000000 0.0000000000  1.0000000000 0.0000000000  
2 'crystal symmetry operation' 2_555 -y,x-y,z  -0.1082540120 0.2302820609  0.9670838854 -19.4913054588 -0.9878867570 -0.1337136224 -0.0787427621 0.4676151607  0.1111792439 -0.9638935832 0.2419676344 14.4914060834 
3 'crystal symmetry operation' 3_555 -x+y,-x,z -0.1082540120 -0.9878867570 0.1111792439 -3.2592047614  0.2302820609  -0.1337136224 -0.9638935832 18.5191978414 0.9670838854 -0.0787427621 0.2419676344 15.3800974748 
# 
loop_
_pdbx_audit_revision_history.ordinal 
_pdbx_audit_revision_history.data_content_type 
_pdbx_audit_revision_history.major_revision 
_pdbx_audit_revision_history.minor_revision 
_pdbx_audit_revision_history.revision_date 
1 'Structure model' 1 0 2010-04-07 
2 'Structure model' 1 1 2011-07-13 
3 'Structure model' 1 2 2023-11-01 
# 
_pdbx_audit_revision_details.ordinal             1 
_pdbx_audit_revision_details.revision_ordinal    1 
_pdbx_audit_revision_details.data_content_type   'Structure model' 
_pdbx_audit_revision_details.provider            repository 
_pdbx_audit_revision_details.type                'Initial release' 
_pdbx_audit_revision_details.description         ? 
_pdbx_audit_revision_details.details             ? 
# 
loop_
_pdbx_audit_revision_group.ordinal 
_pdbx_audit_revision_group.revision_ordinal 
_pdbx_audit_revision_group.data_content_type 
_pdbx_audit_revision_group.group 
1 2 'Structure model' 'Version format compliance' 
2 3 'Structure model' 'Data collection'           
3 3 'Structure model' 'Database references'       
4 3 'Structure model' 'Derived calculations'      
5 3 'Structure model' 'Refinement description'    
# 
loop_
_pdbx_audit_revision_category.ordinal 
_pdbx_audit_revision_category.revision_ordinal 
_pdbx_audit_revision_category.data_content_type 
_pdbx_audit_revision_category.category 
1 3 'Structure model' chem_comp_atom                
2 3 'Structure model' chem_comp_bond                
3 3 'Structure model' database_2                    
4 3 'Structure model' pdbx_initial_refinement_model 
5 3 'Structure model' struct_ref_seq_dif            
6 3 'Structure model' struct_site                   
# 
loop_
_pdbx_audit_revision_item.ordinal 
_pdbx_audit_revision_item.revision_ordinal 
_pdbx_audit_revision_item.data_content_type 
_pdbx_audit_revision_item.item 
1 3 'Structure model' '_database_2.pdbx_DOI'                
2 3 'Structure model' '_database_2.pdbx_database_accession' 
3 3 'Structure model' '_struct_ref_seq_dif.details'         
4 3 'Structure model' '_struct_site.pdbx_auth_asym_id'      
5 3 'Structure model' '_struct_site.pdbx_auth_comp_id'      
6 3 'Structure model' '_struct_site.pdbx_auth_seq_id'       
# 
loop_
_software.pdbx_ordinal 
_software.name 
_software.version 
_software.date 
_software.type 
_software.contact_author 
_software.contact_author_email 
_software.classification 
_software.location 
_software.language 
_software.citation_id 
1 XSCALE      .     ?               package 'Wolfgang Kabsch' ?                     'data processing' 
http://www.mpimf-heidelberg.mpg.de/~kabsch/xds/html_doc/xscale_program.html ?   ? 
2 PHENIX      .     ?               package 'Paul D. Adams'   PDAdams@lbl.gov       refinement        
http://www.phenix-online.org/                                               C++ ? 
3 PDB_EXTRACT 3.005 'June 11, 2008' package PDB               help@deposit.rcsb.org 'data extraction' 
http://sw-tools.pdb.org/apps/PDB_EXTRACT/                                   C++ ? 
4 XDS         .     ?               ?       ?                 ?                     'data reduction'  ? ?   ? 
5 XSCALE      .     ?               ?       ?                 ?                     'data scaling'    ? ?   ? 
6 PHASER      .     ?               ?       ?                 ?                     phasing           ? ?   ? 
# 
loop_
_pdbx_unobs_or_zero_occ_atoms.id 
_pdbx_unobs_or_zero_occ_atoms.PDB_model_num 
_pdbx_unobs_or_zero_occ_atoms.polymer_flag 
_pdbx_unobs_or_zero_occ_atoms.occupancy_flag 
_pdbx_unobs_or_zero_occ_atoms.auth_asym_id 
_pdbx_unobs_or_zero_occ_atoms.auth_comp_id 
_pdbx_unobs_or_zero_occ_atoms.auth_seq_id 
_pdbx_unobs_or_zero_occ_atoms.PDB_ins_code 
_pdbx_unobs_or_zero_occ_atoms.auth_atom_id 
_pdbx_unobs_or_zero_occ_atoms.label_alt_id 
_pdbx_unobs_or_zero_occ_atoms.label_asym_id 
_pdbx_unobs_or_zero_occ_atoms.label_comp_id 
_pdbx_unobs_or_zero_occ_atoms.label_seq_id 
_pdbx_unobs_or_zero_occ_atoms.label_atom_id 
1  1 Y 1 A ILE 79 ? CG1 ? A ILE 81 CG1 
2  1 Y 1 A ILE 79 ? CG2 ? A ILE 81 CG2 
3  1 Y 1 A ILE 79 ? CD1 ? A ILE 81 CD1 
4  1 Y 1 A HIS 80 ? CG  ? A HIS 82 CG  
5  1 Y 1 A HIS 80 ? ND1 ? A HIS 82 ND1 
6  1 Y 1 A HIS 80 ? CD2 ? A HIS 82 CD2 
7  1 Y 1 A HIS 80 ? CE1 ? A HIS 82 CE1 
8  1 Y 1 A HIS 80 ? NE2 ? A HIS 82 NE2 
9  1 Y 1 A ARG 81 ? CG  ? A ARG 83 CG  
10 1 Y 1 A ARG 81 ? CD  ? A ARG 83 CD  
11 1 Y 1 A ARG 81 ? NE  ? A ARG 83 NE  
12 1 Y 1 A ARG 81 ? CZ  ? A ARG 83 CZ  
13 1 Y 1 A ARG 81 ? NH1 ? A ARG 83 NH1 
14 1 Y 1 A ARG 81 ? NH2 ? A ARG 83 NH2 
15 1 Y 1 A ARG 92 ? CG  ? A ARG 94 CG  
16 1 Y 1 A ARG 92 ? CD  ? A ARG 94 CD  
17 1 Y 1 A ARG 92 ? NE  ? A ARG 94 NE  
18 1 Y 1 A ARG 92 ? CZ  ? A ARG 94 CZ  
19 1 Y 1 A ARG 92 ? NH1 ? A ARG 94 NH1 
20 1 Y 1 A ARG 92 ? NH2 ? A ARG 94 NH2 
# 
loop_
_pdbx_unobs_or_zero_occ_residues.id 
_pdbx_unobs_or_zero_occ_residues.PDB_model_num 
_pdbx_unobs_or_zero_occ_residues.polymer_flag 
_pdbx_unobs_or_zero_occ_residues.occupancy_flag 
_pdbx_unobs_or_zero_occ_residues.auth_asym_id 
_pdbx_unobs_or_zero_occ_residues.auth_comp_id 
_pdbx_unobs_or_zero_occ_residues.auth_seq_id 
_pdbx_unobs_or_zero_occ_residues.PDB_ins_code 
_pdbx_unobs_or_zero_occ_residues.label_asym_id 
_pdbx_unobs_or_zero_occ_residues.label_comp_id 
_pdbx_unobs_or_zero_occ_residues.label_seq_id 
1  1 Y 1 A GLN 71 ? A GLN 73 
2  1 Y 1 A ARG 72 ? A ARG 74 
3  1 Y 1 A PRO 73 ? A PRO 75 
4  1 Y 1 A VAL 74 ? A VAL 76 
5  1 Y 1 A LEU 75 ? A LEU 77 
6  1 Y 1 A PRO 76 ? A PRO 78 
7  1 Y 1 A GLU 77 ? A GLU 79 
8  1 Y 1 A ASP 78 ? A ASP 80 
9  1 Y 1 A ASP 88 ? A ASP 90 
10 1 Y 1 A MET 89 ? A MET 91 
11 1 Y 1 A TRP 90 ? A TRP 92 
12 1 Y 1 A GLY 91 ? A GLY 93 
# 
loop_
_chem_comp_atom.comp_id 
_chem_comp_atom.atom_id 
_chem_comp_atom.type_symbol 
_chem_comp_atom.pdbx_aromatic_flag 
_chem_comp_atom.pdbx_stereo_config 
_chem_comp_atom.pdbx_ordinal 
ALA N    N N N 1   
ALA CA   C N S 2   
ALA C    C N N 3   
ALA O    O N N 4   
ALA CB   C N N 5   
ALA OXT  O N N 6   
ALA H    H N N 7   
ALA H2   H N N 8   
ALA HA   H N N 9   
ALA HB1  H N N 10  
ALA HB2  H N N 11  
ALA HB3  H N N 12  
ALA HXT  H N N 13  
ARG N    N N N 14  
ARG CA   C N S 15  
ARG C    C N N 16  
ARG O    O N N 17  
ARG CB   C N N 18  
ARG CG   C N N 19  
ARG CD   C N N 20  
ARG NE   N N N 21  
ARG CZ   C N N 22  
ARG NH1  N N N 23  
ARG NH2  N N N 24  
ARG OXT  O N N 25  
ARG H    H N N 26  
ARG H2   H N N 27  
ARG HA   H N N 28  
ARG HB2  H N N 29  
ARG HB3  H N N 30  
ARG HG2  H N N 31  
ARG HG3  H N N 32  
ARG HD2  H N N 33  
ARG HD3  H N N 34  
ARG HE   H N N 35  
ARG HH11 H N N 36  
ARG HH12 H N N 37  
ARG HH21 H N N 38  
ARG HH22 H N N 39  
ARG HXT  H N N 40  
ASP N    N N N 41  
ASP CA   C N S 42  
ASP C    C N N 43  
ASP O    O N N 44  
ASP CB   C N N 45  
ASP CG   C N N 46  
ASP OD1  O N N 47  
ASP OD2  O N N 48  
ASP OXT  O N N 49  
ASP H    H N N 50  
ASP H2   H N N 51  
ASP HA   H N N 52  
ASP HB2  H N N 53  
ASP HB3  H N N 54  
ASP HD2  H N N 55  
ASP HXT  H N N 56  
BCN N1   N N N 57  
BCN C1   C N N 58  
BCN C2   C N N 59  
BCN O21  O N N 60  
BCN O22  O N N 61  
BCN C3   C N N 62  
BCN C4   C N N 63  
BCN O4   O N N 64  
BCN C5   C N N 65  
BCN C6   C N N 66  
BCN O6   O N N 67  
BCN H11  H N N 68  
BCN H12  H N N 69  
BCN HO2  H N N 70  
BCN H31  H N N 71  
BCN H32  H N N 72  
BCN H41  H N N 73  
BCN H42  H N N 74  
BCN HO4  H N N 75  
BCN H51  H N N 76  
BCN H52  H N N 77  
BCN H61  H N N 78  
BCN H62  H N N 79  
BCN HO6  H N N 80  
GLN N    N N N 81  
GLN CA   C N S 82  
GLN C    C N N 83  
GLN O    O N N 84  
GLN CB   C N N 85  
GLN CG   C N N 86  
GLN CD   C N N 87  
GLN OE1  O N N 88  
GLN NE2  N N N 89  
GLN OXT  O N N 90  
GLN H    H N N 91  
GLN H2   H N N 92  
GLN HA   H N N 93  
GLN HB2  H N N 94  
GLN HB3  H N N 95  
GLN HG2  H N N 96  
GLN HG3  H N N 97  
GLN HE21 H N N 98  
GLN HE22 H N N 99  
GLN HXT  H N N 100 
GLU N    N N N 101 
GLU CA   C N S 102 
GLU C    C N N 103 
GLU O    O N N 104 
GLU CB   C N N 105 
GLU CG   C N N 106 
GLU CD   C N N 107 
GLU OE1  O N N 108 
GLU OE2  O N N 109 
GLU OXT  O N N 110 
GLU H    H N N 111 
GLU H2   H N N 112 
GLU HA   H N N 113 
GLU HB2  H N N 114 
GLU HB3  H N N 115 
GLU HG2  H N N 116 
GLU HG3  H N N 117 
GLU HE2  H N N 118 
GLU HXT  H N N 119 
GLY N    N N N 120 
GLY CA   C N N 121 
GLY C    C N N 122 
GLY O    O N N 123 
GLY OXT  O N N 124 
GLY H    H N N 125 
GLY H2   H N N 126 
GLY HA2  H N N 127 
GLY HA3  H N N 128 
GLY HXT  H N N 129 
HIS N    N N N 130 
HIS CA   C N S 131 
HIS C    C N N 132 
HIS O    O N N 133 
HIS CB   C N N 134 
HIS CG   C Y N 135 
HIS ND1  N Y N 136 
HIS CD2  C Y N 137 
HIS CE1  C Y N 138 
HIS NE2  N Y N 139 
HIS OXT  O N N 140 
HIS H    H N N 141 
HIS H2   H N N 142 
HIS HA   H N N 143 
HIS HB2  H N N 144 
HIS HB3  H N N 145 
HIS HD1  H N N 146 
HIS HD2  H N N 147 
HIS HE1  H N N 148 
HIS HE2  H N N 149 
HIS HXT  H N N 150 
HOH O    O N N 151 
HOH H1   H N N 152 
HOH H2   H N N 153 
ILE N    N N N 154 
ILE CA   C N S 155 
ILE C    C N N 156 
ILE O    O N N 157 
ILE CB   C N S 158 
ILE CG1  C N N 159 
ILE CG2  C N N 160 
ILE CD1  C N N 161 
ILE OXT  O N N 162 
ILE H    H N N 163 
ILE H2   H N N 164 
ILE HA   H N N 165 
ILE HB   H N N 166 
ILE HG12 H N N 167 
ILE HG13 H N N 168 
ILE HG21 H N N 169 
ILE HG22 H N N 170 
ILE HG23 H N N 171 
ILE HD11 H N N 172 
ILE HD12 H N N 173 
ILE HD13 H N N 174 
ILE HXT  H N N 175 
LEU N    N N N 176 
LEU CA   C N S 177 
LEU C    C N N 178 
LEU O    O N N 179 
LEU CB   C N N 180 
LEU CG   C N N 181 
LEU CD1  C N N 182 
LEU CD2  C N N 183 
LEU OXT  O N N 184 
LEU H    H N N 185 
LEU H2   H N N 186 
LEU HA   H N N 187 
LEU HB2  H N N 188 
LEU HB3  H N N 189 
LEU HG   H N N 190 
LEU HD11 H N N 191 
LEU HD12 H N N 192 
LEU HD13 H N N 193 
LEU HD21 H N N 194 
LEU HD22 H N N 195 
LEU HD23 H N N 196 
LEU HXT  H N N 197 
LYS N    N N N 198 
LYS CA   C N S 199 
LYS C    C N N 200 
LYS O    O N N 201 
LYS CB   C N N 202 
LYS CG   C N N 203 
LYS CD   C N N 204 
LYS CE   C N N 205 
LYS NZ   N N N 206 
LYS OXT  O N N 207 
LYS H    H N N 208 
LYS H2   H N N 209 
LYS HA   H N N 210 
LYS HB2  H N N 211 
LYS HB3  H N N 212 
LYS HG2  H N N 213 
LYS HG3  H N N 214 
LYS HD2  H N N 215 
LYS HD3  H N N 216 
LYS HE2  H N N 217 
LYS HE3  H N N 218 
LYS HZ1  H N N 219 
LYS HZ2  H N N 220 
LYS HZ3  H N N 221 
LYS HXT  H N N 222 
MET N    N N N 223 
MET CA   C N S 224 
MET C    C N N 225 
MET O    O N N 226 
MET CB   C N N 227 
MET CG   C N N 228 
MET SD   S N N 229 
MET CE   C N N 230 
MET OXT  O N N 231 
MET H    H N N 232 
MET H2   H N N 233 
MET HA   H N N 234 
MET HB2  H N N 235 
MET HB3  H N N 236 
MET HG2  H N N 237 
MET HG3  H N N 238 
MET HE1  H N N 239 
MET HE2  H N N 240 
MET HE3  H N N 241 
MET HXT  H N N 242 
PHE N    N N N 243 
PHE CA   C N S 244 
PHE C    C N N 245 
PHE O    O N N 246 
PHE CB   C N N 247 
PHE CG   C Y N 248 
PHE CD1  C Y N 249 
PHE CD2  C Y N 250 
PHE CE1  C Y N 251 
PHE CE2  C Y N 252 
PHE CZ   C Y N 253 
PHE OXT  O N N 254 
PHE H    H N N 255 
PHE H2   H N N 256 
PHE HA   H N N 257 
PHE HB2  H N N 258 
PHE HB3  H N N 259 
PHE HD1  H N N 260 
PHE HD2  H N N 261 
PHE HE1  H N N 262 
PHE HE2  H N N 263 
PHE HZ   H N N 264 
PHE HXT  H N N 265 
PRO N    N N N 266 
PRO CA   C N S 267 
PRO C    C N N 268 
PRO O    O N N 269 
PRO CB   C N N 270 
PRO CG   C N N 271 
PRO CD   C N N 272 
PRO OXT  O N N 273 
PRO H    H N N 274 
PRO HA   H N N 275 
PRO HB2  H N N 276 
PRO HB3  H N N 277 
PRO HG2  H N N 278 
PRO HG3  H N N 279 
PRO HD2  H N N 280 
PRO HD3  H N N 281 
PRO HXT  H N N 282 
SER N    N N N 283 
SER CA   C N S 284 
SER C    C N N 285 
SER O    O N N 286 
SER CB   C N N 287 
SER OG   O N N 288 
SER OXT  O N N 289 
SER H    H N N 290 
SER H2   H N N 291 
SER HA   H N N 292 
SER HB2  H N N 293 
SER HB3  H N N 294 
SER HG   H N N 295 
SER HXT  H N N 296 
THR N    N N N 297 
THR CA   C N S 298 
THR C    C N N 299 
THR O    O N N 300 
THR CB   C N R 301 
THR OG1  O N N 302 
THR CG2  C N N 303 
THR OXT  O N N 304 
THR H    H N N 305 
THR H2   H N N 306 
THR HA   H N N 307 
THR HB   H N N 308 
THR HG1  H N N 309 
THR HG21 H N N 310 
THR HG22 H N N 311 
THR HG23 H N N 312 
THR HXT  H N N 313 
TRP N    N N N 314 
TRP CA   C N S 315 
TRP C    C N N 316 
TRP O    O N N 317 
TRP CB   C N N 318 
TRP CG   C Y N 319 
TRP CD1  C Y N 320 
TRP CD2  C Y N 321 
TRP NE1  N Y N 322 
TRP CE2  C Y N 323 
TRP CE3  C Y N 324 
TRP CZ2  C Y N 325 
TRP CZ3  C Y N 326 
TRP CH2  C Y N 327 
TRP OXT  O N N 328 
TRP H    H N N 329 
TRP H2   H N N 330 
TRP HA   H N N 331 
TRP HB2  H N N 332 
TRP HB3  H N N 333 
TRP HD1  H N N 334 
TRP HE1  H N N 335 
TRP HE3  H N N 336 
TRP HZ2  H N N 337 
TRP HZ3  H N N 338 
TRP HH2  H N N 339 
TRP HXT  H N N 340 
TYR N    N N N 341 
TYR CA   C N S 342 
TYR C    C N N 343 
TYR O    O N N 344 
TYR CB   C N N 345 
TYR CG   C Y N 346 
TYR CD1  C Y N 347 
TYR CD2  C Y N 348 
TYR CE1  C Y N 349 
TYR CE2  C Y N 350 
TYR CZ   C Y N 351 
TYR OH   O N N 352 
TYR OXT  O N N 353 
TYR H    H N N 354 
TYR H2   H N N 355 
TYR HA   H N N 356 
TYR HB2  H N N 357 
TYR HB3  H N N 358 
TYR HD1  H N N 359 
TYR HD2  H N N 360 
TYR HE1  H N N 361 
TYR HE2  H N N 362 
TYR HH   H N N 363 
TYR HXT  H N N 364 
VAL N    N N N 365 
VAL CA   C N S 366 
VAL C    C N N 367 
VAL O    O N N 368 
VAL CB   C N N 369 
VAL CG1  C N N 370 
VAL CG2  C N N 371 
VAL OXT  O N N 372 
VAL H    H N N 373 
VAL H2   H N N 374 
VAL HA   H N N 375 
VAL HB   H N N 376 
VAL HG11 H N N 377 
VAL HG12 H N N 378 
VAL HG13 H N N 379 
VAL HG21 H N N 380 
VAL HG22 H N N 381 
VAL HG23 H N N 382 
VAL HXT  H N N 383 
# 
loop_
_chem_comp_bond.comp_id 
_chem_comp_bond.atom_id_1 
_chem_comp_bond.atom_id_2 
_chem_comp_bond.value_order 
_chem_comp_bond.pdbx_aromatic_flag 
_chem_comp_bond.pdbx_stereo_config 
_chem_comp_bond.pdbx_ordinal 
ALA N   CA   sing N N 1   
ALA N   H    sing N N 2   
ALA N   H2   sing N N 3   
ALA CA  C    sing N N 4   
ALA CA  CB   sing N N 5   
ALA CA  HA   sing N N 6   
ALA C   O    doub N N 7   
ALA C   OXT  sing N N 8   
ALA CB  HB1  sing N N 9   
ALA CB  HB2  sing N N 10  
ALA CB  HB3  sing N N 11  
ALA OXT HXT  sing N N 12  
ARG N   CA   sing N N 13  
ARG N   H    sing N N 14  
ARG N   H2   sing N N 15  
ARG CA  C    sing N N 16  
ARG CA  CB   sing N N 17  
ARG CA  HA   sing N N 18  
ARG C   O    doub N N 19  
ARG C   OXT  sing N N 20  
ARG CB  CG   sing N N 21  
ARG CB  HB2  sing N N 22  
ARG CB  HB3  sing N N 23  
ARG CG  CD   sing N N 24  
ARG CG  HG2  sing N N 25  
ARG CG  HG3  sing N N 26  
ARG CD  NE   sing N N 27  
ARG CD  HD2  sing N N 28  
ARG CD  HD3  sing N N 29  
ARG NE  CZ   sing N N 30  
ARG NE  HE   sing N N 31  
ARG CZ  NH1  sing N N 32  
ARG CZ  NH2  doub N N 33  
ARG NH1 HH11 sing N N 34  
ARG NH1 HH12 sing N N 35  
ARG NH2 HH21 sing N N 36  
ARG NH2 HH22 sing N N 37  
ARG OXT HXT  sing N N 38  
ASP N   CA   sing N N 39  
ASP N   H    sing N N 40  
ASP N   H2   sing N N 41  
ASP CA  C    sing N N 42  
ASP CA  CB   sing N N 43  
ASP CA  HA   sing N N 44  
ASP C   O    doub N N 45  
ASP C   OXT  sing N N 46  
ASP CB  CG   sing N N 47  
ASP CB  HB2  sing N N 48  
ASP CB  HB3  sing N N 49  
ASP CG  OD1  doub N N 50  
ASP CG  OD2  sing N N 51  
ASP OD2 HD2  sing N N 52  
ASP OXT HXT  sing N N 53  
BCN N1  C1   sing N N 54  
BCN N1  C3   sing N N 55  
BCN N1  C5   sing N N 56  
BCN C1  C2   sing N N 57  
BCN C1  H11  sing N N 58  
BCN C1  H12  sing N N 59  
BCN C2  O21  doub N N 60  
BCN C2  O22  sing N N 61  
BCN O22 HO2  sing N N 62  
BCN C3  C4   sing N N 63  
BCN C3  H31  sing N N 64  
BCN C3  H32  sing N N 65  
BCN C4  O4   sing N N 66  
BCN C4  H41  sing N N 67  
BCN C4  H42  sing N N 68  
BCN O4  HO4  sing N N 69  
BCN C5  C6   sing N N 70  
BCN C5  H51  sing N N 71  
BCN C5  H52  sing N N 72  
BCN C6  O6   sing N N 73  
BCN C6  H61  sing N N 74  
BCN C6  H62  sing N N 75  
BCN O6  HO6  sing N N 76  
GLN N   CA   sing N N 77  
GLN N   H    sing N N 78  
GLN N   H2   sing N N 79  
GLN CA  C    sing N N 80  
GLN CA  CB   sing N N 81  
GLN CA  HA   sing N N 82  
GLN C   O    doub N N 83  
GLN C   OXT  sing N N 84  
GLN CB  CG   sing N N 85  
GLN CB  HB2  sing N N 86  
GLN CB  HB3  sing N N 87  
GLN CG  CD   sing N N 88  
GLN CG  HG2  sing N N 89  
GLN CG  HG3  sing N N 90  
GLN CD  OE1  doub N N 91  
GLN CD  NE2  sing N N 92  
GLN NE2 HE21 sing N N 93  
GLN NE2 HE22 sing N N 94  
GLN OXT HXT  sing N N 95  
GLU N   CA   sing N N 96  
GLU N   H    sing N N 97  
GLU N   H2   sing N N 98  
GLU CA  C    sing N N 99  
GLU CA  CB   sing N N 100 
GLU CA  HA   sing N N 101 
GLU C   O    doub N N 102 
GLU C   OXT  sing N N 103 
GLU CB  CG   sing N N 104 
GLU CB  HB2  sing N N 105 
GLU CB  HB3  sing N N 106 
GLU CG  CD   sing N N 107 
GLU CG  HG2  sing N N 108 
GLU CG  HG3  sing N N 109 
GLU CD  OE1  doub N N 110 
GLU CD  OE2  sing N N 111 
GLU OE2 HE2  sing N N 112 
GLU OXT HXT  sing N N 113 
GLY N   CA   sing N N 114 
GLY N   H    sing N N 115 
GLY N   H2   sing N N 116 
GLY CA  C    sing N N 117 
GLY CA  HA2  sing N N 118 
GLY CA  HA3  sing N N 119 
GLY C   O    doub N N 120 
GLY C   OXT  sing N N 121 
GLY OXT HXT  sing N N 122 
HIS N   CA   sing N N 123 
HIS N   H    sing N N 124 
HIS N   H2   sing N N 125 
HIS CA  C    sing N N 126 
HIS CA  CB   sing N N 127 
HIS CA  HA   sing N N 128 
HIS C   O    doub N N 129 
HIS C   OXT  sing N N 130 
HIS CB  CG   sing N N 131 
HIS CB  HB2  sing N N 132 
HIS CB  HB3  sing N N 133 
HIS CG  ND1  sing Y N 134 
HIS CG  CD2  doub Y N 135 
HIS ND1 CE1  doub Y N 136 
HIS ND1 HD1  sing N N 137 
HIS CD2 NE2  sing Y N 138 
HIS CD2 HD2  sing N N 139 
HIS CE1 NE2  sing Y N 140 
HIS CE1 HE1  sing N N 141 
HIS NE2 HE2  sing N N 142 
HIS OXT HXT  sing N N 143 
HOH O   H1   sing N N 144 
HOH O   H2   sing N N 145 
ILE N   CA   sing N N 146 
ILE N   H    sing N N 147 
ILE N   H2   sing N N 148 
ILE CA  C    sing N N 149 
ILE CA  CB   sing N N 150 
ILE CA  HA   sing N N 151 
ILE C   O    doub N N 152 
ILE C   OXT  sing N N 153 
ILE CB  CG1  sing N N 154 
ILE CB  CG2  sing N N 155 
ILE CB  HB   sing N N 156 
ILE CG1 CD1  sing N N 157 
ILE CG1 HG12 sing N N 158 
ILE CG1 HG13 sing N N 159 
ILE CG2 HG21 sing N N 160 
ILE CG2 HG22 sing N N 161 
ILE CG2 HG23 sing N N 162 
ILE CD1 HD11 sing N N 163 
ILE CD1 HD12 sing N N 164 
ILE CD1 HD13 sing N N 165 
ILE OXT HXT  sing N N 166 
LEU N   CA   sing N N 167 
LEU N   H    sing N N 168 
LEU N   H2   sing N N 169 
LEU CA  C    sing N N 170 
LEU CA  CB   sing N N 171 
LEU CA  HA   sing N N 172 
LEU C   O    doub N N 173 
LEU C   OXT  sing N N 174 
LEU CB  CG   sing N N 175 
LEU CB  HB2  sing N N 176 
LEU CB  HB3  sing N N 177 
LEU CG  CD1  sing N N 178 
LEU CG  CD2  sing N N 179 
LEU CG  HG   sing N N 180 
LEU CD1 HD11 sing N N 181 
LEU CD1 HD12 sing N N 182 
LEU CD1 HD13 sing N N 183 
LEU CD2 HD21 sing N N 184 
LEU CD2 HD22 sing N N 185 
LEU CD2 HD23 sing N N 186 
LEU OXT HXT  sing N N 187 
LYS N   CA   sing N N 188 
LYS N   H    sing N N 189 
LYS N   H2   sing N N 190 
LYS CA  C    sing N N 191 
LYS CA  CB   sing N N 192 
LYS CA  HA   sing N N 193 
LYS C   O    doub N N 194 
LYS C   OXT  sing N N 195 
LYS CB  CG   sing N N 196 
LYS CB  HB2  sing N N 197 
LYS CB  HB3  sing N N 198 
LYS CG  CD   sing N N 199 
LYS CG  HG2  sing N N 200 
LYS CG  HG3  sing N N 201 
LYS CD  CE   sing N N 202 
LYS CD  HD2  sing N N 203 
LYS CD  HD3  sing N N 204 
LYS CE  NZ   sing N N 205 
LYS CE  HE2  sing N N 206 
LYS CE  HE3  sing N N 207 
LYS NZ  HZ1  sing N N 208 
LYS NZ  HZ2  sing N N 209 
LYS NZ  HZ3  sing N N 210 
LYS OXT HXT  sing N N 211 
MET N   CA   sing N N 212 
MET N   H    sing N N 213 
MET N   H2   sing N N 214 
MET CA  C    sing N N 215 
MET CA  CB   sing N N 216 
MET CA  HA   sing N N 217 
MET C   O    doub N N 218 
MET C   OXT  sing N N 219 
MET CB  CG   sing N N 220 
MET CB  HB2  sing N N 221 
MET CB  HB3  sing N N 222 
MET CG  SD   sing N N 223 
MET CG  HG2  sing N N 224 
MET CG  HG3  sing N N 225 
MET SD  CE   sing N N 226 
MET CE  HE1  sing N N 227 
MET CE  HE2  sing N N 228 
MET CE  HE3  sing N N 229 
MET OXT HXT  sing N N 230 
PHE N   CA   sing N N 231 
PHE N   H    sing N N 232 
PHE N   H2   sing N N 233 
PHE CA  C    sing N N 234 
PHE CA  CB   sing N N 235 
PHE CA  HA   sing N N 236 
PHE C   O    doub N N 237 
PHE C   OXT  sing N N 238 
PHE CB  CG   sing N N 239 
PHE CB  HB2  sing N N 240 
PHE CB  HB3  sing N N 241 
PHE CG  CD1  doub Y N 242 
PHE CG  CD2  sing Y N 243 
PHE CD1 CE1  sing Y N 244 
PHE CD1 HD1  sing N N 245 
PHE CD2 CE2  doub Y N 246 
PHE CD2 HD2  sing N N 247 
PHE CE1 CZ   doub Y N 248 
PHE CE1 HE1  sing N N 249 
PHE CE2 CZ   sing Y N 250 
PHE CE2 HE2  sing N N 251 
PHE CZ  HZ   sing N N 252 
PHE OXT HXT  sing N N 253 
PRO N   CA   sing N N 254 
PRO N   CD   sing N N 255 
PRO N   H    sing N N 256 
PRO CA  C    sing N N 257 
PRO CA  CB   sing N N 258 
PRO CA  HA   sing N N 259 
PRO C   O    doub N N 260 
PRO C   OXT  sing N N 261 
PRO CB  CG   sing N N 262 
PRO CB  HB2  sing N N 263 
PRO CB  HB3  sing N N 264 
PRO CG  CD   sing N N 265 
PRO CG  HG2  sing N N 266 
PRO CG  HG3  sing N N 267 
PRO CD  HD2  sing N N 268 
PRO CD  HD3  sing N N 269 
PRO OXT HXT  sing N N 270 
SER N   CA   sing N N 271 
SER N   H    sing N N 272 
SER N   H2   sing N N 273 
SER CA  C    sing N N 274 
SER CA  CB   sing N N 275 
SER CA  HA   sing N N 276 
SER C   O    doub N N 277 
SER C   OXT  sing N N 278 
SER CB  OG   sing N N 279 
SER CB  HB2  sing N N 280 
SER CB  HB3  sing N N 281 
SER OG  HG   sing N N 282 
SER OXT HXT  sing N N 283 
THR N   CA   sing N N 284 
THR N   H    sing N N 285 
THR N   H2   sing N N 286 
THR CA  C    sing N N 287 
THR CA  CB   sing N N 288 
THR CA  HA   sing N N 289 
THR C   O    doub N N 290 
THR C   OXT  sing N N 291 
THR CB  OG1  sing N N 292 
THR CB  CG2  sing N N 293 
THR CB  HB   sing N N 294 
THR OG1 HG1  sing N N 295 
THR CG2 HG21 sing N N 296 
THR CG2 HG22 sing N N 297 
THR CG2 HG23 sing N N 298 
THR OXT HXT  sing N N 299 
TRP N   CA   sing N N 300 
TRP N   H    sing N N 301 
TRP N   H2   sing N N 302 
TRP CA  C    sing N N 303 
TRP CA  CB   sing N N 304 
TRP CA  HA   sing N N 305 
TRP C   O    doub N N 306 
TRP C   OXT  sing N N 307 
TRP CB  CG   sing N N 308 
TRP CB  HB2  sing N N 309 
TRP CB  HB3  sing N N 310 
TRP CG  CD1  doub Y N 311 
TRP CG  CD2  sing Y N 312 
TRP CD1 NE1  sing Y N 313 
TRP CD1 HD1  sing N N 314 
TRP CD2 CE2  doub Y N 315 
TRP CD2 CE3  sing Y N 316 
TRP NE1 CE2  sing Y N 317 
TRP NE1 HE1  sing N N 318 
TRP CE2 CZ2  sing Y N 319 
TRP CE3 CZ3  doub Y N 320 
TRP CE3 HE3  sing N N 321 
TRP CZ2 CH2  doub Y N 322 
TRP CZ2 HZ2  sing N N 323 
TRP CZ3 CH2  sing Y N 324 
TRP CZ3 HZ3  sing N N 325 
TRP CH2 HH2  sing N N 326 
TRP OXT HXT  sing N N 327 
TYR N   CA   sing N N 328 
TYR N   H    sing N N 329 
TYR N   H2   sing N N 330 
TYR CA  C    sing N N 331 
TYR CA  CB   sing N N 332 
TYR CA  HA   sing N N 333 
TYR C   O    doub N N 334 
TYR C   OXT  sing N N 335 
TYR CB  CG   sing N N 336 
TYR CB  HB2  sing N N 337 
TYR CB  HB3  sing N N 338 
TYR CG  CD1  doub Y N 339 
TYR CG  CD2  sing Y N 340 
TYR CD1 CE1  sing Y N 341 
TYR CD1 HD1  sing N N 342 
TYR CD2 CE2  doub Y N 343 
TYR CD2 HD2  sing N N 344 
TYR CE1 CZ   doub Y N 345 
TYR CE1 HE1  sing N N 346 
TYR CE2 CZ   sing Y N 347 
TYR CE2 HE2  sing N N 348 
TYR CZ  OH   sing N N 349 
TYR OH  HH   sing N N 350 
TYR OXT HXT  sing N N 351 
VAL N   CA   sing N N 352 
VAL N   H    sing N N 353 
VAL N   H2   sing N N 354 
VAL CA  C    sing N N 355 
VAL CA  CB   sing N N 356 
VAL CA  HA   sing N N 357 
VAL C   O    doub N N 358 
VAL C   OXT  sing N N 359 
VAL CB  CG1  sing N N 360 
VAL CB  CG2  sing N N 361 
VAL CB  HB   sing N N 362 
VAL CG1 HG11 sing N N 363 
VAL CG1 HG12 sing N N 364 
VAL CG1 HG13 sing N N 365 
VAL CG2 HG21 sing N N 366 
VAL CG2 HG22 sing N N 367 
VAL CG2 HG23 sing N N 368 
VAL OXT HXT  sing N N 369 
# 
loop_
_pdbx_entity_nonpoly.entity_id 
_pdbx_entity_nonpoly.name 
_pdbx_entity_nonpoly.comp_id 
2 BICINE BCN 
3 water  HOH 
# 
_pdbx_initial_refinement_model.id               1 
_pdbx_initial_refinement_model.entity_id_list   ? 
_pdbx_initial_refinement_model.type             'experimental model' 
_pdbx_initial_refinement_model.source_name      PDB 
_pdbx_initial_refinement_model.accession_code   3GWM 
_pdbx_initial_refinement_model.details          'PDB ENTRY 3GWM' 
# 
